data_3BD2
# 
_entry.id   3BD2 
# 
_audit_conform.dict_name       mmcif_pdbx.dic 
_audit_conform.dict_version    5.397 
_audit_conform.dict_location   http://mmcif.pdb.org/dictionaries/ascii/mmcif_pdbx.dic 
# 
loop_
_database_2.database_id 
_database_2.database_code 
_database_2.pdbx_database_accession 
_database_2.pdbx_DOI 
PDB   3BD2         pdb_00003bd2 10.2210/pdb3bd2/pdb 
RCSB  RCSB045369   ?            ?                   
WWPDB D_1000045369 ?            ?                   
# 
loop_
_pdbx_audit_revision_history.ordinal 
_pdbx_audit_revision_history.data_content_type 
_pdbx_audit_revision_history.major_revision 
_pdbx_audit_revision_history.minor_revision 
_pdbx_audit_revision_history.revision_date 
1 'Structure model' 1 0 2007-12-11 
2 'Structure model' 1 1 2011-07-13 
3 'Structure model' 1 2 2017-10-25 
4 'Structure model' 1 3 2021-11-10 
5 'Structure model' 1 4 2023-11-01 
6 'Structure model' 1 5 2024-10-09 
# 
_pdbx_audit_revision_details.ordinal             1 
_pdbx_audit_revision_details.revision_ordinal    1 
_pdbx_audit_revision_details.data_content_type   'Structure model' 
_pdbx_audit_revision_details.provider            repository 
_pdbx_audit_revision_details.type                'Initial release' 
_pdbx_audit_revision_details.description         ? 
_pdbx_audit_revision_details.details             ? 
# 
loop_
_pdbx_audit_revision_group.ordinal 
_pdbx_audit_revision_group.revision_ordinal 
_pdbx_audit_revision_group.data_content_type 
_pdbx_audit_revision_group.group 
1 2 'Structure model' 'Version format compliance' 
2 3 'Structure model' 'Refinement description'    
3 4 'Structure model' 'Database references'       
4 5 'Structure model' 'Data collection'           
5 5 'Structure model' 'Refinement description'    
6 6 'Structure model' 'Structure summary'         
# 
loop_
_pdbx_audit_revision_category.ordinal 
_pdbx_audit_revision_category.revision_ordinal 
_pdbx_audit_revision_category.data_content_type 
_pdbx_audit_revision_category.category 
1 3 'Structure model' software                      
2 4 'Structure model' database_2                    
3 4 'Structure model' struct_ref_seq_dif            
4 5 'Structure model' chem_comp_atom                
5 5 'Structure model' chem_comp_bond                
6 5 'Structure model' pdbx_initial_refinement_model 
7 6 'Structure model' pdbx_entry_details            
8 6 'Structure model' pdbx_modification_feature     
# 
loop_
_pdbx_audit_revision_item.ordinal 
_pdbx_audit_revision_item.revision_ordinal 
_pdbx_audit_revision_item.data_content_type 
_pdbx_audit_revision_item.item 
1  3 'Structure model' '_software.classification'            
2  3 'Structure model' '_software.contact_author'            
3  3 'Structure model' '_software.contact_author_email'      
4  3 'Structure model' '_software.date'                      
5  3 'Structure model' '_software.language'                  
6  3 'Structure model' '_software.location'                  
7  3 'Structure model' '_software.name'                      
8  3 'Structure model' '_software.type'                      
9  3 'Structure model' '_software.version'                   
10 4 'Structure model' '_database_2.pdbx_DOI'                
11 4 'Structure model' '_database_2.pdbx_database_accession' 
12 4 'Structure model' '_struct_ref_seq_dif.details'         
# 
_pdbx_database_status.entry_id                        3BD2 
_pdbx_database_status.deposit_site                    RCSB 
_pdbx_database_status.process_site                    PDBJ 
_pdbx_database_status.recvd_initial_deposition_date   2007-11-13 
_pdbx_database_status.status_code                     REL 
_pdbx_database_status.status_code_sf                  REL 
_pdbx_database_status.status_code_mr                  ? 
_pdbx_database_status.SG_entry                        ? 
_pdbx_database_status.pdb_format_compatible           Y 
_pdbx_database_status.status_code_cs                  ? 
_pdbx_database_status.methods_development_category    ? 
_pdbx_database_status.status_code_nmr_data            ? 
# 
loop_
_pdbx_database_related.db_name 
_pdbx_database_related.db_id 
_pdbx_database_related.details 
_pdbx_database_related.content_type 
PDB 3bci . unspecified 
PDB 3bck . unspecified 
PDB 1bed . unspecified 
PDB 1dsb . unspecified 
# 
loop_
_audit_author.name 
_audit_author.pdbx_ordinal 
'Heras, B.'       1 
'Thony-Meyer, L.' 2 
'Martin, J.L.'    3 
# 
_citation.id                        primary 
_citation.title                     
'Staphylococcus aureus DsbA Does Not Have a Destabilizing Disulfide: A NEW PARADIGM FOR BACTERIAL OXIDATIVE FOLDING' 
_citation.journal_abbrev            J.Biol.Chem. 
_citation.journal_volume            283 
_citation.page_first                4261 
_citation.page_last                 4271 
_citation.year                      2008 
_citation.journal_id_ASTM           JBCHA3 
_citation.country                   US 
_citation.journal_id_ISSN           0021-9258 
_citation.journal_id_CSD            0071 
_citation.book_publisher            ? 
_citation.pdbx_database_id_PubMed   18077463 
_citation.pdbx_database_id_DOI      10.1074/jbc.M707838200 
# 
loop_
_citation_author.citation_id 
_citation_author.name 
_citation_author.ordinal 
_citation_author.identifier_ORCID 
primary 'Heras, B.'       1  ? 
primary 'Kurz, M.'        2  ? 
primary 'Jarrott, R.'     3  ? 
primary 'Shouldice, S.R.' 4  ? 
primary 'Frei, P.'        5  ? 
primary 'Robin, G.'       6  ? 
primary 'Cemazar, M.'     7  ? 
primary 'Thony-Meyer, L.' 8  ? 
primary 'Glockshuber, R.' 9  ? 
primary 'Martin, J.L.'    10 ? 
# 
loop_
_entity.id 
_entity.type 
_entity.src_method 
_entity.pdbx_description 
_entity.formula_weight 
_entity.pdbx_number_of_molecules 
_entity.pdbx_ec 
_entity.pdbx_mutation 
_entity.pdbx_fragment 
_entity.details 
1 polymer man 'Disulfide bond protein A' 21808.994 1   ? E96Q 'residues in database 24-199' ? 
2 water   nat water                      18.015    225 ? ?    ?                             ? 
# 
_entity_name_com.entity_id   1 
_entity_name_com.name        'Thiol:disulfide oxidoreductase DsbA' 
# 
_entity_poly.entity_id                      1 
_entity_poly.type                           'polypeptide(L)' 
_entity_poly.nstd_linkage                   no 
_entity_poly.nstd_monomer                   no 
_entity_poly.pdbx_seq_one_letter_code       
;MASATTSSKNGKPLVVVYGDYKCPYCKELDEKVMPKLRKNYIDNHKVEYQFVNLAFLGKDSIVGSRASHAVLMYAPKSFL
DFQKQLFAAQQDQNKEWLTKELLDKHIKQLHLDKETENKIIKDYKTKDSKSWKAAEKDKKIAKDNHIKTTPTAFINGEKV
EDPYDYESYEKLLKDKIKLEHHHHHH
;
_entity_poly.pdbx_seq_one_letter_code_can   
;MASATTSSKNGKPLVVVYGDYKCPYCKELDEKVMPKLRKNYIDNHKVEYQFVNLAFLGKDSIVGSRASHAVLMYAPKSFL
DFQKQLFAAQQDQNKEWLTKELLDKHIKQLHLDKETENKIIKDYKTKDSKSWKAAEKDKKIAKDNHIKTTPTAFINGEKV
EDPYDYESYEKLLKDKIKLEHHHHHH
;
_entity_poly.pdbx_strand_id                 A 
_entity_poly.pdbx_target_identifier         ? 
# 
_pdbx_entity_nonpoly.entity_id   2 
_pdbx_entity_nonpoly.name        water 
_pdbx_entity_nonpoly.comp_id     HOH 
# 
loop_
_entity_poly_seq.entity_id 
_entity_poly_seq.num 
_entity_poly_seq.mon_id 
_entity_poly_seq.hetero 
1 1   MET n 
1 2   ALA n 
1 3   SER n 
1 4   ALA n 
1 5   THR n 
1 6   THR n 
1 7   SER n 
1 8   SER n 
1 9   LYS n 
1 10  ASN n 
1 11  GLY n 
1 12  LYS n 
1 13  PRO n 
1 14  LEU n 
1 15  VAL n 
1 16  VAL n 
1 17  VAL n 
1 18  TYR n 
1 19  GLY n 
1 20  ASP n 
1 21  TYR n 
1 22  LYS n 
1 23  CYS n 
1 24  PRO n 
1 25  TYR n 
1 26  CYS n 
1 27  LYS n 
1 28  GLU n 
1 29  LEU n 
1 30  ASP n 
1 31  GLU n 
1 32  LYS n 
1 33  VAL n 
1 34  MET n 
1 35  PRO n 
1 36  LYS n 
1 37  LEU n 
1 38  ARG n 
1 39  LYS n 
1 40  ASN n 
1 41  TYR n 
1 42  ILE n 
1 43  ASP n 
1 44  ASN n 
1 45  HIS n 
1 46  LYS n 
1 47  VAL n 
1 48  GLU n 
1 49  TYR n 
1 50  GLN n 
1 51  PHE n 
1 52  VAL n 
1 53  ASN n 
1 54  LEU n 
1 55  ALA n 
1 56  PHE n 
1 57  LEU n 
1 58  GLY n 
1 59  LYS n 
1 60  ASP n 
1 61  SER n 
1 62  ILE n 
1 63  VAL n 
1 64  GLY n 
1 65  SER n 
1 66  ARG n 
1 67  ALA n 
1 68  SER n 
1 69  HIS n 
1 70  ALA n 
1 71  VAL n 
1 72  LEU n 
1 73  MET n 
1 74  TYR n 
1 75  ALA n 
1 76  PRO n 
1 77  LYS n 
1 78  SER n 
1 79  PHE n 
1 80  LEU n 
1 81  ASP n 
1 82  PHE n 
1 83  GLN n 
1 84  LYS n 
1 85  GLN n 
1 86  LEU n 
1 87  PHE n 
1 88  ALA n 
1 89  ALA n 
1 90  GLN n 
1 91  GLN n 
1 92  ASP n 
1 93  GLN n 
1 94  ASN n 
1 95  LYS n 
1 96  GLU n 
1 97  TRP n 
1 98  LEU n 
1 99  THR n 
1 100 LYS n 
1 101 GLU n 
1 102 LEU n 
1 103 LEU n 
1 104 ASP n 
1 105 LYS n 
1 106 HIS n 
1 107 ILE n 
1 108 LYS n 
1 109 GLN n 
1 110 LEU n 
1 111 HIS n 
1 112 LEU n 
1 113 ASP n 
1 114 LYS n 
1 115 GLU n 
1 116 THR n 
1 117 GLU n 
1 118 ASN n 
1 119 LYS n 
1 120 ILE n 
1 121 ILE n 
1 122 LYS n 
1 123 ASP n 
1 124 TYR n 
1 125 LYS n 
1 126 THR n 
1 127 LYS n 
1 128 ASP n 
1 129 SER n 
1 130 LYS n 
1 131 SER n 
1 132 TRP n 
1 133 LYS n 
1 134 ALA n 
1 135 ALA n 
1 136 GLU n 
1 137 LYS n 
1 138 ASP n 
1 139 LYS n 
1 140 LYS n 
1 141 ILE n 
1 142 ALA n 
1 143 LYS n 
1 144 ASP n 
1 145 ASN n 
1 146 HIS n 
1 147 ILE n 
1 148 LYS n 
1 149 THR n 
1 150 THR n 
1 151 PRO n 
1 152 THR n 
1 153 ALA n 
1 154 PHE n 
1 155 ILE n 
1 156 ASN n 
1 157 GLY n 
1 158 GLU n 
1 159 LYS n 
1 160 VAL n 
1 161 GLU n 
1 162 ASP n 
1 163 PRO n 
1 164 TYR n 
1 165 ASP n 
1 166 TYR n 
1 167 GLU n 
1 168 SER n 
1 169 TYR n 
1 170 GLU n 
1 171 LYS n 
1 172 LEU n 
1 173 LEU n 
1 174 LYS n 
1 175 ASP n 
1 176 LYS n 
1 177 ILE n 
1 178 LYS n 
1 179 LEU n 
1 180 GLU n 
1 181 HIS n 
1 182 HIS n 
1 183 HIS n 
1 184 HIS n 
1 185 HIS n 
1 186 HIS n 
# 
_entity_src_gen.entity_id                          1 
_entity_src_gen.pdbx_src_id                        1 
_entity_src_gen.pdbx_alt_source_flag               sample 
_entity_src_gen.pdbx_seq_type                      ? 
_entity_src_gen.pdbx_beg_seq_num                   ? 
_entity_src_gen.pdbx_end_seq_num                   ? 
_entity_src_gen.gene_src_common_name               ? 
_entity_src_gen.gene_src_genus                     Staphylococcus 
_entity_src_gen.pdbx_gene_src_gene                 AAG41993 
_entity_src_gen.gene_src_species                   ? 
_entity_src_gen.gene_src_strain                    BB270 
_entity_src_gen.gene_src_tissue                    ? 
_entity_src_gen.gene_src_tissue_fraction           ? 
_entity_src_gen.gene_src_details                   ? 
_entity_src_gen.pdbx_gene_src_fragment             ? 
_entity_src_gen.pdbx_gene_src_scientific_name      'Staphylococcus aureus' 
_entity_src_gen.pdbx_gene_src_ncbi_taxonomy_id     1280 
_entity_src_gen.pdbx_gene_src_variant              ? 
_entity_src_gen.pdbx_gene_src_cell_line            ? 
_entity_src_gen.pdbx_gene_src_atcc                 ? 
_entity_src_gen.pdbx_gene_src_organ                ? 
_entity_src_gen.pdbx_gene_src_organelle            ? 
_entity_src_gen.pdbx_gene_src_cell                 ? 
_entity_src_gen.pdbx_gene_src_cellular_location    ? 
_entity_src_gen.host_org_common_name               ? 
_entity_src_gen.pdbx_host_org_scientific_name      'Escherichia coli' 
_entity_src_gen.pdbx_host_org_ncbi_taxonomy_id     562 
_entity_src_gen.host_org_genus                     Escherichia 
_entity_src_gen.pdbx_host_org_gene                 ? 
_entity_src_gen.pdbx_host_org_organ                ? 
_entity_src_gen.host_org_species                   ? 
_entity_src_gen.pdbx_host_org_tissue               ? 
_entity_src_gen.pdbx_host_org_tissue_fraction      ? 
_entity_src_gen.pdbx_host_org_strain               'BL21 (DE3) pLysS' 
_entity_src_gen.pdbx_host_org_variant              ? 
_entity_src_gen.pdbx_host_org_cell_line            ? 
_entity_src_gen.pdbx_host_org_atcc                 ? 
_entity_src_gen.pdbx_host_org_culture_collection   ? 
_entity_src_gen.pdbx_host_org_cell                 ? 
_entity_src_gen.pdbx_host_org_organelle            ? 
_entity_src_gen.pdbx_host_org_cellular_location    ? 
_entity_src_gen.pdbx_host_org_vector_type          plasmid 
_entity_src_gen.pdbx_host_org_vector               ? 
_entity_src_gen.host_org_details                   ? 
_entity_src_gen.expression_system_id               ? 
_entity_src_gen.plasmid_name                       pET21a 
_entity_src_gen.plasmid_details                    ? 
_entity_src_gen.pdbx_description                   ? 
# 
loop_
_chem_comp.id 
_chem_comp.type 
_chem_comp.mon_nstd_flag 
_chem_comp.name 
_chem_comp.pdbx_synonyms 
_chem_comp.formula 
_chem_comp.formula_weight 
ALA 'L-peptide linking' y ALANINE         ? 'C3 H7 N O2'     89.093  
ARG 'L-peptide linking' y ARGININE        ? 'C6 H15 N4 O2 1' 175.209 
ASN 'L-peptide linking' y ASPARAGINE      ? 'C4 H8 N2 O3'    132.118 
ASP 'L-peptide linking' y 'ASPARTIC ACID' ? 'C4 H7 N O4'     133.103 
CYS 'L-peptide linking' y CYSTEINE        ? 'C3 H7 N O2 S'   121.158 
GLN 'L-peptide linking' y GLUTAMINE       ? 'C5 H10 N2 O3'   146.144 
GLU 'L-peptide linking' y 'GLUTAMIC ACID' ? 'C5 H9 N O4'     147.129 
GLY 'peptide linking'   y GLYCINE         ? 'C2 H5 N O2'     75.067  
HIS 'L-peptide linking' y HISTIDINE       ? 'C6 H10 N3 O2 1' 156.162 
HOH non-polymer         . WATER           ? 'H2 O'           18.015  
ILE 'L-peptide linking' y ISOLEUCINE      ? 'C6 H13 N O2'    131.173 
LEU 'L-peptide linking' y LEUCINE         ? 'C6 H13 N O2'    131.173 
LYS 'L-peptide linking' y LYSINE          ? 'C6 H15 N2 O2 1' 147.195 
MET 'L-peptide linking' y METHIONINE      ? 'C5 H11 N O2 S'  149.211 
PHE 'L-peptide linking' y PHENYLALANINE   ? 'C9 H11 N O2'    165.189 
PRO 'L-peptide linking' y PROLINE         ? 'C5 H9 N O2'     115.130 
SER 'L-peptide linking' y SERINE          ? 'C3 H7 N O3'     105.093 
THR 'L-peptide linking' y THREONINE       ? 'C4 H9 N O3'     119.119 
TRP 'L-peptide linking' y TRYPTOPHAN      ? 'C11 H12 N2 O2'  204.225 
TYR 'L-peptide linking' y TYROSINE        ? 'C9 H11 N O3'    181.189 
VAL 'L-peptide linking' y VALINE          ? 'C5 H11 N O2'    117.146 
# 
loop_
_pdbx_poly_seq_scheme.asym_id 
_pdbx_poly_seq_scheme.entity_id 
_pdbx_poly_seq_scheme.seq_id 
_pdbx_poly_seq_scheme.mon_id 
_pdbx_poly_seq_scheme.ndb_seq_num 
_pdbx_poly_seq_scheme.pdb_seq_num 
_pdbx_poly_seq_scheme.auth_seq_num 
_pdbx_poly_seq_scheme.pdb_mon_id 
_pdbx_poly_seq_scheme.auth_mon_id 
_pdbx_poly_seq_scheme.pdb_strand_id 
_pdbx_poly_seq_scheme.pdb_ins_code 
_pdbx_poly_seq_scheme.hetero 
A 1 1   MET 1   4   ?   ?   ?   A . n 
A 1 2   ALA 2   5   ?   ?   ?   A . n 
A 1 3   SER 3   6   ?   ?   ?   A . n 
A 1 4   ALA 4   7   ?   ?   ?   A . n 
A 1 5   THR 5   8   ?   ?   ?   A . n 
A 1 6   THR 6   9   ?   ?   ?   A . n 
A 1 7   SER 7   10  ?   ?   ?   A . n 
A 1 8   SER 8   11  ?   ?   ?   A . n 
A 1 9   LYS 9   12  ?   ?   ?   A . n 
A 1 10  ASN 10  13  ?   ?   ?   A . n 
A 1 11  GLY 11  14  14  GLY GLY A . n 
A 1 12  LYS 12  15  15  LYS LYS A . n 
A 1 13  PRO 13  16  16  PRO PRO A . n 
A 1 14  LEU 14  17  17  LEU LEU A . n 
A 1 15  VAL 15  18  18  VAL VAL A . n 
A 1 16  VAL 16  19  19  VAL VAL A . n 
A 1 17  VAL 17  20  20  VAL VAL A . n 
A 1 18  TYR 18  21  21  TYR TYR A . n 
A 1 19  GLY 19  22  22  GLY GLY A . n 
A 1 20  ASP 20  23  23  ASP ASP A . n 
A 1 21  TYR 21  24  24  TYR TYR A . n 
A 1 22  LYS 22  25  25  LYS LYS A . n 
A 1 23  CYS 23  26  26  CYS CYS A . n 
A 1 24  PRO 24  27  27  PRO PRO A . n 
A 1 25  TYR 25  28  28  TYR TYR A . n 
A 1 26  CYS 26  29  29  CYS CYS A . n 
A 1 27  LYS 27  30  30  LYS LYS A . n 
A 1 28  GLU 28  31  31  GLU GLU A . n 
A 1 29  LEU 29  32  32  LEU LEU A . n 
A 1 30  ASP 30  33  33  ASP ASP A . n 
A 1 31  GLU 31  34  34  GLU GLU A . n 
A 1 32  LYS 32  35  35  LYS LYS A . n 
A 1 33  VAL 33  36  36  VAL VAL A . n 
A 1 34  MET 34  37  37  MET MET A . n 
A 1 35  PRO 35  38  38  PRO PRO A . n 
A 1 36  LYS 36  39  39  LYS LYS A . n 
A 1 37  LEU 37  40  40  LEU LEU A . n 
A 1 38  ARG 38  41  41  ARG ARG A . n 
A 1 39  LYS 39  42  42  LYS LYS A . n 
A 1 40  ASN 40  43  43  ASN ASN A . n 
A 1 41  TYR 41  44  44  TYR TYR A . n 
A 1 42  ILE 42  45  45  ILE ILE A . n 
A 1 43  ASP 43  46  46  ASP ASP A . n 
A 1 44  ASN 44  47  47  ASN ASN A . n 
A 1 45  HIS 45  48  48  HIS HIS A . n 
A 1 46  LYS 46  49  49  LYS LYS A . n 
A 1 47  VAL 47  50  50  VAL VAL A . n 
A 1 48  GLU 48  51  51  GLU GLU A . n 
A 1 49  TYR 49  52  52  TYR TYR A . n 
A 1 50  GLN 50  53  53  GLN GLN A . n 
A 1 51  PHE 51  54  54  PHE PHE A . n 
A 1 52  VAL 52  55  55  VAL VAL A . n 
A 1 53  ASN 53  56  56  ASN ASN A . n 
A 1 54  LEU 54  57  57  LEU LEU A . n 
A 1 55  ALA 55  58  58  ALA ALA A . n 
A 1 56  PHE 56  59  59  PHE PHE A . n 
A 1 57  LEU 57  60  60  LEU LEU A . n 
A 1 58  GLY 58  61  61  GLY GLY A . n 
A 1 59  LYS 59  62  62  LYS LYS A . n 
A 1 60  ASP 60  63  63  ASP ASP A . n 
A 1 61  SER 61  64  64  SER SER A . n 
A 1 62  ILE 62  65  65  ILE ILE A . n 
A 1 63  VAL 63  66  66  VAL VAL A . n 
A 1 64  GLY 64  67  67  GLY GLY A . n 
A 1 65  SER 65  68  68  SER SER A . n 
A 1 66  ARG 66  69  69  ARG ARG A . n 
A 1 67  ALA 67  70  70  ALA ALA A . n 
A 1 68  SER 68  71  71  SER SER A . n 
A 1 69  HIS 69  72  72  HIS HIS A . n 
A 1 70  ALA 70  73  73  ALA ALA A . n 
A 1 71  VAL 71  74  74  VAL VAL A . n 
A 1 72  LEU 72  75  75  LEU LEU A . n 
A 1 73  MET 73  76  76  MET MET A . n 
A 1 74  TYR 74  77  77  TYR TYR A . n 
A 1 75  ALA 75  78  78  ALA ALA A . n 
A 1 76  PRO 76  79  79  PRO PRO A . n 
A 1 77  LYS 77  80  80  LYS LYS A . n 
A 1 78  SER 78  81  81  SER SER A . n 
A 1 79  PHE 79  82  82  PHE PHE A . n 
A 1 80  LEU 80  83  83  LEU LEU A . n 
A 1 81  ASP 81  84  84  ASP ASP A . n 
A 1 82  PHE 82  85  85  PHE PHE A . n 
A 1 83  GLN 83  86  86  GLN GLN A . n 
A 1 84  LYS 84  87  87  LYS LYS A . n 
A 1 85  GLN 85  88  88  GLN GLN A . n 
A 1 86  LEU 86  89  89  LEU LEU A . n 
A 1 87  PHE 87  90  90  PHE PHE A . n 
A 1 88  ALA 88  91  91  ALA ALA A . n 
A 1 89  ALA 89  92  92  ALA ALA A . n 
A 1 90  GLN 90  93  93  GLN GLN A . n 
A 1 91  GLN 91  94  94  GLN GLN A . n 
A 1 92  ASP 92  95  95  ASP ASP A . n 
A 1 93  GLN 93  96  96  GLN GLN A . n 
A 1 94  ASN 94  97  97  ASN ASN A . n 
A 1 95  LYS 95  98  98  LYS LYS A . n 
A 1 96  GLU 96  99  99  GLU GLU A . n 
A 1 97  TRP 97  100 100 TRP TRP A . n 
A 1 98  LEU 98  101 101 LEU LEU A . n 
A 1 99  THR 99  102 102 THR THR A . n 
A 1 100 LYS 100 103 103 LYS LYS A . n 
A 1 101 GLU 101 104 104 GLU GLU A . n 
A 1 102 LEU 102 105 105 LEU LEU A . n 
A 1 103 LEU 103 106 106 LEU LEU A . n 
A 1 104 ASP 104 107 107 ASP ASP A . n 
A 1 105 LYS 105 108 108 LYS LYS A . n 
A 1 106 HIS 106 109 109 HIS HIS A . n 
A 1 107 ILE 107 110 110 ILE ILE A . n 
A 1 108 LYS 108 111 111 LYS LYS A . n 
A 1 109 GLN 109 112 112 GLN GLN A . n 
A 1 110 LEU 110 113 113 LEU LEU A . n 
A 1 111 HIS 111 114 114 HIS HIS A . n 
A 1 112 LEU 112 115 115 LEU LEU A . n 
A 1 113 ASP 113 116 116 ASP ASP A . n 
A 1 114 LYS 114 117 117 LYS LYS A . n 
A 1 115 GLU 115 118 118 GLU GLU A . n 
A 1 116 THR 116 119 119 THR THR A . n 
A 1 117 GLU 117 120 120 GLU GLU A . n 
A 1 118 ASN 118 121 121 ASN ASN A . n 
A 1 119 LYS 119 122 122 LYS LYS A . n 
A 1 120 ILE 120 123 123 ILE ILE A . n 
A 1 121 ILE 121 124 124 ILE ILE A . n 
A 1 122 LYS 122 125 125 LYS LYS A . n 
A 1 123 ASP 123 126 126 ASP ASP A . n 
A 1 124 TYR 124 127 127 TYR TYR A . n 
A 1 125 LYS 125 128 128 LYS LYS A . n 
A 1 126 THR 126 129 129 THR THR A . n 
A 1 127 LYS 127 130 130 LYS LYS A . n 
A 1 128 ASP 128 131 131 ASP ASP A . n 
A 1 129 SER 129 132 132 SER SER A . n 
A 1 130 LYS 130 133 133 LYS LYS A . n 
A 1 131 SER 131 134 134 SER SER A . n 
A 1 132 TRP 132 135 135 TRP TRP A . n 
A 1 133 LYS 133 136 136 LYS LYS A . n 
A 1 134 ALA 134 137 137 ALA ALA A . n 
A 1 135 ALA 135 138 138 ALA ALA A . n 
A 1 136 GLU 136 139 139 GLU GLU A . n 
A 1 137 LYS 137 140 140 LYS LYS A . n 
A 1 138 ASP 138 141 141 ASP ASP A . n 
A 1 139 LYS 139 142 142 LYS LYS A . n 
A 1 140 LYS 140 143 143 LYS LYS A . n 
A 1 141 ILE 141 144 144 ILE ILE A . n 
A 1 142 ALA 142 145 145 ALA ALA A . n 
A 1 143 LYS 143 146 146 LYS LYS A . n 
A 1 144 ASP 144 147 147 ASP ASP A . n 
A 1 145 ASN 145 148 148 ASN ASN A . n 
A 1 146 HIS 146 149 149 HIS HIS A . n 
A 1 147 ILE 147 150 150 ILE ILE A . n 
A 1 148 LYS 148 151 151 LYS LYS A . n 
A 1 149 THR 149 152 152 THR THR A . n 
A 1 150 THR 150 153 153 THR THR A . n 
A 1 151 PRO 151 154 154 PRO PRO A . n 
A 1 152 THR 152 155 155 THR THR A . n 
A 1 153 ALA 153 156 156 ALA ALA A . n 
A 1 154 PHE 154 157 157 PHE PHE A . n 
A 1 155 ILE 155 158 158 ILE ILE A . n 
A 1 156 ASN 156 159 159 ASN ASN A . n 
A 1 157 GLY 157 160 160 GLY GLY A . n 
A 1 158 GLU 158 161 161 GLU GLU A . n 
A 1 159 LYS 159 162 162 LYS LYS A . n 
A 1 160 VAL 160 163 163 VAL VAL A . n 
A 1 161 GLU 161 164 164 GLU GLU A . n 
A 1 162 ASP 162 165 165 ASP ASP A . n 
A 1 163 PRO 163 166 166 PRO PRO A . n 
A 1 164 TYR 164 167 167 TYR TYR A . n 
A 1 165 ASP 165 168 168 ASP ASP A . n 
A 1 166 TYR 166 169 169 TYR TYR A . n 
A 1 167 GLU 167 170 170 GLU GLU A . n 
A 1 168 SER 168 171 171 SER SER A . n 
A 1 169 TYR 169 172 172 TYR TYR A . n 
A 1 170 GLU 170 173 173 GLU GLU A . n 
A 1 171 LYS 171 174 174 LYS LYS A . n 
A 1 172 LEU 172 175 175 LEU LEU A . n 
A 1 173 LEU 173 176 176 LEU LEU A . n 
A 1 174 LYS 174 177 177 LYS LYS A . n 
A 1 175 ASP 175 178 ?   ?   ?   A . n 
A 1 176 LYS 176 179 ?   ?   ?   A . n 
A 1 177 ILE 177 180 ?   ?   ?   A . n 
A 1 178 LYS 178 181 ?   ?   ?   A . n 
A 1 179 LEU 179 182 ?   ?   ?   A . n 
A 1 180 GLU 180 183 ?   ?   ?   A . n 
A 1 181 HIS 181 184 ?   ?   ?   A . n 
A 1 182 HIS 182 185 ?   ?   ?   A . n 
A 1 183 HIS 183 186 ?   ?   ?   A . n 
A 1 184 HIS 184 187 ?   ?   ?   A . n 
A 1 185 HIS 185 188 ?   ?   ?   A . n 
A 1 186 HIS 186 189 ?   ?   ?   A . n 
# 
loop_
_pdbx_nonpoly_scheme.asym_id 
_pdbx_nonpoly_scheme.entity_id 
_pdbx_nonpoly_scheme.mon_id 
_pdbx_nonpoly_scheme.ndb_seq_num 
_pdbx_nonpoly_scheme.pdb_seq_num 
_pdbx_nonpoly_scheme.auth_seq_num 
_pdbx_nonpoly_scheme.pdb_mon_id 
_pdbx_nonpoly_scheme.auth_mon_id 
_pdbx_nonpoly_scheme.pdb_strand_id 
_pdbx_nonpoly_scheme.pdb_ins_code 
B 2 HOH 1   1001 1001 HOH HOH A . 
B 2 HOH 2   1002 1002 HOH HOH A . 
B 2 HOH 3   1003 1003 HOH HOH A . 
B 2 HOH 4   1004 1004 HOH HOH A . 
B 2 HOH 5   1005 1005 HOH HOH A . 
B 2 HOH 6   1006 1006 HOH HOH A . 
B 2 HOH 7   1007 1007 HOH HOH A . 
B 2 HOH 8   1008 1008 HOH HOH A . 
B 2 HOH 9   1009 1009 HOH HOH A . 
B 2 HOH 10  1010 1010 HOH HOH A . 
B 2 HOH 11  1011 1011 HOH HOH A . 
B 2 HOH 12  1012 1012 HOH HOH A . 
B 2 HOH 13  1013 1013 HOH HOH A . 
B 2 HOH 14  1014 1014 HOH HOH A . 
B 2 HOH 15  1015 1015 HOH HOH A . 
B 2 HOH 16  1016 1016 HOH HOH A . 
B 2 HOH 17  1017 1017 HOH HOH A . 
B 2 HOH 18  1018 1018 HOH HOH A . 
B 2 HOH 19  1019 1019 HOH HOH A . 
B 2 HOH 20  1020 1020 HOH HOH A . 
B 2 HOH 21  1021 1021 HOH HOH A . 
B 2 HOH 22  1022 1022 HOH HOH A . 
B 2 HOH 23  1023 1023 HOH HOH A . 
B 2 HOH 24  1024 1024 HOH HOH A . 
B 2 HOH 25  1025 1025 HOH HOH A . 
B 2 HOH 26  1026 1026 HOH HOH A . 
B 2 HOH 27  1027 1027 HOH HOH A . 
B 2 HOH 28  1028 1028 HOH HOH A . 
B 2 HOH 29  1029 1029 HOH HOH A . 
B 2 HOH 30  1030 1030 HOH HOH A . 
B 2 HOH 31  1031 1031 HOH HOH A . 
B 2 HOH 32  1032 1032 HOH HOH A . 
B 2 HOH 33  1033 1033 HOH HOH A . 
B 2 HOH 34  1034 1034 HOH HOH A . 
B 2 HOH 35  1035 1035 HOH HOH A . 
B 2 HOH 36  1036 1036 HOH HOH A . 
B 2 HOH 37  1037 1037 HOH HOH A . 
B 2 HOH 38  1038 1038 HOH HOH A . 
B 2 HOH 39  1039 1039 HOH HOH A . 
B 2 HOH 40  1040 1040 HOH HOH A . 
B 2 HOH 41  1041 1041 HOH HOH A . 
B 2 HOH 42  1042 1042 HOH HOH A . 
B 2 HOH 43  1043 1043 HOH HOH A . 
B 2 HOH 44  1044 1044 HOH HOH A . 
B 2 HOH 45  1045 1045 HOH HOH A . 
B 2 HOH 46  1046 1046 HOH HOH A . 
B 2 HOH 47  1047 1047 HOH HOH A . 
B 2 HOH 48  1048 1048 HOH HOH A . 
B 2 HOH 49  1049 1049 HOH HOH A . 
B 2 HOH 50  1050 1050 HOH HOH A . 
B 2 HOH 51  1051 1051 HOH HOH A . 
B 2 HOH 52  1052 1052 HOH HOH A . 
B 2 HOH 53  1053 1053 HOH HOH A . 
B 2 HOH 54  1054 1054 HOH HOH A . 
B 2 HOH 55  1055 1055 HOH HOH A . 
B 2 HOH 56  1056 1056 HOH HOH A . 
B 2 HOH 57  1057 1057 HOH HOH A . 
B 2 HOH 58  1058 1058 HOH HOH A . 
B 2 HOH 59  1059 1059 HOH HOH A . 
B 2 HOH 60  1060 1060 HOH HOH A . 
B 2 HOH 61  1061 1061 HOH HOH A . 
B 2 HOH 62  1062 1062 HOH HOH A . 
B 2 HOH 63  1063 1063 HOH HOH A . 
B 2 HOH 64  1064 1064 HOH HOH A . 
B 2 HOH 65  1065 1065 HOH HOH A . 
B 2 HOH 66  1066 1066 HOH HOH A . 
B 2 HOH 67  1067 1067 HOH HOH A . 
B 2 HOH 68  1068 1068 HOH HOH A . 
B 2 HOH 69  1069 1069 HOH HOH A . 
B 2 HOH 70  1070 1070 HOH HOH A . 
B 2 HOH 71  1071 1071 HOH HOH A . 
B 2 HOH 72  1072 1072 HOH HOH A . 
B 2 HOH 73  1073 1073 HOH HOH A . 
B 2 HOH 74  1074 1074 HOH HOH A . 
B 2 HOH 75  1075 1075 HOH HOH A . 
B 2 HOH 76  1076 1076 HOH HOH A . 
B 2 HOH 77  1077 1077 HOH HOH A . 
B 2 HOH 78  1078 1078 HOH HOH A . 
B 2 HOH 79  1079 1079 HOH HOH A . 
B 2 HOH 80  1080 1080 HOH HOH A . 
B 2 HOH 81  1081 1081 HOH HOH A . 
B 2 HOH 82  1082 1082 HOH HOH A . 
B 2 HOH 83  1083 1083 HOH HOH A . 
B 2 HOH 84  1084 1084 HOH HOH A . 
B 2 HOH 85  1085 1085 HOH HOH A . 
B 2 HOH 86  1086 1086 HOH HOH A . 
B 2 HOH 87  1087 1087 HOH HOH A . 
B 2 HOH 88  1088 1088 HOH HOH A . 
B 2 HOH 89  1089 1089 HOH HOH A . 
B 2 HOH 90  1090 1090 HOH HOH A . 
B 2 HOH 91  1091 1091 HOH HOH A . 
B 2 HOH 92  1092 1092 HOH HOH A . 
B 2 HOH 93  1093 1093 HOH HOH A . 
B 2 HOH 94  1094 1094 HOH HOH A . 
B 2 HOH 95  1095 1095 HOH HOH A . 
B 2 HOH 96  1096 1096 HOH HOH A . 
B 2 HOH 97  1097 1097 HOH HOH A . 
B 2 HOH 98  1098 1098 HOH HOH A . 
B 2 HOH 99  1099 1099 HOH HOH A . 
B 2 HOH 100 1100 1100 HOH HOH A . 
B 2 HOH 101 1101 1101 HOH HOH A . 
B 2 HOH 102 1102 1102 HOH HOH A . 
B 2 HOH 103 1103 1103 HOH HOH A . 
B 2 HOH 104 1104 1104 HOH HOH A . 
B 2 HOH 105 1105 1105 HOH HOH A . 
B 2 HOH 106 1106 1106 HOH HOH A . 
B 2 HOH 107 1107 1107 HOH HOH A . 
B 2 HOH 108 1108 1108 HOH HOH A . 
B 2 HOH 109 1109 1109 HOH HOH A . 
B 2 HOH 110 1110 1110 HOH HOH A . 
B 2 HOH 111 1111 1111 HOH HOH A . 
B 2 HOH 112 1112 1112 HOH HOH A . 
B 2 HOH 113 1113 1113 HOH HOH A . 
B 2 HOH 114 1114 1114 HOH HOH A . 
B 2 HOH 115 1115 1115 HOH HOH A . 
B 2 HOH 116 1116 1116 HOH HOH A . 
B 2 HOH 117 1117 1117 HOH HOH A . 
B 2 HOH 118 1118 1118 HOH HOH A . 
B 2 HOH 119 1119 1119 HOH HOH A . 
B 2 HOH 120 1120 1120 HOH HOH A . 
B 2 HOH 121 1121 1121 HOH HOH A . 
B 2 HOH 122 1122 1122 HOH HOH A . 
B 2 HOH 123 1123 1123 HOH HOH A . 
B 2 HOH 124 1124 1124 HOH HOH A . 
B 2 HOH 125 1125 1125 HOH HOH A . 
B 2 HOH 126 1126 1126 HOH HOH A . 
B 2 HOH 127 1127 1127 HOH HOH A . 
B 2 HOH 128 1128 1128 HOH HOH A . 
B 2 HOH 129 1129 1129 HOH HOH A . 
B 2 HOH 130 1130 1130 HOH HOH A . 
B 2 HOH 131 1131 1131 HOH HOH A . 
B 2 HOH 132 1132 1132 HOH HOH A . 
B 2 HOH 133 1133 1133 HOH HOH A . 
B 2 HOH 134 1134 1134 HOH HOH A . 
B 2 HOH 135 1135 1135 HOH HOH A . 
B 2 HOH 136 1136 1136 HOH HOH A . 
B 2 HOH 137 1137 1137 HOH HOH A . 
B 2 HOH 138 1138 1138 HOH HOH A . 
B 2 HOH 139 1139 1139 HOH HOH A . 
B 2 HOH 140 1140 1140 HOH HOH A . 
B 2 HOH 141 1141 1141 HOH HOH A . 
B 2 HOH 142 1142 1142 HOH HOH A . 
B 2 HOH 143 1143 1143 HOH HOH A . 
B 2 HOH 144 1144 1144 HOH HOH A . 
B 2 HOH 145 1145 1145 HOH HOH A . 
B 2 HOH 146 1146 1146 HOH HOH A . 
B 2 HOH 147 1147 1147 HOH HOH A . 
B 2 HOH 148 1148 1148 HOH HOH A . 
B 2 HOH 149 1149 1149 HOH HOH A . 
B 2 HOH 150 1150 1150 HOH HOH A . 
B 2 HOH 151 1151 1151 HOH HOH A . 
B 2 HOH 152 1152 1152 HOH HOH A . 
B 2 HOH 153 1153 1153 HOH HOH A . 
B 2 HOH 154 1154 1154 HOH HOH A . 
B 2 HOH 155 1155 1155 HOH HOH A . 
B 2 HOH 156 1156 1156 HOH HOH A . 
B 2 HOH 157 1157 1157 HOH HOH A . 
B 2 HOH 158 1158 1158 HOH HOH A . 
B 2 HOH 159 1159 1159 HOH HOH A . 
B 2 HOH 160 1160 1160 HOH HOH A . 
B 2 HOH 161 1161 1161 HOH HOH A . 
B 2 HOH 162 1162 1162 HOH HOH A . 
B 2 HOH 163 1163 1163 HOH HOH A . 
B 2 HOH 164 1164 1164 HOH HOH A . 
B 2 HOH 165 1165 1165 HOH HOH A . 
B 2 HOH 166 1166 1166 HOH HOH A . 
B 2 HOH 167 1167 1167 HOH HOH A . 
B 2 HOH 168 1168 1168 HOH HOH A . 
B 2 HOH 169 1169 1169 HOH HOH A . 
B 2 HOH 170 1170 1170 HOH HOH A . 
B 2 HOH 171 1171 1171 HOH HOH A . 
B 2 HOH 172 1172 1172 HOH HOH A . 
B 2 HOH 173 1173 1173 HOH HOH A . 
B 2 HOH 174 1174 1174 HOH HOH A . 
B 2 HOH 175 1175 1175 HOH HOH A . 
B 2 HOH 176 1176 1176 HOH HOH A . 
B 2 HOH 177 1177 1177 HOH HOH A . 
B 2 HOH 178 1178 1178 HOH HOH A . 
B 2 HOH 179 1179 1179 HOH HOH A . 
B 2 HOH 180 1180 1180 HOH HOH A . 
B 2 HOH 181 1181 1181 HOH HOH A . 
B 2 HOH 182 1182 1182 HOH HOH A . 
B 2 HOH 183 1183 1183 HOH HOH A . 
B 2 HOH 184 1184 1184 HOH HOH A . 
B 2 HOH 185 1185 1185 HOH HOH A . 
B 2 HOH 186 1186 1186 HOH HOH A . 
B 2 HOH 187 1187 1187 HOH HOH A . 
B 2 HOH 188 1188 1188 HOH HOH A . 
B 2 HOH 189 1189 1189 HOH HOH A . 
B 2 HOH 190 1190 1190 HOH HOH A . 
B 2 HOH 191 1191 1191 HOH HOH A . 
B 2 HOH 192 1192 1192 HOH HOH A . 
B 2 HOH 193 1193 1193 HOH HOH A . 
B 2 HOH 194 1194 1194 HOH HOH A . 
B 2 HOH 195 1195 1195 HOH HOH A . 
B 2 HOH 196 1196 1196 HOH HOH A . 
B 2 HOH 197 1197 1197 HOH HOH A . 
B 2 HOH 198 1198 1198 HOH HOH A . 
B 2 HOH 199 1199 1199 HOH HOH A . 
B 2 HOH 200 1200 1200 HOH HOH A . 
B 2 HOH 201 1201 1201 HOH HOH A . 
B 2 HOH 202 1202 1202 HOH HOH A . 
B 2 HOH 203 1203 1203 HOH HOH A . 
B 2 HOH 204 1204 1204 HOH HOH A . 
B 2 HOH 205 1205 1205 HOH HOH A . 
B 2 HOH 206 1206 1206 HOH HOH A . 
B 2 HOH 207 1207 1207 HOH HOH A . 
B 2 HOH 208 1208 1208 HOH HOH A . 
B 2 HOH 209 1209 1209 HOH HOH A . 
B 2 HOH 210 1210 1210 HOH HOH A . 
B 2 HOH 211 1211 1211 HOH HOH A . 
B 2 HOH 212 1212 1212 HOH HOH A . 
B 2 HOH 213 1213 1213 HOH HOH A . 
B 2 HOH 214 1214 1214 HOH HOH A . 
B 2 HOH 215 1215 1215 HOH HOH A . 
B 2 HOH 216 1216 1216 HOH HOH A . 
B 2 HOH 217 1217 1217 HOH HOH A . 
B 2 HOH 218 1218 1218 HOH HOH A . 
B 2 HOH 219 1219 1219 HOH HOH A . 
B 2 HOH 220 1220 1220 HOH HOH A . 
B 2 HOH 221 1221 1221 HOH HOH A . 
B 2 HOH 222 1222 1222 HOH HOH A . 
B 2 HOH 223 1223 1223 HOH HOH A . 
B 2 HOH 224 1224 1224 HOH HOH A . 
B 2 HOH 225 1225 1225 HOH HOH A . 
# 
loop_
_software.name 
_software.version 
_software.date 
_software.type 
_software.contact_author 
_software.contact_author_email 
_software.classification 
_software.location 
_software.language 
_software.citation_id 
_software.pdbx_ordinal 
DENZO        .     ?                    package 'Zbyszek Otwinowski' zbyszek@mix.swmed.edu    'data reduction'  
http://www.lnls.br/infra/linhasluz/denzo-hkl.htm ?          ? 1 
SCALEPACK    .     ?                    package 'Zbyszek Otwinowski' zbyszek@mix.swmed.edu    'data scaling'    
http://www.lnls.br/infra/linhasluz/denzo-hkl.htm ?          ? 2 
CNS          1.1   1998                 package 'Axel T. Brunger'    axel.brunger@yale.edu    refinement        
http://cns.csb.yale.edu/v1.1/                    Fortran_77 ? 3 
PDB_EXTRACT  3.004 'September 10, 2007' package PDB                  sw-help@rcsb.rutgers.edu 'data extraction' 
http://pdb.rutgers.edu/software/                 C++        ? 4 
CrystalClear .     ?                    ?       ?                    ?                        'data collection' ? ?          ? 5 
HKL-2000     .     ?                    ?       ?                    ?                        'data reduction'  ? ?          ? 6 
PHASER       .     ?                    ?       ?                    ?                        phasing           ? ?          ? 7 
# 
_cell.length_a           72.418 
_cell.length_b           72.418 
_cell.length_c           92.684 
_cell.angle_alpha        90.000 
_cell.angle_beta         90.000 
_cell.angle_gamma        120.000 
_cell.entry_id           3BD2 
_cell.pdbx_unique_axis   ? 
_cell.Z_PDB              6 
_cell.length_a_esd       ? 
_cell.length_b_esd       ? 
_cell.length_c_esd       ? 
_cell.angle_alpha_esd    ? 
_cell.angle_beta_esd     ? 
_cell.angle_gamma_esd    ? 
# 
_symmetry.space_group_name_H-M             'P 65' 
_symmetry.entry_id                         3BD2 
_symmetry.Int_Tables_number                170 
_symmetry.pdbx_full_space_group_name_H-M   ? 
_symmetry.cell_setting                     ? 
_symmetry.space_group_name_Hall            ? 
# 
_exptl.crystals_number   1 
_exptl.entry_id          3BD2 
_exptl.method            'X-RAY DIFFRACTION' 
# 
_exptl_crystal.id                    1 
_exptl_crystal.density_Matthews      3.216901 
_exptl_crystal.density_meas          ? 
_exptl_crystal.density_percent_sol   66.21 
_exptl_crystal.description           ? 
_exptl_crystal.F_000                 ? 
_exptl_crystal.preparation           ? 
# 
_exptl_crystal_grow.crystal_id      1 
_exptl_crystal_grow.method          'VAPOR DIFFUSION, HANGING DROP' 
_exptl_crystal_grow.pH              ? 
_exptl_crystal_grow.temp            293 
_exptl_crystal_grow.temp_details    ? 
_exptl_crystal_grow.pdbx_details    '28-30% PEG 3350, VAPOR DIFFUSION, HANGING DROP, temperature 293K' 
_exptl_crystal_grow.pdbx_pH_range   . 
# 
_diffrn.id                     1 
_diffrn.ambient_temp           100 
_diffrn.ambient_temp_details   ? 
_diffrn.crystal_id             1 
# 
_diffrn_detector.diffrn_id              1 
_diffrn_detector.detector               'IMAGE PLATE' 
_diffrn_detector.type                   'RIGAKU RAXIS IV++' 
_diffrn_detector.pdbx_collection_date   2006-10-19 
_diffrn_detector.details                'Osmic Confocal Max-Flux optics' 
# 
_diffrn_radiation.diffrn_id                        1 
_diffrn_radiation.wavelength_id                    1 
_diffrn_radiation.pdbx_diffrn_protocol             'SINGLE WAVELENGTH' 
_diffrn_radiation.monochromator                    'Osmic Confocal MaxFlux' 
_diffrn_radiation.pdbx_monochromatic_or_laue_m_l   M 
_diffrn_radiation.pdbx_scattering_type             x-ray 
# 
_diffrn_radiation_wavelength.id           1 
_diffrn_radiation_wavelength.wavelength   1.54 
_diffrn_radiation_wavelength.wt           1.0 
# 
_diffrn_source.diffrn_id                   1 
_diffrn_source.source                      'ROTATING ANODE' 
_diffrn_source.type                        'RIGAKU FR-E+ SUPERBRIGHT' 
_diffrn_source.pdbx_wavelength             ? 
_diffrn_source.pdbx_wavelength_list        1.54 
_diffrn_source.pdbx_synchrotron_site       ? 
_diffrn_source.pdbx_synchrotron_beamline   ? 
# 
_reflns.entry_id                     3BD2 
_reflns.d_resolution_high            1.81 
_reflns.d_resolution_low             36.21 
_reflns.number_obs                   24249 
_reflns.pdbx_Rmerge_I_obs            0.039 
_reflns.pdbx_netI_over_sigmaI        39.100 
_reflns.pdbx_chi_squared             1.423 
_reflns.pdbx_redundancy              4.500 
_reflns.percent_possible_obs         96.000 
_reflns.limit_h_max                  34 
_reflns.limit_h_min                  0 
_reflns.limit_k_max                  34 
_reflns.limit_k_min                  0 
_reflns.limit_l_max                  50 
_reflns.limit_l_min                  0 
_reflns.number_all                   24212 
_reflns.observed_criterion_sigma_F   0.0 
_reflns.observed_criterion_F_max     1033941.61 
_reflns.observed_criterion_F_min     0.890000 
_reflns.B_iso_Wilson_estimate        31.4 
_reflns.observed_criterion_sigma_I   ? 
_reflns.pdbx_Rsym_value              ? 
_reflns.R_free_details               ? 
_reflns.pdbx_scaling_rejects         ? 
_reflns.pdbx_diffrn_id               1 
_reflns.pdbx_ordinal                 1 
# 
_reflns_shell.d_res_high             1.81 
_reflns_shell.d_res_low              1.87 
_reflns_shell.number_measured_obs    ? 
_reflns_shell.number_measured_all    ? 
_reflns_shell.number_unique_obs      ? 
_reflns_shell.Rmerge_I_obs           0.264 
_reflns_shell.meanI_over_sigI_obs    4.1 
_reflns_shell.pdbx_Rsym_value        ? 
_reflns_shell.pdbx_chi_squared       2.137 
_reflns_shell.pdbx_redundancy        1.70 
_reflns_shell.percent_possible_obs   ? 
_reflns_shell.number_unique_all      2109 
_reflns_shell.percent_possible_all   84.80 
_reflns_shell.pdbx_diffrn_id         ? 
_reflns_shell.pdbx_ordinal           1 
# 
_refine.entry_id                                 3BD2 
_refine.ls_number_reflns_all                     24956 
_refine.ls_number_reflns_obs                     23690 
_refine.ls_percent_reflns_obs                    94.900 
_refine.ls_d_res_high                            1.810 
_refine.ls_d_res_low                             10.000 
_refine.B_iso_min                                19.51 
_refine.B_iso_max                                71.60 
_refine.B_iso_mean                               32.256 
_refine.occupancy_min                            0.50 
_refine.occupancy_max                            1.00 
_refine.aniso_B[1][1]                            -3.799 
_refine.aniso_B[2][2]                            -3.799 
_refine.aniso_B[3][3]                            7.598 
_refine.aniso_B[1][2]                            -2.724 
_refine.aniso_B[1][3]                            0.000 
_refine.aniso_B[2][3]                            0.000 
_refine.solvent_model_param_bsol                 52.947 
_refine.solvent_model_param_ksol                 0.291453 
_refine.solvent_model_details                    'CNS bulk solvent model used' 
_refine.ls_R_factor_R_work                       0.243 
_refine.ls_R_factor_R_free                       0.255 
_refine.ls_R_factor_R_free_error                 0.005 
_refine.ls_number_reflns_R_free                  2353 
_refine.ls_percent_reflns_R_free                 9.400 
_refine.details                                  ? 
_refine.pdbx_ls_sigma_F                          0.00 
_refine.pdbx_method_to_determine_struct          ? 
_refine.pdbx_ls_sigma_I                          ? 
_refine.ls_R_factor_all                          ? 
_refine.ls_R_factor_obs                          ? 
_refine.ls_redundancy_reflns_obs                 ? 
_refine.pdbx_data_cutoff_high_absF               ? 
_refine.pdbx_data_cutoff_low_absF                ? 
_refine.ls_number_parameters                     ? 
_refine.ls_number_restraints                     ? 
_refine.ls_R_factor_R_free_error_details         ? 
_refine.pdbx_starting_model                      3BCI 
_refine.pdbx_ls_cross_valid_method               THROUGHOUT 
_refine.pdbx_R_Free_selection_details            random 
_refine.pdbx_stereochem_target_val_spec_case     ? 
_refine.pdbx_stereochemistry_target_values       'Engh & Huber' 
_refine.pdbx_isotropic_thermal_model             anisotropic 
_refine.correlation_coeff_Fo_to_Fc               ? 
_refine.correlation_coeff_Fo_to_Fc_free          ? 
_refine.pdbx_solvent_vdw_probe_radii             ? 
_refine.pdbx_solvent_ion_probe_radii             ? 
_refine.pdbx_solvent_shrinkage_radii             ? 
_refine.overall_SU_R_Cruickshank_DPI             ? 
_refine.overall_SU_R_free                        ? 
_refine.overall_SU_ML                            ? 
_refine.overall_SU_B                             ? 
_refine.pdbx_overall_ESU_R_Free                  ? 
_refine.pdbx_data_cutoff_high_rms_absF           ? 
_refine.pdbx_overall_ESU_R                       ? 
_refine.ls_wR_factor_R_free                      ? 
_refine.ls_wR_factor_R_work                      ? 
_refine.overall_FOM_free_R_set                   ? 
_refine.overall_FOM_work_R_set                   ? 
_refine.pdbx_overall_phase_error                 ? 
_refine.pdbx_refine_id                           'X-RAY DIFFRACTION' 
_refine.pdbx_diffrn_id                           1 
_refine.pdbx_TLS_residual_ADP_flag               ? 
_refine.pdbx_overall_SU_R_free_Cruickshank_DPI   ? 
_refine.pdbx_overall_SU_R_Blow_DPI               ? 
_refine.pdbx_overall_SU_R_free_Blow_DPI          ? 
# 
_refine_analyze.entry_id                        3BD2 
_refine_analyze.Luzzati_d_res_low_obs           5.00 
_refine_analyze.pdbx_Luzzati_d_res_high_obs     1.81 
_refine_analyze.Luzzati_coordinate_error_obs    0.22 
_refine_analyze.Luzzati_sigma_a_obs             0.18 
_refine_analyze.Luzzati_coordinate_error_free   0.24 
_refine_analyze.Luzzati_sigma_a_free            0.19 
_refine_analyze.Luzzati_d_res_low_free          ? 
_refine_analyze.number_disordered_residues      ? 
_refine_analyze.occupancy_sum_non_hydrogen      ? 
_refine_analyze.occupancy_sum_hydrogen          ? 
_refine_analyze.pdbx_refine_id                  'X-RAY DIFFRACTION' 
# 
_refine_hist.pdbx_refine_id                   'X-RAY DIFFRACTION' 
_refine_hist.cycle_id                         LAST 
_refine_hist.pdbx_number_atoms_protein        1388 
_refine_hist.pdbx_number_atoms_nucleic_acid   0 
_refine_hist.pdbx_number_atoms_ligand         0 
_refine_hist.number_atoms_solvent             225 
_refine_hist.number_atoms_total               1613 
_refine_hist.d_res_high                       1.810 
_refine_hist.d_res_low                        10.000 
# 
loop_
_refine_ls_restr.type 
_refine_ls_restr.dev_ideal 
_refine_ls_restr.dev_ideal_target 
_refine_ls_restr.number 
_refine_ls_restr.weight 
_refine_ls_restr.pdbx_refine_id 
_refine_ls_restr.pdbx_restraint_function 
c_bond_d           0.005 . ? ? 'X-RAY DIFFRACTION' ? 
c_angle_deg        1.2   . ? ? 'X-RAY DIFFRACTION' ? 
c_torsion_deg      21.7  . ? ? 'X-RAY DIFFRACTION' ? 
c_torsion_impr_deg 0.76  . ? ? 'X-RAY DIFFRACTION' ? 
# 
loop_
_refine_ls_shell.d_res_high 
_refine_ls_shell.d_res_low 
_refine_ls_shell.number_reflns_all 
_refine_ls_shell.number_reflns_obs 
_refine_ls_shell.number_reflns_R_work 
_refine_ls_shell.percent_reflns_obs 
_refine_ls_shell.R_factor_R_work 
_refine_ls_shell.R_factor_R_free 
_refine_ls_shell.R_factor_R_free_error 
_refine_ls_shell.number_reflns_R_free 
_refine_ls_shell.percent_reflns_R_free 
_refine_ls_shell.pdbx_total_number_of_bins_used 
_refine_ls_shell.redundancy_reflns_obs 
_refine_ls_shell.R_factor_all 
_refine_ls_shell.pdbx_refine_id 
1.81 1.89 3091 2452 2208 79.3 0.399 0.408 0.026 244 10.0 . . . 'X-RAY DIFFRACTION' 
1.89 1.99 3126 2969 2668 94.9 0.269 0.272 0.016 301 10.1 . . . 'X-RAY DIFFRACTION' 
1.99 2.11 3109 3081 2777 99.1 0.229 0.259 0.015 304 9.9  . . . 'X-RAY DIFFRACTION' 
2.11 2.28 3117 3095 2787 99.3 0.227 0.243 0.014 308 10.0 . . . 'X-RAY DIFFRACTION' 
2.28 2.50 3136 3103 2795 98.9 0.224 0.261 0.015 308 9.9  . . . 'X-RAY DIFFRACTION' 
2.50 2.86 3105 3064 2781 98.7 0.231 0.245 0.015 283 9.2  . . . 'X-RAY DIFFRACTION' 
2.86 3.57 3140 3022 2738 96.2 0.239 0.242 0.014 284 9.4  . . . 'X-RAY DIFFRACTION' 
3.57 9.99 3165 2904 2583 91.8 0.248 0.254 0.014 321 11.1 . . . 'X-RAY DIFFRACTION' 
# 
loop_
_pdbx_xplor_file.serial_no 
_pdbx_xplor_file.param_file 
_pdbx_xplor_file.topol_file 
_pdbx_xplor_file.pdbx_refine_id 
1 protein_rep.param  protein.top      'X-RAY DIFFRACTION' 
2 carbohydrate.param carbohydrate.top 'X-RAY DIFFRACTION' 
3 water.param        ?                'X-RAY DIFFRACTION' 
# 
_struct.entry_id                  3BD2 
_struct.title                     'Crystal Structure of Staphylococcus aureus DsbA E96Q' 
_struct.pdbx_model_details        ? 
_struct.pdbx_CASP_flag            ? 
_struct.pdbx_model_type_details   ? 
# 
_struct_keywords.entry_id        3BD2 
_struct_keywords.pdbx_keywords   OXIDOREDUCTASE 
_struct_keywords.text            
'thiol-disulfide oxidoreductase, redox protein, protein folding, redox active centre, oxidoreductase' 
# 
loop_
_struct_asym.id 
_struct_asym.pdbx_blank_PDB_chainid_flag 
_struct_asym.pdbx_modified 
_struct_asym.entity_id 
_struct_asym.details 
A N N 1 ? 
B N N 2 ? 
# 
_struct_ref.id                         1 
_struct_ref.db_name                    UNP 
_struct_ref.db_code                    Q9EYL5_STAAU 
_struct_ref.pdbx_db_accession          Q9EYL5 
_struct_ref.entity_id                  1 
_struct_ref.pdbx_seq_one_letter_code   
;SATTSSKNGKPLVVVYGDYKCPYCKELDEKVMPKLRKNYIDNHKVEYQFVNLAFLGKDSIVGSRASHAVLMYAPKSFLDF
QKQLFAAQQDENKEWLTKELLDKHIKQLHLDKETENKIIKDYKTKDSKSWKAAEKDKKIAKDNHIKTTPTAFINGEKVED
PYDYESYEKLLKDKIK
;
_struct_ref.pdbx_align_begin           24 
_struct_ref.pdbx_db_isoform            ? 
# 
_struct_ref_seq.align_id                      1 
_struct_ref_seq.ref_id                        1 
_struct_ref_seq.pdbx_PDB_id_code              3BD2 
_struct_ref_seq.pdbx_strand_id                A 
_struct_ref_seq.seq_align_beg                 3 
_struct_ref_seq.pdbx_seq_align_beg_ins_code   ? 
_struct_ref_seq.seq_align_end                 178 
_struct_ref_seq.pdbx_seq_align_end_ins_code   ? 
_struct_ref_seq.pdbx_db_accession             Q9EYL5 
_struct_ref_seq.db_align_beg                  24 
_struct_ref_seq.pdbx_db_align_beg_ins_code    ? 
_struct_ref_seq.db_align_end                  199 
_struct_ref_seq.pdbx_db_align_end_ins_code    ? 
_struct_ref_seq.pdbx_auth_seq_align_beg       6 
_struct_ref_seq.pdbx_auth_seq_align_end       181 
# 
loop_
_struct_ref_seq_dif.align_id 
_struct_ref_seq_dif.pdbx_pdb_id_code 
_struct_ref_seq_dif.mon_id 
_struct_ref_seq_dif.pdbx_pdb_strand_id 
_struct_ref_seq_dif.seq_num 
_struct_ref_seq_dif.pdbx_pdb_ins_code 
_struct_ref_seq_dif.pdbx_seq_db_name 
_struct_ref_seq_dif.pdbx_seq_db_accession_code 
_struct_ref_seq_dif.db_mon_id 
_struct_ref_seq_dif.pdbx_seq_db_seq_num 
_struct_ref_seq_dif.details 
_struct_ref_seq_dif.pdbx_auth_seq_num 
_struct_ref_seq_dif.pdbx_ordinal 
1 3BD2 MET A 1   ? UNP Q9EYL5 ?   ?   'expression tag'      4   1  
1 3BD2 ALA A 2   ? UNP Q9EYL5 ?   ?   'expression tag'      5   2  
1 3BD2 GLN A 93  ? UNP Q9EYL5 GLU 114 'engineered mutation' 96  3  
1 3BD2 LEU A 179 ? UNP Q9EYL5 ?   ?   'expression tag'      182 4  
1 3BD2 GLU A 180 ? UNP Q9EYL5 ?   ?   'expression tag'      183 5  
1 3BD2 HIS A 181 ? UNP Q9EYL5 ?   ?   'expression tag'      184 6  
1 3BD2 HIS A 182 ? UNP Q9EYL5 ?   ?   'expression tag'      185 7  
1 3BD2 HIS A 183 ? UNP Q9EYL5 ?   ?   'expression tag'      186 8  
1 3BD2 HIS A 184 ? UNP Q9EYL5 ?   ?   'expression tag'      187 9  
1 3BD2 HIS A 185 ? UNP Q9EYL5 ?   ?   'expression tag'      188 10 
1 3BD2 HIS A 186 ? UNP Q9EYL5 ?   ?   'expression tag'      189 11 
# 
_pdbx_struct_assembly.id                   1 
_pdbx_struct_assembly.details              author_and_software_defined_assembly 
_pdbx_struct_assembly.method_details       PISA 
_pdbx_struct_assembly.oligomeric_details   monomeric 
_pdbx_struct_assembly.oligomeric_count     1 
# 
_pdbx_struct_assembly_gen.assembly_id       1 
_pdbx_struct_assembly_gen.oper_expression   1 
_pdbx_struct_assembly_gen.asym_id_list      A,B 
# 
_pdbx_struct_oper_list.id                   1 
_pdbx_struct_oper_list.type                 'identity operation' 
_pdbx_struct_oper_list.name                 1_555 
_pdbx_struct_oper_list.symmetry_operation   x,y,z 
_pdbx_struct_oper_list.matrix[1][1]         1.0000000000 
_pdbx_struct_oper_list.matrix[1][2]         0.0000000000 
_pdbx_struct_oper_list.matrix[1][3]         0.0000000000 
_pdbx_struct_oper_list.vector[1]            0.0000000000 
_pdbx_struct_oper_list.matrix[2][1]         0.0000000000 
_pdbx_struct_oper_list.matrix[2][2]         1.0000000000 
_pdbx_struct_oper_list.matrix[2][3]         0.0000000000 
_pdbx_struct_oper_list.vector[2]            0.0000000000 
_pdbx_struct_oper_list.matrix[3][1]         0.0000000000 
_pdbx_struct_oper_list.matrix[3][2]         0.0000000000 
_pdbx_struct_oper_list.matrix[3][3]         1.0000000000 
_pdbx_struct_oper_list.vector[3]            0.0000000000 
# 
_struct_biol.id        1 
_struct_biol.details   ? 
# 
loop_
_struct_conf.conf_type_id 
_struct_conf.id 
_struct_conf.pdbx_PDB_helix_id 
_struct_conf.beg_label_comp_id 
_struct_conf.beg_label_asym_id 
_struct_conf.beg_label_seq_id 
_struct_conf.pdbx_beg_PDB_ins_code 
_struct_conf.end_label_comp_id 
_struct_conf.end_label_asym_id 
_struct_conf.end_label_seq_id 
_struct_conf.pdbx_end_PDB_ins_code 
_struct_conf.beg_auth_comp_id 
_struct_conf.beg_auth_asym_id 
_struct_conf.beg_auth_seq_id 
_struct_conf.end_auth_comp_id 
_struct_conf.end_auth_asym_id 
_struct_conf.end_auth_seq_id 
_struct_conf.pdbx_PDB_helix_class 
_struct_conf.details 
_struct_conf.pdbx_PDB_helix_length 
HELX_P HELX_P1 1 CYS A 23  ? TYR A 41  ? CYS A 26  TYR A 44  1 ? 19 
HELX_P HELX_P2 2 ASP A 60  ? ALA A 75  ? ASP A 63  ALA A 78  1 ? 16 
HELX_P HELX_P3 3 SER A 78  ? ALA A 89  ? SER A 81  ALA A 92  1 ? 12 
HELX_P HELX_P4 4 THR A 99  ? GLN A 109 ? THR A 102 GLN A 112 1 ? 11 
HELX_P HELX_P5 5 ASP A 113 ? THR A 126 ? ASP A 116 THR A 129 1 ? 14 
HELX_P HELX_P6 6 SER A 129 ? ASN A 145 ? SER A 132 ASN A 148 1 ? 17 
HELX_P HELX_P7 7 ASP A 165 ? LYS A 174 ? ASP A 168 LYS A 177 1 ? 10 
# 
_struct_conf_type.id          HELX_P 
_struct_conf_type.criteria    ? 
_struct_conf_type.reference   ? 
# 
_struct_conn.id                            disulf1 
_struct_conn.conn_type_id                  disulf 
_struct_conn.pdbx_leaving_atom_flag        ? 
_struct_conn.pdbx_PDB_id                   ? 
_struct_conn.ptnr1_label_asym_id           A 
_struct_conn.ptnr1_label_comp_id           CYS 
_struct_conn.ptnr1_label_seq_id            23 
_struct_conn.ptnr1_label_atom_id           SG 
_struct_conn.pdbx_ptnr1_label_alt_id       B 
_struct_conn.pdbx_ptnr1_PDB_ins_code       ? 
_struct_conn.pdbx_ptnr1_standard_comp_id   ? 
_struct_conn.ptnr1_symmetry                1_555 
_struct_conn.ptnr2_label_asym_id           A 
_struct_conn.ptnr2_label_comp_id           CYS 
_struct_conn.ptnr2_label_seq_id            26 
_struct_conn.ptnr2_label_atom_id           SG 
_struct_conn.pdbx_ptnr2_label_alt_id       B 
_struct_conn.pdbx_ptnr2_PDB_ins_code       ? 
_struct_conn.ptnr1_auth_asym_id            A 
_struct_conn.ptnr1_auth_comp_id            CYS 
_struct_conn.ptnr1_auth_seq_id             26 
_struct_conn.ptnr2_auth_asym_id            A 
_struct_conn.ptnr2_auth_comp_id            CYS 
_struct_conn.ptnr2_auth_seq_id             29 
_struct_conn.ptnr2_symmetry                1_555 
_struct_conn.pdbx_ptnr3_label_atom_id      ? 
_struct_conn.pdbx_ptnr3_label_seq_id       ? 
_struct_conn.pdbx_ptnr3_label_comp_id      ? 
_struct_conn.pdbx_ptnr3_label_asym_id      ? 
_struct_conn.pdbx_ptnr3_label_alt_id       ? 
_struct_conn.pdbx_ptnr3_PDB_ins_code       ? 
_struct_conn.details                       ? 
_struct_conn.pdbx_dist_value               2.009 
_struct_conn.pdbx_value_order              ? 
_struct_conn.pdbx_role                     ? 
# 
_struct_conn_type.id          disulf 
_struct_conn_type.criteria    ? 
_struct_conn_type.reference   ? 
# 
_pdbx_modification_feature.ordinal                            1 
_pdbx_modification_feature.label_comp_id                      CYS 
_pdbx_modification_feature.label_asym_id                      A 
_pdbx_modification_feature.label_seq_id                       23 
_pdbx_modification_feature.label_alt_id                       B 
_pdbx_modification_feature.modified_residue_label_comp_id     CYS 
_pdbx_modification_feature.modified_residue_label_asym_id     A 
_pdbx_modification_feature.modified_residue_label_seq_id      26 
_pdbx_modification_feature.modified_residue_label_alt_id      B 
_pdbx_modification_feature.auth_comp_id                       CYS 
_pdbx_modification_feature.auth_asym_id                       A 
_pdbx_modification_feature.auth_seq_id                        26 
_pdbx_modification_feature.PDB_ins_code                       ? 
_pdbx_modification_feature.symmetry                           1_555 
_pdbx_modification_feature.modified_residue_auth_comp_id      CYS 
_pdbx_modification_feature.modified_residue_auth_asym_id      A 
_pdbx_modification_feature.modified_residue_auth_seq_id       29 
_pdbx_modification_feature.modified_residue_PDB_ins_code      ? 
_pdbx_modification_feature.modified_residue_symmetry          1_555 
_pdbx_modification_feature.comp_id_linking_atom               SG 
_pdbx_modification_feature.modified_residue_id_linking_atom   SG 
_pdbx_modification_feature.modified_residue_id                . 
_pdbx_modification_feature.ref_pcm_id                         . 
_pdbx_modification_feature.ref_comp_id                        . 
_pdbx_modification_feature.type                               None 
_pdbx_modification_feature.category                           'Disulfide bridge' 
# 
_struct_mon_prot_cis.pdbx_id                1 
_struct_mon_prot_cis.label_comp_id          THR 
_struct_mon_prot_cis.label_seq_id           150 
_struct_mon_prot_cis.label_asym_id          A 
_struct_mon_prot_cis.label_alt_id           . 
_struct_mon_prot_cis.pdbx_PDB_ins_code      ? 
_struct_mon_prot_cis.auth_comp_id           THR 
_struct_mon_prot_cis.auth_seq_id            153 
_struct_mon_prot_cis.auth_asym_id           A 
_struct_mon_prot_cis.pdbx_label_comp_id_2   PRO 
_struct_mon_prot_cis.pdbx_label_seq_id_2    151 
_struct_mon_prot_cis.pdbx_label_asym_id_2   A 
_struct_mon_prot_cis.pdbx_PDB_ins_code_2    ? 
_struct_mon_prot_cis.pdbx_auth_comp_id_2    PRO 
_struct_mon_prot_cis.pdbx_auth_seq_id_2     154 
_struct_mon_prot_cis.pdbx_auth_asym_id_2    A 
_struct_mon_prot_cis.pdbx_PDB_model_num     1 
_struct_mon_prot_cis.pdbx_omega_angle       0.00 
# 
_struct_sheet.id               A 
_struct_sheet.type             ? 
_struct_sheet.number_strands   4 
_struct_sheet.details          ? 
# 
loop_
_struct_sheet_order.sheet_id 
_struct_sheet_order.range_id_1 
_struct_sheet_order.range_id_2 
_struct_sheet_order.offset 
_struct_sheet_order.sense 
A 1 2 ? parallel      
A 2 3 ? anti-parallel 
A 3 4 ? anti-parallel 
# 
loop_
_struct_sheet_range.sheet_id 
_struct_sheet_range.id 
_struct_sheet_range.beg_label_comp_id 
_struct_sheet_range.beg_label_asym_id 
_struct_sheet_range.beg_label_seq_id 
_struct_sheet_range.pdbx_beg_PDB_ins_code 
_struct_sheet_range.end_label_comp_id 
_struct_sheet_range.end_label_asym_id 
_struct_sheet_range.end_label_seq_id 
_struct_sheet_range.pdbx_end_PDB_ins_code 
_struct_sheet_range.beg_auth_comp_id 
_struct_sheet_range.beg_auth_asym_id 
_struct_sheet_range.beg_auth_seq_id 
_struct_sheet_range.end_auth_comp_id 
_struct_sheet_range.end_auth_asym_id 
_struct_sheet_range.end_auth_seq_id 
A 1 GLU A 48  ? ASN A 53  ? GLU A 51  ASN A 56  
A 2 LEU A 14  ? GLY A 19  ? LEU A 17  GLY A 22  
A 3 THR A 152 ? ILE A 155 ? THR A 155 ILE A 158 
A 4 GLU A 158 ? LYS A 159 ? GLU A 161 LYS A 162 
# 
loop_
_pdbx_struct_sheet_hbond.sheet_id 
_pdbx_struct_sheet_hbond.range_id_1 
_pdbx_struct_sheet_hbond.range_id_2 
_pdbx_struct_sheet_hbond.range_1_label_atom_id 
_pdbx_struct_sheet_hbond.range_1_label_comp_id 
_pdbx_struct_sheet_hbond.range_1_label_asym_id 
_pdbx_struct_sheet_hbond.range_1_label_seq_id 
_pdbx_struct_sheet_hbond.range_1_PDB_ins_code 
_pdbx_struct_sheet_hbond.range_1_auth_atom_id 
_pdbx_struct_sheet_hbond.range_1_auth_comp_id 
_pdbx_struct_sheet_hbond.range_1_auth_asym_id 
_pdbx_struct_sheet_hbond.range_1_auth_seq_id 
_pdbx_struct_sheet_hbond.range_2_label_atom_id 
_pdbx_struct_sheet_hbond.range_2_label_comp_id 
_pdbx_struct_sheet_hbond.range_2_label_asym_id 
_pdbx_struct_sheet_hbond.range_2_label_seq_id 
_pdbx_struct_sheet_hbond.range_2_PDB_ins_code 
_pdbx_struct_sheet_hbond.range_2_auth_atom_id 
_pdbx_struct_sheet_hbond.range_2_auth_comp_id 
_pdbx_struct_sheet_hbond.range_2_auth_asym_id 
_pdbx_struct_sheet_hbond.range_2_auth_seq_id 
A 1 2 O GLU A 48  ? O GLU A 51  N VAL A 15  ? N VAL A 18  
A 2 3 N VAL A 16  ? N VAL A 19  O PHE A 154 ? O PHE A 157 
A 3 4 N ILE A 155 ? N ILE A 158 O GLU A 158 ? O GLU A 161 
# 
_pdbx_entry_details.entry_id                   3BD2 
_pdbx_entry_details.compound_details           ? 
_pdbx_entry_details.source_details             ? 
_pdbx_entry_details.nonpolymer_details         ? 
_pdbx_entry_details.sequence_details           ? 
_pdbx_entry_details.has_ligand_of_interest     ? 
_pdbx_entry_details.has_protein_modification   Y 
# 
loop_
_pdbx_validate_torsion.id 
_pdbx_validate_torsion.PDB_model_num 
_pdbx_validate_torsion.auth_comp_id 
_pdbx_validate_torsion.auth_asym_id 
_pdbx_validate_torsion.auth_seq_id 
_pdbx_validate_torsion.PDB_ins_code 
_pdbx_validate_torsion.label_alt_id 
_pdbx_validate_torsion.phi 
_pdbx_validate_torsion.psi 
1 1 TYR A 44 ? ? -134.83 -30.88  
2 1 LEU A 60 ? ? -106.04 49.64   
3 1 GLN A 94 ? ? -119.99 -165.01 
# 
loop_
_pdbx_unobs_or_zero_occ_residues.id 
_pdbx_unobs_or_zero_occ_residues.PDB_model_num 
_pdbx_unobs_or_zero_occ_residues.polymer_flag 
_pdbx_unobs_or_zero_occ_residues.occupancy_flag 
_pdbx_unobs_or_zero_occ_residues.auth_asym_id 
_pdbx_unobs_or_zero_occ_residues.auth_comp_id 
_pdbx_unobs_or_zero_occ_residues.auth_seq_id 
_pdbx_unobs_or_zero_occ_residues.PDB_ins_code 
_pdbx_unobs_or_zero_occ_residues.label_asym_id 
_pdbx_unobs_or_zero_occ_residues.label_comp_id 
_pdbx_unobs_or_zero_occ_residues.label_seq_id 
1  1 Y 1 A MET 4   ? A MET 1   
2  1 Y 1 A ALA 5   ? A ALA 2   
3  1 Y 1 A SER 6   ? A SER 3   
4  1 Y 1 A ALA 7   ? A ALA 4   
5  1 Y 1 A THR 8   ? A THR 5   
6  1 Y 1 A THR 9   ? A THR 6   
7  1 Y 1 A SER 10  ? A SER 7   
8  1 Y 1 A SER 11  ? A SER 8   
9  1 Y 1 A LYS 12  ? A LYS 9   
10 1 Y 1 A ASN 13  ? A ASN 10  
11 1 Y 1 A ASP 178 ? A ASP 175 
12 1 Y 1 A LYS 179 ? A LYS 176 
13 1 Y 1 A ILE 180 ? A ILE 177 
14 1 Y 1 A LYS 181 ? A LYS 178 
15 1 Y 1 A LEU 182 ? A LEU 179 
16 1 Y 1 A GLU 183 ? A GLU 180 
17 1 Y 1 A HIS 184 ? A HIS 181 
18 1 Y 1 A HIS 185 ? A HIS 182 
19 1 Y 1 A HIS 186 ? A HIS 183 
20 1 Y 1 A HIS 187 ? A HIS 184 
21 1 Y 1 A HIS 188 ? A HIS 185 
22 1 Y 1 A HIS 189 ? A HIS 186 
# 
loop_
_chem_comp_atom.comp_id 
_chem_comp_atom.atom_id 
_chem_comp_atom.type_symbol 
_chem_comp_atom.pdbx_aromatic_flag 
_chem_comp_atom.pdbx_stereo_config 
_chem_comp_atom.pdbx_ordinal 
ALA N    N N N 1   
ALA CA   C N S 2   
ALA C    C N N 3   
ALA O    O N N 4   
ALA CB   C N N 5   
ALA OXT  O N N 6   
ALA H    H N N 7   
ALA H2   H N N 8   
ALA HA   H N N 9   
ALA HB1  H N N 10  
ALA HB2  H N N 11  
ALA HB3  H N N 12  
ALA HXT  H N N 13  
ARG N    N N N 14  
ARG CA   C N S 15  
ARG C    C N N 16  
ARG O    O N N 17  
ARG CB   C N N 18  
ARG CG   C N N 19  
ARG CD   C N N 20  
ARG NE   N N N 21  
ARG CZ   C N N 22  
ARG NH1  N N N 23  
ARG NH2  N N N 24  
ARG OXT  O N N 25  
ARG H    H N N 26  
ARG H2   H N N 27  
ARG HA   H N N 28  
ARG HB2  H N N 29  
ARG HB3  H N N 30  
ARG HG2  H N N 31  
ARG HG3  H N N 32  
ARG HD2  H N N 33  
ARG HD3  H N N 34  
ARG HE   H N N 35  
ARG HH11 H N N 36  
ARG HH12 H N N 37  
ARG HH21 H N N 38  
ARG HH22 H N N 39  
ARG HXT  H N N 40  
ASN N    N N N 41  
ASN CA   C N S 42  
ASN C    C N N 43  
ASN O    O N N 44  
ASN CB   C N N 45  
ASN CG   C N N 46  
ASN OD1  O N N 47  
ASN ND2  N N N 48  
ASN OXT  O N N 49  
ASN H    H N N 50  
ASN H2   H N N 51  
ASN HA   H N N 52  
ASN HB2  H N N 53  
ASN HB3  H N N 54  
ASN HD21 H N N 55  
ASN HD22 H N N 56  
ASN HXT  H N N 57  
ASP N    N N N 58  
ASP CA   C N S 59  
ASP C    C N N 60  
ASP O    O N N 61  
ASP CB   C N N 62  
ASP CG   C N N 63  
ASP OD1  O N N 64  
ASP OD2  O N N 65  
ASP OXT  O N N 66  
ASP H    H N N 67  
ASP H2   H N N 68  
ASP HA   H N N 69  
ASP HB2  H N N 70  
ASP HB3  H N N 71  
ASP HD2  H N N 72  
ASP HXT  H N N 73  
CYS N    N N N 74  
CYS CA   C N R 75  
CYS C    C N N 76  
CYS O    O N N 77  
CYS CB   C N N 78  
CYS SG   S N N 79  
CYS OXT  O N N 80  
CYS H    H N N 81  
CYS H2   H N N 82  
CYS HA   H N N 83  
CYS HB2  H N N 84  
CYS HB3  H N N 85  
CYS HG   H N N 86  
CYS HXT  H N N 87  
GLN N    N N N 88  
GLN CA   C N S 89  
GLN C    C N N 90  
GLN O    O N N 91  
GLN CB   C N N 92  
GLN CG   C N N 93  
GLN CD   C N N 94  
GLN OE1  O N N 95  
GLN NE2  N N N 96  
GLN OXT  O N N 97  
GLN H    H N N 98  
GLN H2   H N N 99  
GLN HA   H N N 100 
GLN HB2  H N N 101 
GLN HB3  H N N 102 
GLN HG2  H N N 103 
GLN HG3  H N N 104 
GLN HE21 H N N 105 
GLN HE22 H N N 106 
GLN HXT  H N N 107 
GLU N    N N N 108 
GLU CA   C N S 109 
GLU C    C N N 110 
GLU O    O N N 111 
GLU CB   C N N 112 
GLU CG   C N N 113 
GLU CD   C N N 114 
GLU OE1  O N N 115 
GLU OE2  O N N 116 
GLU OXT  O N N 117 
GLU H    H N N 118 
GLU H2   H N N 119 
GLU HA   H N N 120 
GLU HB2  H N N 121 
GLU HB3  H N N 122 
GLU HG2  H N N 123 
GLU HG3  H N N 124 
GLU HE2  H N N 125 
GLU HXT  H N N 126 
GLY N    N N N 127 
GLY CA   C N N 128 
GLY C    C N N 129 
GLY O    O N N 130 
GLY OXT  O N N 131 
GLY H    H N N 132 
GLY H2   H N N 133 
GLY HA2  H N N 134 
GLY HA3  H N N 135 
GLY HXT  H N N 136 
HIS N    N N N 137 
HIS CA   C N S 138 
HIS C    C N N 139 
HIS O    O N N 140 
HIS CB   C N N 141 
HIS CG   C Y N 142 
HIS ND1  N Y N 143 
HIS CD2  C Y N 144 
HIS CE1  C Y N 145 
HIS NE2  N Y N 146 
HIS OXT  O N N 147 
HIS H    H N N 148 
HIS H2   H N N 149 
HIS HA   H N N 150 
HIS HB2  H N N 151 
HIS HB3  H N N 152 
HIS HD1  H N N 153 
HIS HD2  H N N 154 
HIS HE1  H N N 155 
HIS HE2  H N N 156 
HIS HXT  H N N 157 
HOH O    O N N 158 
HOH H1   H N N 159 
HOH H2   H N N 160 
ILE N    N N N 161 
ILE CA   C N S 162 
ILE C    C N N 163 
ILE O    O N N 164 
ILE CB   C N S 165 
ILE CG1  C N N 166 
ILE CG2  C N N 167 
ILE CD1  C N N 168 
ILE OXT  O N N 169 
ILE H    H N N 170 
ILE H2   H N N 171 
ILE HA   H N N 172 
ILE HB   H N N 173 
ILE HG12 H N N 174 
ILE HG13 H N N 175 
ILE HG21 H N N 176 
ILE HG22 H N N 177 
ILE HG23 H N N 178 
ILE HD11 H N N 179 
ILE HD12 H N N 180 
ILE HD13 H N N 181 
ILE HXT  H N N 182 
LEU N    N N N 183 
LEU CA   C N S 184 
LEU C    C N N 185 
LEU O    O N N 186 
LEU CB   C N N 187 
LEU CG   C N N 188 
LEU CD1  C N N 189 
LEU CD2  C N N 190 
LEU OXT  O N N 191 
LEU H    H N N 192 
LEU H2   H N N 193 
LEU HA   H N N 194 
LEU HB2  H N N 195 
LEU HB3  H N N 196 
LEU HG   H N N 197 
LEU HD11 H N N 198 
LEU HD12 H N N 199 
LEU HD13 H N N 200 
LEU HD21 H N N 201 
LEU HD22 H N N 202 
LEU HD23 H N N 203 
LEU HXT  H N N 204 
LYS N    N N N 205 
LYS CA   C N S 206 
LYS C    C N N 207 
LYS O    O N N 208 
LYS CB   C N N 209 
LYS CG   C N N 210 
LYS CD   C N N 211 
LYS CE   C N N 212 
LYS NZ   N N N 213 
LYS OXT  O N N 214 
LYS H    H N N 215 
LYS H2   H N N 216 
LYS HA   H N N 217 
LYS HB2  H N N 218 
LYS HB3  H N N 219 
LYS HG2  H N N 220 
LYS HG3  H N N 221 
LYS HD2  H N N 222 
LYS HD3  H N N 223 
LYS HE2  H N N 224 
LYS HE3  H N N 225 
LYS HZ1  H N N 226 
LYS HZ2  H N N 227 
LYS HZ3  H N N 228 
LYS HXT  H N N 229 
MET N    N N N 230 
MET CA   C N S 231 
MET C    C N N 232 
MET O    O N N 233 
MET CB   C N N 234 
MET CG   C N N 235 
MET SD   S N N 236 
MET CE   C N N 237 
MET OXT  O N N 238 
MET H    H N N 239 
MET H2   H N N 240 
MET HA   H N N 241 
MET HB2  H N N 242 
MET HB3  H N N 243 
MET HG2  H N N 244 
MET HG3  H N N 245 
MET HE1  H N N 246 
MET HE2  H N N 247 
MET HE3  H N N 248 
MET HXT  H N N 249 
PHE N    N N N 250 
PHE CA   C N S 251 
PHE C    C N N 252 
PHE O    O N N 253 
PHE CB   C N N 254 
PHE CG   C Y N 255 
PHE CD1  C Y N 256 
PHE CD2  C Y N 257 
PHE CE1  C Y N 258 
PHE CE2  C Y N 259 
PHE CZ   C Y N 260 
PHE OXT  O N N 261 
PHE H    H N N 262 
PHE H2   H N N 263 
PHE HA   H N N 264 
PHE HB2  H N N 265 
PHE HB3  H N N 266 
PHE HD1  H N N 267 
PHE HD2  H N N 268 
PHE HE1  H N N 269 
PHE HE2  H N N 270 
PHE HZ   H N N 271 
PHE HXT  H N N 272 
PRO N    N N N 273 
PRO CA   C N S 274 
PRO C    C N N 275 
PRO O    O N N 276 
PRO CB   C N N 277 
PRO CG   C N N 278 
PRO CD   C N N 279 
PRO OXT  O N N 280 
PRO H    H N N 281 
PRO HA   H N N 282 
PRO HB2  H N N 283 
PRO HB3  H N N 284 
PRO HG2  H N N 285 
PRO HG3  H N N 286 
PRO HD2  H N N 287 
PRO HD3  H N N 288 
PRO HXT  H N N 289 
SER N    N N N 290 
SER CA   C N S 291 
SER C    C N N 292 
SER O    O N N 293 
SER CB   C N N 294 
SER OG   O N N 295 
SER OXT  O N N 296 
SER H    H N N 297 
SER H2   H N N 298 
SER HA   H N N 299 
SER HB2  H N N 300 
SER HB3  H N N 301 
SER HG   H N N 302 
SER HXT  H N N 303 
THR N    N N N 304 
THR CA   C N S 305 
THR C    C N N 306 
THR O    O N N 307 
THR CB   C N R 308 
THR OG1  O N N 309 
THR CG2  C N N 310 
THR OXT  O N N 311 
THR H    H N N 312 
THR H2   H N N 313 
THR HA   H N N 314 
THR HB   H N N 315 
THR HG1  H N N 316 
THR HG21 H N N 317 
THR HG22 H N N 318 
THR HG23 H N N 319 
THR HXT  H N N 320 
TRP N    N N N 321 
TRP CA   C N S 322 
TRP C    C N N 323 
TRP O    O N N 324 
TRP CB   C N N 325 
TRP CG   C Y N 326 
TRP CD1  C Y N 327 
TRP CD2  C Y N 328 
TRP NE1  N Y N 329 
TRP CE2  C Y N 330 
TRP CE3  C Y N 331 
TRP CZ2  C Y N 332 
TRP CZ3  C Y N 333 
TRP CH2  C Y N 334 
TRP OXT  O N N 335 
TRP H    H N N 336 
TRP H2   H N N 337 
TRP HA   H N N 338 
TRP HB2  H N N 339 
TRP HB3  H N N 340 
TRP HD1  H N N 341 
TRP HE1  H N N 342 
TRP HE3  H N N 343 
TRP HZ2  H N N 344 
TRP HZ3  H N N 345 
TRP HH2  H N N 346 
TRP HXT  H N N 347 
TYR N    N N N 348 
TYR CA   C N S 349 
TYR C    C N N 350 
TYR O    O N N 351 
TYR CB   C N N 352 
TYR CG   C Y N 353 
TYR CD1  C Y N 354 
TYR CD2  C Y N 355 
TYR CE1  C Y N 356 
TYR CE2  C Y N 357 
TYR CZ   C Y N 358 
TYR OH   O N N 359 
TYR OXT  O N N 360 
TYR H    H N N 361 
TYR H2   H N N 362 
TYR HA   H N N 363 
TYR HB2  H N N 364 
TYR HB3  H N N 365 
TYR HD1  H N N 366 
TYR HD2  H N N 367 
TYR HE1  H N N 368 
TYR HE2  H N N 369 
TYR HH   H N N 370 
TYR HXT  H N N 371 
VAL N    N N N 372 
VAL CA   C N S 373 
VAL C    C N N 374 
VAL O    O N N 375 
VAL CB   C N N 376 
VAL CG1  C N N 377 
VAL CG2  C N N 378 
VAL OXT  O N N 379 
VAL H    H N N 380 
VAL H2   H N N 381 
VAL HA   H N N 382 
VAL HB   H N N 383 
VAL HG11 H N N 384 
VAL HG12 H N N 385 
VAL HG13 H N N 386 
VAL HG21 H N N 387 
VAL HG22 H N N 388 
VAL HG23 H N N 389 
VAL HXT  H N N 390 
# 
loop_
_chem_comp_bond.comp_id 
_chem_comp_bond.atom_id_1 
_chem_comp_bond.atom_id_2 
_chem_comp_bond.value_order 
_chem_comp_bond.pdbx_aromatic_flag 
_chem_comp_bond.pdbx_stereo_config 
_chem_comp_bond.pdbx_ordinal 
ALA N   CA   sing N N 1   
ALA N   H    sing N N 2   
ALA N   H2   sing N N 3   
ALA CA  C    sing N N 4   
ALA CA  CB   sing N N 5   
ALA CA  HA   sing N N 6   
ALA C   O    doub N N 7   
ALA C   OXT  sing N N 8   
ALA CB  HB1  sing N N 9   
ALA CB  HB2  sing N N 10  
ALA CB  HB3  sing N N 11  
ALA OXT HXT  sing N N 12  
ARG N   CA   sing N N 13  
ARG N   H    sing N N 14  
ARG N   H2   sing N N 15  
ARG CA  C    sing N N 16  
ARG CA  CB   sing N N 17  
ARG CA  HA   sing N N 18  
ARG C   O    doub N N 19  
ARG C   OXT  sing N N 20  
ARG CB  CG   sing N N 21  
ARG CB  HB2  sing N N 22  
ARG CB  HB3  sing N N 23  
ARG CG  CD   sing N N 24  
ARG CG  HG2  sing N N 25  
ARG CG  HG3  sing N N 26  
ARG CD  NE   sing N N 27  
ARG CD  HD2  sing N N 28  
ARG CD  HD3  sing N N 29  
ARG NE  CZ   sing N N 30  
ARG NE  HE   sing N N 31  
ARG CZ  NH1  sing N N 32  
ARG CZ  NH2  doub N N 33  
ARG NH1 HH11 sing N N 34  
ARG NH1 HH12 sing N N 35  
ARG NH2 HH21 sing N N 36  
ARG NH2 HH22 sing N N 37  
ARG OXT HXT  sing N N 38  
ASN N   CA   sing N N 39  
ASN N   H    sing N N 40  
ASN N   H2   sing N N 41  
ASN CA  C    sing N N 42  
ASN CA  CB   sing N N 43  
ASN CA  HA   sing N N 44  
ASN C   O    doub N N 45  
ASN C   OXT  sing N N 46  
ASN CB  CG   sing N N 47  
ASN CB  HB2  sing N N 48  
ASN CB  HB3  sing N N 49  
ASN CG  OD1  doub N N 50  
ASN CG  ND2  sing N N 51  
ASN ND2 HD21 sing N N 52  
ASN ND2 HD22 sing N N 53  
ASN OXT HXT  sing N N 54  
ASP N   CA   sing N N 55  
ASP N   H    sing N N 56  
ASP N   H2   sing N N 57  
ASP CA  C    sing N N 58  
ASP CA  CB   sing N N 59  
ASP CA  HA   sing N N 60  
ASP C   O    doub N N 61  
ASP C   OXT  sing N N 62  
ASP CB  CG   sing N N 63  
ASP CB  HB2  sing N N 64  
ASP CB  HB3  sing N N 65  
ASP CG  OD1  doub N N 66  
ASP CG  OD2  sing N N 67  
ASP OD2 HD2  sing N N 68  
ASP OXT HXT  sing N N 69  
CYS N   CA   sing N N 70  
CYS N   H    sing N N 71  
CYS N   H2   sing N N 72  
CYS CA  C    sing N N 73  
CYS CA  CB   sing N N 74  
CYS CA  HA   sing N N 75  
CYS C   O    doub N N 76  
CYS C   OXT  sing N N 77  
CYS CB  SG   sing N N 78  
CYS CB  HB2  sing N N 79  
CYS CB  HB3  sing N N 80  
CYS SG  HG   sing N N 81  
CYS OXT HXT  sing N N 82  
GLN N   CA   sing N N 83  
GLN N   H    sing N N 84  
GLN N   H2   sing N N 85  
GLN CA  C    sing N N 86  
GLN CA  CB   sing N N 87  
GLN CA  HA   sing N N 88  
GLN C   O    doub N N 89  
GLN C   OXT  sing N N 90  
GLN CB  CG   sing N N 91  
GLN CB  HB2  sing N N 92  
GLN CB  HB3  sing N N 93  
GLN CG  CD   sing N N 94  
GLN CG  HG2  sing N N 95  
GLN CG  HG3  sing N N 96  
GLN CD  OE1  doub N N 97  
GLN CD  NE2  sing N N 98  
GLN NE2 HE21 sing N N 99  
GLN NE2 HE22 sing N N 100 
GLN OXT HXT  sing N N 101 
GLU N   CA   sing N N 102 
GLU N   H    sing N N 103 
GLU N   H2   sing N N 104 
GLU CA  C    sing N N 105 
GLU CA  CB   sing N N 106 
GLU CA  HA   sing N N 107 
GLU C   O    doub N N 108 
GLU C   OXT  sing N N 109 
GLU CB  CG   sing N N 110 
GLU CB  HB2  sing N N 111 
GLU CB  HB3  sing N N 112 
GLU CG  CD   sing N N 113 
GLU CG  HG2  sing N N 114 
GLU CG  HG3  sing N N 115 
GLU CD  OE1  doub N N 116 
GLU CD  OE2  sing N N 117 
GLU OE2 HE2  sing N N 118 
GLU OXT HXT  sing N N 119 
GLY N   CA   sing N N 120 
GLY N   H    sing N N 121 
GLY N   H2   sing N N 122 
GLY CA  C    sing N N 123 
GLY CA  HA2  sing N N 124 
GLY CA  HA3  sing N N 125 
GLY C   O    doub N N 126 
GLY C   OXT  sing N N 127 
GLY OXT HXT  sing N N 128 
HIS N   CA   sing N N 129 
HIS N   H    sing N N 130 
HIS N   H2   sing N N 131 
HIS CA  C    sing N N 132 
HIS CA  CB   sing N N 133 
HIS CA  HA   sing N N 134 
HIS C   O    doub N N 135 
HIS C   OXT  sing N N 136 
HIS CB  CG   sing N N 137 
HIS CB  HB2  sing N N 138 
HIS CB  HB3  sing N N 139 
HIS CG  ND1  sing Y N 140 
HIS CG  CD2  doub Y N 141 
HIS ND1 CE1  doub Y N 142 
HIS ND1 HD1  sing N N 143 
HIS CD2 NE2  sing Y N 144 
HIS CD2 HD2  sing N N 145 
HIS CE1 NE2  sing Y N 146 
HIS CE1 HE1  sing N N 147 
HIS NE2 HE2  sing N N 148 
HIS OXT HXT  sing N N 149 
HOH O   H1   sing N N 150 
HOH O   H2   sing N N 151 
ILE N   CA   sing N N 152 
ILE N   H    sing N N 153 
ILE N   H2   sing N N 154 
ILE CA  C    sing N N 155 
ILE CA  CB   sing N N 156 
ILE CA  HA   sing N N 157 
ILE C   O    doub N N 158 
ILE C   OXT  sing N N 159 
ILE CB  CG1  sing N N 160 
ILE CB  CG2  sing N N 161 
ILE CB  HB   sing N N 162 
ILE CG1 CD1  sing N N 163 
ILE CG1 HG12 sing N N 164 
ILE CG1 HG13 sing N N 165 
ILE CG2 HG21 sing N N 166 
ILE CG2 HG22 sing N N 167 
ILE CG2 HG23 sing N N 168 
ILE CD1 HD11 sing N N 169 
ILE CD1 HD12 sing N N 170 
ILE CD1 HD13 sing N N 171 
ILE OXT HXT  sing N N 172 
LEU N   CA   sing N N 173 
LEU N   H    sing N N 174 
LEU N   H2   sing N N 175 
LEU CA  C    sing N N 176 
LEU CA  CB   sing N N 177 
LEU CA  HA   sing N N 178 
LEU C   O    doub N N 179 
LEU C   OXT  sing N N 180 
LEU CB  CG   sing N N 181 
LEU CB  HB2  sing N N 182 
LEU CB  HB3  sing N N 183 
LEU CG  CD1  sing N N 184 
LEU CG  CD2  sing N N 185 
LEU CG  HG   sing N N 186 
LEU CD1 HD11 sing N N 187 
LEU CD1 HD12 sing N N 188 
LEU CD1 HD13 sing N N 189 
LEU CD2 HD21 sing N N 190 
LEU CD2 HD22 sing N N 191 
LEU CD2 HD23 sing N N 192 
LEU OXT HXT  sing N N 193 
LYS N   CA   sing N N 194 
LYS N   H    sing N N 195 
LYS N   H2   sing N N 196 
LYS CA  C    sing N N 197 
LYS CA  CB   sing N N 198 
LYS CA  HA   sing N N 199 
LYS C   O    doub N N 200 
LYS C   OXT  sing N N 201 
LYS CB  CG   sing N N 202 
LYS CB  HB2  sing N N 203 
LYS CB  HB3  sing N N 204 
LYS CG  CD   sing N N 205 
LYS CG  HG2  sing N N 206 
LYS CG  HG3  sing N N 207 
LYS CD  CE   sing N N 208 
LYS CD  HD2  sing N N 209 
LYS CD  HD3  sing N N 210 
LYS CE  NZ   sing N N 211 
LYS CE  HE2  sing N N 212 
LYS CE  HE3  sing N N 213 
LYS NZ  HZ1  sing N N 214 
LYS NZ  HZ2  sing N N 215 
LYS NZ  HZ3  sing N N 216 
LYS OXT HXT  sing N N 217 
MET N   CA   sing N N 218 
MET N   H    sing N N 219 
MET N   H2   sing N N 220 
MET CA  C    sing N N 221 
MET CA  CB   sing N N 222 
MET CA  HA   sing N N 223 
MET C   O    doub N N 224 
MET C   OXT  sing N N 225 
MET CB  CG   sing N N 226 
MET CB  HB2  sing N N 227 
MET CB  HB3  sing N N 228 
MET CG  SD   sing N N 229 
MET CG  HG2  sing N N 230 
MET CG  HG3  sing N N 231 
MET SD  CE   sing N N 232 
MET CE  HE1  sing N N 233 
MET CE  HE2  sing N N 234 
MET CE  HE3  sing N N 235 
MET OXT HXT  sing N N 236 
PHE N   CA   sing N N 237 
PHE N   H    sing N N 238 
PHE N   H2   sing N N 239 
PHE CA  C    sing N N 240 
PHE CA  CB   sing N N 241 
PHE CA  HA   sing N N 242 
PHE C   O    doub N N 243 
PHE C   OXT  sing N N 244 
PHE CB  CG   sing N N 245 
PHE CB  HB2  sing N N 246 
PHE CB  HB3  sing N N 247 
PHE CG  CD1  doub Y N 248 
PHE CG  CD2  sing Y N 249 
PHE CD1 CE1  sing Y N 250 
PHE CD1 HD1  sing N N 251 
PHE CD2 CE2  doub Y N 252 
PHE CD2 HD2  sing N N 253 
PHE CE1 CZ   doub Y N 254 
PHE CE1 HE1  sing N N 255 
PHE CE2 CZ   sing Y N 256 
PHE CE2 HE2  sing N N 257 
PHE CZ  HZ   sing N N 258 
PHE OXT HXT  sing N N 259 
PRO N   CA   sing N N 260 
PRO N   CD   sing N N 261 
PRO N   H    sing N N 262 
PRO CA  C    sing N N 263 
PRO CA  CB   sing N N 264 
PRO CA  HA   sing N N 265 
PRO C   O    doub N N 266 
PRO C   OXT  sing N N 267 
PRO CB  CG   sing N N 268 
PRO CB  HB2  sing N N 269 
PRO CB  HB3  sing N N 270 
PRO CG  CD   sing N N 271 
PRO CG  HG2  sing N N 272 
PRO CG  HG3  sing N N 273 
PRO CD  HD2  sing N N 274 
PRO CD  HD3  sing N N 275 
PRO OXT HXT  sing N N 276 
SER N   CA   sing N N 277 
SER N   H    sing N N 278 
SER N   H2   sing N N 279 
SER CA  C    sing N N 280 
SER CA  CB   sing N N 281 
SER CA  HA   sing N N 282 
SER C   O    doub N N 283 
SER C   OXT  sing N N 284 
SER CB  OG   sing N N 285 
SER CB  HB2  sing N N 286 
SER CB  HB3  sing N N 287 
SER OG  HG   sing N N 288 
SER OXT HXT  sing N N 289 
THR N   CA   sing N N 290 
THR N   H    sing N N 291 
THR N   H2   sing N N 292 
THR CA  C    sing N N 293 
THR CA  CB   sing N N 294 
THR CA  HA   sing N N 295 
THR C   O    doub N N 296 
THR C   OXT  sing N N 297 
THR CB  OG1  sing N N 298 
THR CB  CG2  sing N N 299 
THR CB  HB   sing N N 300 
THR OG1 HG1  sing N N 301 
THR CG2 HG21 sing N N 302 
THR CG2 HG22 sing N N 303 
THR CG2 HG23 sing N N 304 
THR OXT HXT  sing N N 305 
TRP N   CA   sing N N 306 
TRP N   H    sing N N 307 
TRP N   H2   sing N N 308 
TRP CA  C    sing N N 309 
TRP CA  CB   sing N N 310 
TRP CA  HA   sing N N 311 
TRP C   O    doub N N 312 
TRP C   OXT  sing N N 313 
TRP CB  CG   sing N N 314 
TRP CB  HB2  sing N N 315 
TRP CB  HB3  sing N N 316 
TRP CG  CD1  doub Y N 317 
TRP CG  CD2  sing Y N 318 
TRP CD1 NE1  sing Y N 319 
TRP CD1 HD1  sing N N 320 
TRP CD2 CE2  doub Y N 321 
TRP CD2 CE3  sing Y N 322 
TRP NE1 CE2  sing Y N 323 
TRP NE1 HE1  sing N N 324 
TRP CE2 CZ2  sing Y N 325 
TRP CE3 CZ3  doub Y N 326 
TRP CE3 HE3  sing N N 327 
TRP CZ2 CH2  doub Y N 328 
TRP CZ2 HZ2  sing N N 329 
TRP CZ3 CH2  sing Y N 330 
TRP CZ3 HZ3  sing N N 331 
TRP CH2 HH2  sing N N 332 
TRP OXT HXT  sing N N 333 
TYR N   CA   sing N N 334 
TYR N   H    sing N N 335 
TYR N   H2   sing N N 336 
TYR CA  C    sing N N 337 
TYR CA  CB   sing N N 338 
TYR CA  HA   sing N N 339 
TYR C   O    doub N N 340 
TYR C   OXT  sing N N 341 
TYR CB  CG   sing N N 342 
TYR CB  HB2  sing N N 343 
TYR CB  HB3  sing N N 344 
TYR CG  CD1  doub Y N 345 
TYR CG  CD2  sing Y N 346 
TYR CD1 CE1  sing Y N 347 
TYR CD1 HD1  sing N N 348 
TYR CD2 CE2  doub Y N 349 
TYR CD2 HD2  sing N N 350 
TYR CE1 CZ   doub Y N 351 
TYR CE1 HE1  sing N N 352 
TYR CE2 CZ   sing Y N 353 
TYR CE2 HE2  sing N N 354 
TYR CZ  OH   sing N N 355 
TYR OH  HH   sing N N 356 
TYR OXT HXT  sing N N 357 
VAL N   CA   sing N N 358 
VAL N   H    sing N N 359 
VAL N   H2   sing N N 360 
VAL CA  C    sing N N 361 
VAL CA  CB   sing N N 362 
VAL CA  HA   sing N N 363 
VAL C   O    doub N N 364 
VAL C   OXT  sing N N 365 
VAL CB  CG1  sing N N 366 
VAL CB  CG2  sing N N 367 
VAL CB  HB   sing N N 368 
VAL CG1 HG11 sing N N 369 
VAL CG1 HG12 sing N N 370 
VAL CG1 HG13 sing N N 371 
VAL CG2 HG21 sing N N 372 
VAL CG2 HG22 sing N N 373 
VAL CG2 HG23 sing N N 374 
VAL OXT HXT  sing N N 375 
# 
_pdbx_initial_refinement_model.id               1 
_pdbx_initial_refinement_model.entity_id_list   ? 
_pdbx_initial_refinement_model.type             'experimental model' 
_pdbx_initial_refinement_model.source_name      PDB 
_pdbx_initial_refinement_model.accession_code   3BCI 
_pdbx_initial_refinement_model.details          ? 
# 
_atom_sites.entry_id                    3BD2 
_atom_sites.fract_transf_matrix[1][1]   0.01484909 
_atom_sites.fract_transf_matrix[1][2]   -0.00518225 
_atom_sites.fract_transf_matrix[1][3]   0.00262490 
_atom_sites.fract_transf_matrix[2][1]   0.00809191 
_atom_sites.fract_transf_matrix[2][2]   -0.00725273 
_atom_sites.fract_transf_matrix[2][3]   -0.01166884 
_atom_sites.fract_transf_matrix[3][1]   0.00389591 
_atom_sites.fract_transf_matrix[3][2]   0.00953106 
_atom_sites.fract_transf_matrix[3][3]   -0.00322233 
_atom_sites.fract_transf_vector[1]      0.503190 
_atom_sites.fract_transf_vector[2]      0.357076 
_atom_sites.fract_transf_vector[3]      0.025324 
# 
loop_
_atom_type.symbol 
C 
N 
O 
S 
# 
loop_
_atom_site.group_PDB 
_atom_site.id 
_atom_site.type_symbol 
_atom_site.label_atom_id 
_atom_site.label_alt_id 
_atom_site.label_comp_id 
_atom_site.label_asym_id 
_atom_site.label_entity_id 
_atom_site.label_seq_id 
_atom_site.pdbx_PDB_ins_code 
_atom_site.Cartn_x 
_atom_site.Cartn_y 
_atom_site.Cartn_z 
_atom_site.occupancy 
_atom_site.B_iso_or_equiv 
_atom_site.pdbx_formal_charge 
_atom_site.auth_seq_id 
_atom_site.auth_comp_id 
_atom_site.auth_asym_id 
_atom_site.auth_atom_id 
_atom_site.pdbx_PDB_model_num 
ATOM   1    N N   . GLY A 1 11  ? -6.352  0.023   22.237  1.00 54.49 ? 14   GLY A N   1 
ATOM   2    C CA  . GLY A 1 11  ? -6.193  1.294   21.513  1.00 52.86 ? 14   GLY A CA  1 
ATOM   3    C C   . GLY A 1 11  ? -7.024  1.420   20.252  1.00 50.29 ? 14   GLY A C   1 
ATOM   4    O O   . GLY A 1 11  ? -8.112  0.855   20.128  1.00 51.43 ? 14   GLY A O   1 
ATOM   5    N N   . LYS A 1 12  ? -6.493  2.181   19.304  1.00 46.54 ? 15   LYS A N   1 
ATOM   6    C CA  . LYS A 1 12  ? -7.174  2.423   18.047  1.00 42.17 ? 15   LYS A CA  1 
ATOM   7    C C   . LYS A 1 12  ? -7.227  1.185   17.154  1.00 35.96 ? 15   LYS A C   1 
ATOM   8    O O   . LYS A 1 12  ? -6.257  0.435   17.052  1.00 35.27 ? 15   LYS A O   1 
ATOM   9    C CB  . LYS A 1 12  ? -6.494  3.586   17.325  1.00 44.50 ? 15   LYS A CB  1 
ATOM   10   C CG  . LYS A 1 12  ? -4.984  3.449   17.170  1.00 48.48 ? 15   LYS A CG  1 
ATOM   11   C CD  . LYS A 1 12  ? -4.295  4.801   17.340  1.00 51.00 ? 15   LYS A CD  1 
ATOM   12   C CE  . LYS A 1 12  ? -5.015  5.897   16.561  1.00 51.79 ? 15   LYS A CE  1 
ATOM   13   N NZ  . LYS A 1 12  ? -4.402  7.239   16.766  1.00 50.58 ? 15   LYS A NZ  1 
ATOM   14   N N   . PRO A 1 13  ? -8.378  0.950   16.504  1.00 33.06 ? 16   PRO A N   1 
ATOM   15   C CA  . PRO A 1 13  ? -8.571  -0.200  15.613  1.00 30.77 ? 16   PRO A CA  1 
ATOM   16   C C   . PRO A 1 13  ? -7.482  -0.242  14.550  1.00 26.92 ? 16   PRO A C   1 
ATOM   17   O O   . PRO A 1 13  ? -7.103  0.797   14.017  1.00 28.56 ? 16   PRO A O   1 
ATOM   18   C CB  . PRO A 1 13  ? -9.942  0.065   14.995  1.00 29.68 ? 16   PRO A CB  1 
ATOM   19   C CG  . PRO A 1 13  ? -10.652 0.851   16.060  1.00 32.32 ? 16   PRO A CG  1 
ATOM   20   C CD  . PRO A 1 13  ? -9.583  1.799   16.537  1.00 30.46 ? 16   PRO A CD  1 
ATOM   21   N N   . LEU A 1 14  ? -6.983  -1.438  14.254  1.00 24.80 ? 17   LEU A N   1 
ATOM   22   C CA  . LEU A 1 14  ? -5.953  -1.620  13.234  1.00 26.09 ? 17   LEU A CA  1 
ATOM   23   C C   . LEU A 1 14  ? -6.596  -2.226  11.996  1.00 24.89 ? 17   LEU A C   1 
ATOM   24   O O   . LEU A 1 14  ? -7.084  -3.353  12.045  1.00 25.85 ? 17   LEU A O   1 
ATOM   25   C CB  . LEU A 1 14  ? -4.864  -2.577  13.730  1.00 30.37 ? 17   LEU A CB  1 
ATOM   26   C CG  . LEU A 1 14  ? -3.811  -2.963  12.688  1.00 38.97 ? 17   LEU A CG  1 
ATOM   27   C CD1 . LEU A 1 14  ? -2.574  -2.151  12.949  1.00 44.44 ? 17   LEU A CD1 1 
ATOM   28   C CD2 . LEU A 1 14  ? -3.482  -4.457  12.756  1.00 39.09 ? 17   LEU A CD2 1 
ATOM   29   N N   . VAL A 1 15  ? -6.615  -1.477  10.898  1.00 23.85 ? 18   VAL A N   1 
ATOM   30   C CA  . VAL A 1 15  ? -7.169  -1.985  9.647   1.00 22.29 ? 18   VAL A CA  1 
ATOM   31   C C   . VAL A 1 15  ? -5.987  -2.415  8.794   1.00 22.21 ? 18   VAL A C   1 
ATOM   32   O O   . VAL A 1 15  ? -5.081  -1.620  8.532   1.00 22.99 ? 18   VAL A O   1 
ATOM   33   C CB  . VAL A 1 15  ? -7.961  -0.895  8.883   1.00 20.84 ? 18   VAL A CB  1 
ATOM   34   C CG1 . VAL A 1 15  ? -8.518  -1.472  7.583   1.00 21.03 ? 18   VAL A CG1 1 
ATOM   35   C CG2 . VAL A 1 15  ? -9.078  -0.348  9.760   1.00 21.59 ? 18   VAL A CG2 1 
ATOM   36   N N   . VAL A 1 16  ? -5.980  -3.676  8.378   1.00 22.18 ? 19   VAL A N   1 
ATOM   37   C CA  . VAL A 1 16  ? -4.895  -4.175  7.552   1.00 21.73 ? 19   VAL A CA  1 
ATOM   38   C C   . VAL A 1 16  ? -5.440  -4.652  6.224   1.00 22.72 ? 19   VAL A C   1 
ATOM   39   O O   . VAL A 1 16  ? -6.429  -5.394  6.180   1.00 25.42 ? 19   VAL A O   1 
ATOM   40   C CB  . VAL A 1 16  ? -4.168  -5.372  8.209   1.00 24.68 ? 19   VAL A CB  1 
ATOM   41   C CG1 . VAL A 1 16  ? -3.060  -5.874  7.287   1.00 26.31 ? 19   VAL A CG1 1 
ATOM   42   C CG2 . VAL A 1 16  ? -3.595  -4.965  9.549   1.00 27.48 ? 19   VAL A CG2 1 
ATOM   43   N N   . VAL A 1 17  ? -4.800  -4.217  5.145   1.00 19.51 ? 20   VAL A N   1 
ATOM   44   C CA  . VAL A 1 17  ? -5.185  -4.630  3.802   1.00 21.72 ? 20   VAL A CA  1 
ATOM   45   C C   . VAL A 1 17  ? -3.987  -5.335  3.179   1.00 21.47 ? 20   VAL A C   1 
ATOM   46   O O   . VAL A 1 17  ? -2.888  -4.789  3.143   1.00 22.29 ? 20   VAL A O   1 
ATOM   47   C CB  . VAL A 1 17  ? -5.561  -3.420  2.919   1.00 23.88 ? 20   VAL A CB  1 
ATOM   48   C CG1 . VAL A 1 17  ? -5.709  -3.852  1.465   1.00 23.94 ? 20   VAL A CG1 1 
ATOM   49   C CG2 . VAL A 1 17  ? -6.853  -2.807  3.416   1.00 24.38 ? 20   VAL A CG2 1 
ATOM   50   N N   . TYR A 1 18  ? -4.199  -6.559  2.709   1.00 21.34 ? 21   TYR A N   1 
ATOM   51   C CA  . TYR A 1 18  ? -3.133  -7.323  2.069   1.00 23.35 ? 21   TYR A CA  1 
ATOM   52   C C   . TYR A 1 18  ? -3.338  -7.195  0.569   1.00 23.18 ? 21   TYR A C   1 
ATOM   53   O O   . TYR A 1 18  ? -4.460  -7.342  0.084   1.00 24.53 ? 21   TYR A O   1 
ATOM   54   C CB  . TYR A 1 18  ? -3.224  -8.796  2.472   1.00 20.95 ? 21   TYR A CB  1 
ATOM   55   C CG  . TYR A 1 18  ? -2.848  -9.056  3.906   1.00 23.38 ? 21   TYR A CG  1 
ATOM   56   C CD1 . TYR A 1 18  ? -1.518  -9.259  4.271   1.00 24.90 ? 21   TYR A CD1 1 
ATOM   57   C CD2 . TYR A 1 18  ? -3.821  -9.096  4.906   1.00 25.29 ? 21   TYR A CD2 1 
ATOM   58   C CE1 . TYR A 1 18  ? -1.164  -9.501  5.594   1.00 26.50 ? 21   TYR A CE1 1 
ATOM   59   C CE2 . TYR A 1 18  ? -3.476  -9.337  6.234   1.00 28.54 ? 21   TYR A CE2 1 
ATOM   60   C CZ  . TYR A 1 18  ? -2.148  -9.541  6.570   1.00 26.35 ? 21   TYR A CZ  1 
ATOM   61   O OH  . TYR A 1 18  ? -1.803  -9.792  7.877   1.00 28.99 ? 21   TYR A OH  1 
ATOM   62   N N   . GLY A 1 19  ? -2.266  -6.921  -0.165  1.00 23.96 ? 22   GLY A N   1 
ATOM   63   C CA  . GLY A 1 19  ? -2.406  -6.788  -1.601  1.00 24.94 ? 22   GLY A CA  1 
ATOM   64   C C   . GLY A 1 19  ? -1.101  -6.664  -2.355  1.00 26.93 ? 22   GLY A C   1 
ATOM   65   O O   . GLY A 1 19  ? -0.047  -7.075  -1.872  1.00 24.26 ? 22   GLY A O   1 
ATOM   66   N N   . ASP A 1 20  ? -1.190  -6.094  -3.552  1.00 23.36 ? 23   ASP A N   1 
ATOM   67   C CA  . ASP A 1 20  ? -0.036  -5.889  -4.423  1.00 26.00 ? 23   ASP A CA  1 
ATOM   68   C C   . ASP A 1 20  ? -0.448  -4.775  -5.385  1.00 26.65 ? 23   ASP A C   1 
ATOM   69   O O   . ASP A 1 20  ? -1.594  -4.750  -5.848  1.00 24.77 ? 23   ASP A O   1 
ATOM   70   C CB  . ASP A 1 20  ? 0.260   -7.180  -5.200  1.00 27.13 ? 23   ASP A CB  1 
ATOM   71   C CG  . ASP A 1 20  ? 1.560   -7.113  -5.988  1.00 30.32 ? 23   ASP A CG  1 
ATOM   72   O OD1 . ASP A 1 20  ? 1.784   -6.100  -6.682  1.00 30.84 ? 23   ASP A OD1 1 
ATOM   73   O OD2 . ASP A 1 20  ? 2.354   -8.077  -5.921  1.00 30.71 ? 23   ASP A OD2 1 
ATOM   74   N N   . TYR A 1 21  ? 0.463   -3.853  -5.685  1.00 25.01 ? 24   TYR A N   1 
ATOM   75   C CA  . TYR A 1 21  ? 0.128   -2.757  -6.600  1.00 24.21 ? 24   TYR A CA  1 
ATOM   76   C C   . TYR A 1 21  ? -0.182  -3.247  -8.009  1.00 25.20 ? 24   TYR A C   1 
ATOM   77   O O   . TYR A 1 21  ? -0.768  -2.519  -8.814  1.00 24.64 ? 24   TYR A O   1 
ATOM   78   C CB  . TYR A 1 21  ? 1.260   -1.727  -6.646  1.00 25.48 ? 24   TYR A CB  1 
ATOM   79   C CG  . TYR A 1 21  ? 1.305   -0.848  -5.417  1.00 22.17 ? 24   TYR A CG  1 
ATOM   80   C CD1 . TYR A 1 21  ? 0.222   -0.037  -5.081  1.00 23.79 ? 24   TYR A CD1 1 
ATOM   81   C CD2 . TYR A 1 21  ? 2.418   -0.844  -4.579  1.00 26.83 ? 24   TYR A CD2 1 
ATOM   82   C CE1 . TYR A 1 21  ? 0.246   0.758   -3.935  1.00 26.97 ? 24   TYR A CE1 1 
ATOM   83   C CE2 . TYR A 1 21  ? 2.449   -0.055  -3.432  1.00 22.13 ? 24   TYR A CE2 1 
ATOM   84   C CZ  . TYR A 1 21  ? 1.364   0.742   -3.117  1.00 25.87 ? 24   TYR A CZ  1 
ATOM   85   O OH  . TYR A 1 21  ? 1.401   1.526   -1.988  1.00 26.70 ? 24   TYR A OH  1 
ATOM   86   N N   . LYS A 1 22  ? 0.201   -4.483  -8.306  1.00 27.88 ? 25   LYS A N   1 
ATOM   87   C CA  . LYS A 1 22  ? -0.049  -5.045  -9.632  1.00 27.86 ? 25   LYS A CA  1 
ATOM   88   C C   . LYS A 1 22  ? -1.342  -5.844  -9.674  1.00 29.69 ? 25   LYS A C   1 
ATOM   89   O O   . LYS A 1 22  ? -1.850  -6.179  -10.751 1.00 28.67 ? 25   LYS A O   1 
ATOM   90   C CB  . LYS A 1 22  ? 1.100   -5.966  -10.046 1.00 30.92 ? 25   LYS A CB  1 
ATOM   91   C CG  . LYS A 1 22  ? 2.479   -5.326  -9.990  1.00 30.45 ? 25   LYS A CG  1 
ATOM   92   C CD  . LYS A 1 22  ? 3.525   -6.204  -10.683 1.00 31.31 ? 25   LYS A CD  1 
ATOM   93   C CE  . LYS A 1 22  ? 3.312   -6.232  -12.194 1.00 34.43 ? 25   LYS A CE  1 
ATOM   94   N NZ  . LYS A 1 22  ? 4.314   -7.092  -12.878 1.00 31.58 ? 25   LYS A NZ  1 
ATOM   95   N N   A CYS A 1 23  ? -1.878  -6.149  -8.498  0.50 28.24 ? 26   CYS A N   1 
ATOM   96   N N   B CYS A 1 23  ? -1.883  -6.148  -8.500  0.50 28.70 ? 26   CYS A N   1 
ATOM   97   C CA  A CYS A 1 23  ? -3.114  -6.916  -8.408  0.50 28.34 ? 26   CYS A CA  1 
ATOM   98   C CA  B CYS A 1 23  ? -3.108  -6.936  -8.427  0.50 29.24 ? 26   CYS A CA  1 
ATOM   99   C C   A CYS A 1 23  ? -4.322  -6.087  -8.858  0.50 28.61 ? 26   CYS A C   1 
ATOM   100  C C   B CYS A 1 23  ? -4.337  -6.104  -8.843  0.50 29.02 ? 26   CYS A C   1 
ATOM   101  O O   A CYS A 1 23  ? -4.648  -5.073  -8.248  0.50 29.05 ? 26   CYS A O   1 
ATOM   102  O O   B CYS A 1 23  ? -4.711  -5.117  -8.193  0.50 29.15 ? 26   CYS A O   1 
ATOM   103  C CB  A CYS A 1 23  ? -3.319  -7.407  -6.969  0.50 26.28 ? 26   CYS A CB  1 
ATOM   104  C CB  B CYS A 1 23  ? -3.250  -7.528  -7.024  0.50 28.27 ? 26   CYS A CB  1 
ATOM   105  S SG  A CYS A 1 23  ? -4.879  -8.292  -6.688  0.50 29.56 ? 26   CYS A SG  1 
ATOM   106  S SG  B CYS A 1 23  ? -4.912  -7.678  -6.342  0.50 33.64 ? 26   CYS A SG  1 
ATOM   107  N N   . PRO A 1 24  ? -4.985  -6.511  -9.946  1.00 28.54 ? 27   PRO A N   1 
ATOM   108  C CA  . PRO A 1 24  ? -6.167  -5.827  -10.494 1.00 28.71 ? 27   PRO A CA  1 
ATOM   109  C C   . PRO A 1 24  ? -7.291  -5.605  -9.492  1.00 26.72 ? 27   PRO A C   1 
ATOM   110  O O   . PRO A 1 24  ? -7.870  -4.524  -9.424  1.00 27.80 ? 27   PRO A O   1 
ATOM   111  C CB  . PRO A 1 24  ? -6.597  -6.756  -11.635 1.00 31.06 ? 27   PRO A CB  1 
ATOM   112  C CG  . PRO A 1 24  ? -5.326  -7.425  -12.044 1.00 31.74 ? 27   PRO A CG  1 
ATOM   113  C CD  . PRO A 1 24  ? -4.658  -7.712  -10.733 1.00 26.98 ? 27   PRO A CD  1 
ATOM   114  N N   . TYR A 1 25  ? -7.607  -6.640  -8.725  1.00 27.08 ? 28   TYR A N   1 
ATOM   115  C CA  . TYR A 1 25  ? -8.677  -6.543  -7.730  1.00 27.56 ? 28   TYR A CA  1 
ATOM   116  C C   . TYR A 1 25  ? -8.306  -5.593  -6.602  1.00 27.37 ? 28   TYR A C   1 
ATOM   117  O O   . TYR A 1 25  ? -9.160  -4.918  -6.030  1.00 25.92 ? 28   TYR A O   1 
ATOM   118  C CB  . TYR A 1 25  ? -9.011  -7.924  -7.175  1.00 31.17 ? 28   TYR A CB  1 
ATOM   119  C CG  . TYR A 1 25  ? -9.797  -8.784  -8.150  1.00 34.86 ? 28   TYR A CG  1 
ATOM   120  C CD1 . TYR A 1 25  ? -10.354 -8.231  -9.307  1.00 35.09 ? 28   TYR A CD1 1 
ATOM   121  C CD2 . TYR A 1 25  ? -10.004 -10.142 -7.904  1.00 38.03 ? 28   TYR A CD2 1 
ATOM   122  C CE1 . TYR A 1 25  ? -11.099 -9.012  -10.197 1.00 38.84 ? 28   TYR A CE1 1 
ATOM   123  C CE2 . TYR A 1 25  ? -10.747 -10.929 -8.783  1.00 39.24 ? 28   TYR A CE2 1 
ATOM   124  C CZ  . TYR A 1 25  ? -11.290 -10.360 -9.925  1.00 41.19 ? 28   TYR A CZ  1 
ATOM   125  O OH  . TYR A 1 25  ? -12.025 -11.143 -10.791 1.00 42.70 ? 28   TYR A OH  1 
ATOM   126  N N   A CYS A 1 26  ? -7.014  -5.545  -6.279  0.50 27.60 ? 29   CYS A N   1 
ATOM   127  N N   B CYS A 1 26  ? -7.023  -5.549  -6.291  0.50 27.70 ? 29   CYS A N   1 
ATOM   128  C CA  A CYS A 1 26  ? -6.530  -4.652  -5.231  0.50 27.87 ? 29   CYS A CA  1 
ATOM   129  C CA  B CYS A 1 26  ? -6.533  -4.676  -5.242  0.50 28.02 ? 29   CYS A CA  1 
ATOM   130  C C   A CYS A 1 26  ? -6.747  -3.211  -5.668  0.50 27.82 ? 29   CYS A C   1 
ATOM   131  C C   B CYS A 1 26  ? -6.737  -3.218  -5.670  0.50 27.99 ? 29   CYS A C   1 
ATOM   132  O O   A CYS A 1 26  ? -6.914  -2.315  -4.838  0.50 27.13 ? 29   CYS A O   1 
ATOM   133  O O   B CYS A 1 26  ? -6.897  -2.316  -4.838  0.50 27.45 ? 29   CYS A O   1 
ATOM   134  C CB  A CYS A 1 26  ? -5.044  -4.895  -4.950  0.50 28.73 ? 29   CYS A CB  1 
ATOM   135  C CB  B CYS A 1 26  ? -5.060  -4.974  -5.005  0.50 29.32 ? 29   CYS A CB  1 
ATOM   136  S SG  A CYS A 1 26  ? -4.696  -6.396  -4.020  0.50 31.91 ? 29   CYS A SG  1 
ATOM   137  S SG  B CYS A 1 26  ? -4.747  -6.757  -4.564  0.50 31.20 ? 29   CYS A SG  1 
ATOM   138  N N   . LYS A 1 27  ? -6.746  -2.995  -6.981  1.00 27.75 ? 30   LYS A N   1 
ATOM   139  C CA  . LYS A 1 27  ? -6.962  -1.663  -7.537  1.00 26.34 ? 30   LYS A CA  1 
ATOM   140  C C   . LYS A 1 27  ? -8.437  -1.304  -7.315  1.00 27.13 ? 30   LYS A C   1 
ATOM   141  O O   . LYS A 1 27  ? -8.775  -0.171  -6.966  1.00 27.12 ? 30   LYS A O   1 
ATOM   142  C CB  . LYS A 1 27  ? -6.614  -1.649  -9.035  1.00 26.18 ? 30   LYS A CB  1 
ATOM   143  C CG  . LYS A 1 27  ? -7.001  -0.380  -9.792  1.00 28.34 ? 30   LYS A CG  1 
ATOM   144  C CD  . LYS A 1 27  ? -6.377  -0.370  -11.191 1.00 30.21 ? 30   LYS A CD  1 
ATOM   145  C CE  . LYS A 1 27  ? -6.709  0.901   -11.973 1.00 34.12 ? 30   LYS A CE  1 
ATOM   146  N NZ  . LYS A 1 27  ? -8.147  0.983   -12.371 1.00 34.89 ? 30   LYS A NZ  1 
ATOM   147  N N   . GLU A 1 28  ? -9.316  -2.283  -7.508  1.00 25.95 ? 31   GLU A N   1 
ATOM   148  C CA  . GLU A 1 28  ? -10.740 -2.063  -7.291  1.00 27.35 ? 31   GLU A CA  1 
ATOM   149  C C   . GLU A 1 28  ? -11.019 -1.694  -5.837  1.00 27.79 ? 31   GLU A C   1 
ATOM   150  O O   . GLU A 1 28  ? -11.816 -0.799  -5.563  1.00 27.03 ? 31   GLU A O   1 
ATOM   151  C CB  . GLU A 1 28  ? -11.536 -3.312  -7.663  1.00 29.53 ? 31   GLU A CB  1 
ATOM   152  C CG  . GLU A 1 28  ? -11.800 -3.430  -9.139  1.00 34.29 ? 31   GLU A CG  1 
ATOM   153  C CD  . GLU A 1 28  ? -12.490 -4.728  -9.502  1.00 38.54 ? 31   GLU A CD  1 
ATOM   154  O OE1 . GLU A 1 28  ? -13.394 -5.156  -8.756  1.00 38.57 ? 31   GLU A OE1 1 
ATOM   155  O OE2 . GLU A 1 28  ? -12.132 -5.314  -10.539 1.00 37.37 ? 31   GLU A OE2 1 
ATOM   156  N N   . LEU A 1 29  ? -10.369 -2.384  -4.901  1.00 25.90 ? 32   LEU A N   1 
ATOM   157  C CA  . LEU A 1 29  ? -10.561 -2.077  -3.490  1.00 26.18 ? 32   LEU A CA  1 
ATOM   158  C C   . LEU A 1 29  ? -10.174 -0.623  -3.234  1.00 24.94 ? 32   LEU A C   1 
ATOM   159  O O   . LEU A 1 29  ? -10.931 0.133   -2.626  1.00 25.14 ? 32   LEU A O   1 
ATOM   160  C CB  . LEU A 1 29  ? -9.709  -3.004  -2.611  1.00 26.72 ? 32   LEU A CB  1 
ATOM   161  C CG  . LEU A 1 29  ? -9.877  -2.905  -1.089  1.00 27.66 ? 32   LEU A CG  1 
ATOM   162  C CD1 . LEU A 1 29  ? -9.479  -4.228  -0.445  1.00 27.11 ? 32   LEU A CD1 1 
ATOM   163  C CD2 . LEU A 1 29  ? -9.037  -1.756  -0.534  1.00 29.63 ? 32   LEU A CD2 1 
ATOM   164  N N   . ASP A 1 30  ? -8.997  -0.226  -3.704  1.00 25.60 ? 33   ASP A N   1 
ATOM   165  C CA  . ASP A 1 30  ? -8.543  1.146   -3.502  1.00 28.68 ? 33   ASP A CA  1 
ATOM   166  C C   . ASP A 1 30  ? -9.557  2.167   -4.017  1.00 29.13 ? 33   ASP A C   1 
ATOM   167  O O   . ASP A 1 30  ? -9.891  3.127   -3.328  1.00 28.04 ? 33   ASP A O   1 
ATOM   168  C CB  . ASP A 1 30  ? -7.207  1.384   -4.207  1.00 29.40 ? 33   ASP A CB  1 
ATOM   169  C CG  . ASP A 1 30  ? -6.628  2.750   -3.895  1.00 33.37 ? 33   ASP A CG  1 
ATOM   170  O OD1 . ASP A 1 30  ? -6.056  2.912   -2.798  1.00 37.22 ? 33   ASP A OD1 1 
ATOM   171  O OD2 . ASP A 1 30  ? -6.760  3.663   -4.732  1.00 34.48 ? 33   ASP A OD2 1 
ATOM   172  N N   . GLU A 1 31  ? -10.052 1.955   -5.233  1.00 28.55 ? 34   GLU A N   1 
ATOM   173  C CA  . GLU A 1 31  ? -11.012 2.878   -5.839  1.00 28.89 ? 34   GLU A CA  1 
ATOM   174  C C   . GLU A 1 31  ? -12.356 2.924   -5.114  1.00 27.92 ? 34   GLU A C   1 
ATOM   175  O O   . GLU A 1 31  ? -12.943 3.991   -4.944  1.00 28.33 ? 34   GLU A O   1 
ATOM   176  C CB  . GLU A 1 31  ? -11.256 2.492   -7.305  1.00 31.92 ? 34   GLU A CB  1 
ATOM   177  C CG  . GLU A 1 31  ? -9.983  2.306   -8.120  1.00 36.16 ? 34   GLU A CG  1 
ATOM   178  C CD  . GLU A 1 31  ? -10.247 1.713   -9.493  1.00 36.79 ? 34   GLU A CD  1 
ATOM   179  O OE1 . GLU A 1 31  ? -11.081 0.788   -9.591  1.00 37.97 ? 34   GLU A OE1 1 
ATOM   180  O OE2 . GLU A 1 31  ? -9.611  2.156   -10.471 1.00 36.65 ? 34   GLU A OE2 1 
ATOM   181  N N   . LYS A 1 32  ? -12.836 1.765   -4.681  1.00 28.79 ? 35   LYS A N   1 
ATOM   182  C CA  . LYS A 1 32  ? -14.135 1.663   -4.015  1.00 28.75 ? 35   LYS A CA  1 
ATOM   183  C C   . LYS A 1 32  ? -14.179 1.924   -2.512  1.00 29.61 ? 35   LYS A C   1 
ATOM   184  O O   . LYS A 1 32  ? -15.184 2.408   -1.987  1.00 28.20 ? 35   LYS A O   1 
ATOM   185  C CB  . LYS A 1 32  ? -14.720 0.271   -4.260  1.00 31.01 ? 35   LYS A CB  1 
ATOM   186  C CG  . LYS A 1 32  ? -14.965 -0.082  -5.716  1.00 32.34 ? 35   LYS A CG  1 
ATOM   187  C CD  . LYS A 1 32  ? -15.433 -1.530  -5.833  1.00 34.23 ? 35   LYS A CD  1 
ATOM   188  C CE  . LYS A 1 32  ? -15.780 -1.904  -7.271  1.00 36.86 ? 35   LYS A CE  1 
ATOM   189  N NZ  . LYS A 1 32  ? -16.063 -3.368  -7.393  1.00 37.79 ? 35   LYS A NZ  1 
ATOM   190  N N   . VAL A 1 33  ? -13.092 1.607   -1.820  1.00 28.16 ? 36   VAL A N   1 
ATOM   191  C CA  . VAL A 1 33  ? -13.061 1.743   -0.369  1.00 28.58 ? 36   VAL A CA  1 
ATOM   192  C C   . VAL A 1 33  ? -12.263 2.888   0.244   1.00 27.07 ? 36   VAL A C   1 
ATOM   193  O O   . VAL A 1 33  ? -12.755 3.597   1.124   1.00 26.39 ? 36   VAL A O   1 
ATOM   194  C CB  . VAL A 1 33  ? -12.552 0.431   0.265   1.00 28.11 ? 36   VAL A CB  1 
ATOM   195  C CG1 . VAL A 1 33  ? -12.420 0.583   1.783   1.00 28.77 ? 36   VAL A CG1 1 
ATOM   196  C CG2 . VAL A 1 33  ? -13.500 -0.712  -0.088  1.00 27.29 ? 36   VAL A CG2 1 
ATOM   197  N N   . MET A 1 34  ? -11.033 3.071   -0.216  1.00 24.73 ? 37   MET A N   1 
ATOM   198  C CA  . MET A 1 34  ? -10.171 4.088   0.367   1.00 27.68 ? 37   MET A CA  1 
ATOM   199  C C   . MET A 1 34  ? -10.664 5.533   0.438   1.00 27.08 ? 37   MET A C   1 
ATOM   200  O O   . MET A 1 34  ? -10.405 6.223   1.428   1.00 26.24 ? 37   MET A O   1 
ATOM   201  C CB  . MET A 1 34  ? -8.794  4.009   -0.288  1.00 26.84 ? 37   MET A CB  1 
ATOM   202  C CG  . MET A 1 34  ? -8.090  2.679   0.002   1.00 25.88 ? 37   MET A CG  1 
ATOM   203  S SD  . MET A 1 34  ? -7.889  2.344   1.786   1.00 32.00 ? 37   MET A SD  1 
ATOM   204  C CE  . MET A 1 34  ? -6.580  3.555   2.183   1.00 30.73 ? 37   MET A CE  1 
ATOM   205  N N   . PRO A 1 35  ? -11.380 6.020   -0.589  1.00 29.88 ? 38   PRO A N   1 
ATOM   206  C CA  . PRO A 1 35  ? -11.837 7.411   -0.482  1.00 29.82 ? 38   PRO A CA  1 
ATOM   207  C C   . PRO A 1 35  ? -12.636 7.662   0.801   1.00 30.88 ? 38   PRO A C   1 
ATOM   208  O O   . PRO A 1 35  ? -12.339 8.590   1.558   1.00 31.25 ? 38   PRO A O   1 
ATOM   209  C CB  . PRO A 1 35  ? -12.683 7.589   -1.742  1.00 33.58 ? 38   PRO A CB  1 
ATOM   210  C CG  . PRO A 1 35  ? -11.987 6.691   -2.735  1.00 31.39 ? 38   PRO A CG  1 
ATOM   211  C CD  . PRO A 1 35  ? -11.720 5.450   -1.905  1.00 28.65 ? 38   PRO A CD  1 
ATOM   212  N N   . LYS A 1 36  ? -13.643 6.828   1.046   1.00 29.10 ? 39   LYS A N   1 
ATOM   213  C CA  . LYS A 1 36  ? -14.483 6.970   2.233   1.00 29.01 ? 39   LYS A CA  1 
ATOM   214  C C   . LYS A 1 36  ? -13.783 6.531   3.514   1.00 27.63 ? 39   LYS A C   1 
ATOM   215  O O   . LYS A 1 36  ? -13.962 7.142   4.567   1.00 27.81 ? 39   LYS A O   1 
ATOM   216  C CB  . LYS A 1 36  ? -15.776 6.167   2.070   1.00 31.94 ? 39   LYS A CB  1 
ATOM   217  C CG  . LYS A 1 36  ? -16.729 6.707   1.019   1.00 36.20 ? 39   LYS A CG  1 
ATOM   218  C CD  . LYS A 1 36  ? -17.974 5.836   0.929   1.00 38.45 ? 39   LYS A CD  1 
ATOM   219  C CE  . LYS A 1 36  ? -18.951 6.353   -0.114  1.00 42.89 ? 39   LYS A CE  1 
ATOM   220  N NZ  . LYS A 1 36  ? -20.159 5.482   -0.194  1.00 47.26 ? 39   LYS A NZ  1 
ATOM   221  N N   . LEU A 1 37  ? -12.995 5.464   3.434   1.00 24.46 ? 40   LEU A N   1 
ATOM   222  C CA  . LEU A 1 37  ? -12.291 4.980   4.615   1.00 24.78 ? 40   LEU A CA  1 
ATOM   223  C C   . LEU A 1 37  ? -11.288 6.030   5.085   1.00 22.46 ? 40   LEU A C   1 
ATOM   224  O O   . LEU A 1 37  ? -11.140 6.268   6.280   1.00 23.60 ? 40   LEU A O   1 
ATOM   225  C CB  . LEU A 1 37  ? -11.561 3.671   4.314   1.00 23.04 ? 40   LEU A CB  1 
ATOM   226  C CG  . LEU A 1 37  ? -10.951 3.021   5.561   1.00 24.34 ? 40   LEU A CG  1 
ATOM   227  C CD1 . LEU A 1 37  ? -12.073 2.605   6.511   1.00 24.81 ? 40   LEU A CD1 1 
ATOM   228  C CD2 . LEU A 1 37  ? -10.113 1.808   5.164   1.00 23.86 ? 40   LEU A CD2 1 
ATOM   229  N N   . ARG A 1 38  ? -10.606 6.653   4.132   1.00 22.92 ? 41   ARG A N   1 
ATOM   230  C CA  . ARG A 1 38  ? -9.620  7.686   4.433   1.00 26.21 ? 41   ARG A CA  1 
ATOM   231  C C   . ARG A 1 38  ? -10.267 8.915   5.077   1.00 26.55 ? 41   ARG A C   1 
ATOM   232  O O   . ARG A 1 38  ? -9.809  9.410   6.103   1.00 25.32 ? 41   ARG A O   1 
ATOM   233  C CB  . ARG A 1 38  ? -8.904  8.113   3.150   1.00 27.96 ? 41   ARG A CB  1 
ATOM   234  C CG  . ARG A 1 38  ? -7.953  9.283   3.331   1.00 32.59 ? 41   ARG A CG  1 
ATOM   235  C CD  . ARG A 1 38  ? -7.352  9.697   1.999   1.00 31.68 ? 41   ARG A CD  1 
ATOM   236  N NE  . ARG A 1 38  ? -6.309  10.700  2.160   1.00 33.74 ? 41   ARG A NE  1 
ATOM   237  C CZ  . ARG A 1 38  ? -5.550  11.147  1.170   1.00 35.80 ? 41   ARG A CZ  1 
ATOM   238  N NH1 . ARG A 1 38  ? -5.723  10.677  -0.058  1.00 34.99 ? 41   ARG A NH1 1 
ATOM   239  N NH2 . ARG A 1 38  ? -4.621  12.061  1.409   1.00 40.48 ? 41   ARG A NH2 1 
ATOM   240  N N   . LYS A 1 39  ? -11.340 9.401   4.471   1.00 26.76 ? 42   LYS A N   1 
ATOM   241  C CA  . LYS A 1 39  ? -12.021 10.579  4.992   1.00 29.63 ? 42   LYS A CA  1 
ATOM   242  C C   . LYS A 1 39  ? -12.696 10.332  6.327   1.00 31.48 ? 42   LYS A C   1 
ATOM   243  O O   . LYS A 1 39  ? -12.651 11.175  7.220   1.00 29.20 ? 42   LYS A O   1 
ATOM   244  C CB  . LYS A 1 39  ? -13.069 11.066  3.991   1.00 35.11 ? 42   LYS A CB  1 
ATOM   245  C CG  . LYS A 1 39  ? -13.864 12.278  4.468   1.00 40.26 ? 42   LYS A CG  1 
ATOM   246  C CD  . LYS A 1 39  ? -14.850 12.735  3.405   1.00 42.71 ? 42   LYS A CD  1 
ATOM   247  C CE  . LYS A 1 39  ? -15.511 14.051  3.789   1.00 46.66 ? 42   LYS A CE  1 
ATOM   248  N NZ  . LYS A 1 39  ? -16.314 14.605  2.660   1.00 52.88 ? 42   LYS A NZ  1 
ATOM   249  N N   . ASN A 1 40  ? -13.309 9.165   6.478   1.00 29.33 ? 43   ASN A N   1 
ATOM   250  C CA  . ASN A 1 40  ? -14.035 8.862   7.701   1.00 31.01 ? 43   ASN A CA  1 
ATOM   251  C C   . ASN A 1 40  ? -13.292 8.200   8.858   1.00 30.27 ? 43   ASN A C   1 
ATOM   252  O O   . ASN A 1 40  ? -13.723 8.320   10.005  1.00 28.45 ? 43   ASN A O   1 
ATOM   253  C CB  . ASN A 1 40  ? -15.277 8.039   7.348   1.00 35.09 ? 43   ASN A CB  1 
ATOM   254  C CG  . ASN A 1 40  ? -16.224 8.793   6.427   1.00 39.69 ? 43   ASN A CG  1 
ATOM   255  O OD1 . ASN A 1 40  ? -16.726 8.246   5.446   1.00 44.28 ? 43   ASN A OD1 1 
ATOM   256  N ND2 . ASN A 1 40  ? -16.471 10.058  6.741   1.00 40.32 ? 43   ASN A ND2 1 
ATOM   257  N N   . TYR A 1 41  ? -12.185 7.515   8.591   1.00 27.17 ? 44   TYR A N   1 
ATOM   258  C CA  . TYR A 1 41  ? -11.480 6.847   9.682   1.00 24.59 ? 44   TYR A CA  1 
ATOM   259  C C   . TYR A 1 41  ? -9.970  6.987   9.748   1.00 23.54 ? 44   TYR A C   1 
ATOM   260  O O   . TYR A 1 41  ? -9.394  6.956   10.833  1.00 25.27 ? 44   TYR A O   1 
ATOM   261  C CB  . TYR A 1 41  ? -11.806 5.355   9.684   1.00 25.31 ? 44   TYR A CB  1 
ATOM   262  C CG  . TYR A 1 41  ? -13.207 5.034   10.127  1.00 29.48 ? 44   TYR A CG  1 
ATOM   263  C CD1 . TYR A 1 41  ? -14.262 5.021   9.221   1.00 31.84 ? 44   TYR A CD1 1 
ATOM   264  C CD2 . TYR A 1 41  ? -13.477 4.760   11.463  1.00 33.13 ? 44   TYR A CD2 1 
ATOM   265  C CE1 . TYR A 1 41  ? -15.559 4.739   9.643   1.00 36.90 ? 44   TYR A CE1 1 
ATOM   266  C CE2 . TYR A 1 41  ? -14.759 4.479   11.893  1.00 36.42 ? 44   TYR A CE2 1 
ATOM   267  C CZ  . TYR A 1 41  ? -15.793 4.468   10.985  1.00 37.59 ? 44   TYR A CZ  1 
ATOM   268  O OH  . TYR A 1 41  ? -17.050 4.181   11.442  1.00 41.04 ? 44   TYR A OH  1 
ATOM   269  N N   . ILE A 1 42  ? -9.322  7.121   8.598   1.00 24.17 ? 45   ILE A N   1 
ATOM   270  C CA  . ILE A 1 42  ? -7.870  7.208   8.597   1.00 23.27 ? 45   ILE A CA  1 
ATOM   271  C C   . ILE A 1 42  ? -7.297  8.606   8.803   1.00 24.97 ? 45   ILE A C   1 
ATOM   272  O O   . ILE A 1 42  ? -6.473  8.807   9.694   1.00 25.97 ? 45   ILE A O   1 
ATOM   273  C CB  . ILE A 1 42  ? -7.278  6.611   7.300   1.00 22.00 ? 45   ILE A CB  1 
ATOM   274  C CG1 . ILE A 1 42  ? -7.778  5.175   7.107   1.00 21.37 ? 45   ILE A CG1 1 
ATOM   275  C CG2 . ILE A 1 42  ? -5.747  6.587   7.389   1.00 23.41 ? 45   ILE A CG2 1 
ATOM   276  C CD1 . ILE A 1 42  ? -7.332  4.553   5.785   1.00 23.35 ? 45   ILE A CD1 1 
ATOM   277  N N   . ASP A 1 43  ? -7.720  9.572   7.989   1.00 25.58 ? 46   ASP A N   1 
ATOM   278  C CA  . ASP A 1 43  ? -7.190  10.927  8.109   1.00 26.64 ? 46   ASP A CA  1 
ATOM   279  C C   . ASP A 1 43  ? -7.588  11.635  9.403   1.00 27.32 ? 46   ASP A C   1 
ATOM   280  O O   . ASP A 1 43  ? -6.899  12.561  9.846   1.00 26.97 ? 46   ASP A O   1 
ATOM   281  C CB  . ASP A 1 43  ? -7.592  11.765  6.891   1.00 30.37 ? 46   ASP A CB  1 
ATOM   282  C CG  . ASP A 1 43  ? -6.796  11.396  5.646   1.00 34.58 ? 46   ASP A CG  1 
ATOM   283  O OD1 . ASP A 1 43  ? -5.813  10.639  5.779   1.00 35.78 ? 46   ASP A OD1 1 
ATOM   284  O OD2 . ASP A 1 43  ? -7.141  11.865  4.540   1.00 34.68 ? 46   ASP A OD2 1 
ATOM   285  N N   . ASN A 1 44  ? -8.688  11.202  10.009  1.00 25.68 ? 47   ASN A N   1 
ATOM   286  C CA  . ASN A 1 44  ? -9.126  11.792  11.267  1.00 28.70 ? 47   ASN A CA  1 
ATOM   287  C C   . ASN A 1 44  ? -8.609  10.961  12.436  1.00 30.70 ? 47   ASN A C   1 
ATOM   288  O O   . ASN A 1 44  ? -9.102  11.054  13.559  1.00 30.47 ? 47   ASN A O   1 
ATOM   289  C CB  . ASN A 1 44  ? -10.648 11.918  11.316  1.00 30.61 ? 47   ASN A CB  1 
ATOM   290  C CG  . ASN A 1 44  ? -11.357 10.605  11.082  1.00 31.46 ? 47   ASN A CG  1 
ATOM   291  O OD1 . ASN A 1 44  ? -10.731 9.561   10.891  1.00 31.18 ? 47   ASN A OD1 1 
ATOM   292  N ND2 . ASN A 1 44  ? -12.684 10.653  11.095  1.00 31.82 ? 47   ASN A ND2 1 
ATOM   293  N N   . HIS A 1 45  ? -7.622  10.121  12.138  1.00 30.99 ? 48   HIS A N   1 
ATOM   294  C CA  . HIS A 1 45  ? -6.943  9.300   13.136  1.00 33.10 ? 48   HIS A CA  1 
ATOM   295  C C   . HIS A 1 45  ? -7.773  8.424   14.066  1.00 33.40 ? 48   HIS A C   1 
ATOM   296  O O   . HIS A 1 45  ? -7.443  8.265   15.243  1.00 36.03 ? 48   HIS A O   1 
ATOM   297  C CB  . HIS A 1 45  ? -6.037  10.214  13.961  1.00 32.12 ? 48   HIS A CB  1 
ATOM   298  C CG  . HIS A 1 45  ? -5.203  11.126  13.119  1.00 32.36 ? 48   HIS A CG  1 
ATOM   299  N ND1 . HIS A 1 45  ? -4.300  10.652  12.193  1.00 30.19 ? 48   HIS A ND1 1 
ATOM   300  C CD2 . HIS A 1 45  ? -5.173  12.475  13.020  1.00 28.45 ? 48   HIS A CD2 1 
ATOM   301  C CE1 . HIS A 1 45  ? -3.751  11.670  11.557  1.00 30.80 ? 48   HIS A CE1 1 
ATOM   302  N NE2 . HIS A 1 45  ? -4.262  12.788  12.040  1.00 33.18 ? 48   HIS A NE2 1 
ATOM   303  N N   . LYS A 1 46  ? -8.836  7.835   13.544  1.00 34.24 ? 49   LYS A N   1 
ATOM   304  C CA  . LYS A 1 46  ? -9.664  6.966   14.363  1.00 33.82 ? 49   LYS A CA  1 
ATOM   305  C C   . LYS A 1 46  ? -9.196  5.520   14.267  1.00 33.05 ? 49   LYS A C   1 
ATOM   306  O O   . LYS A 1 46  ? -9.483  4.704   15.141  1.00 31.05 ? 49   LYS A O   1 
ATOM   307  C CB  . LYS A 1 46  ? -11.119 7.104   13.947  1.00 36.16 ? 49   LYS A CB  1 
ATOM   308  C CG  . LYS A 1 46  ? -11.714 8.420   14.407  1.00 37.98 ? 49   LYS A CG  1 
ATOM   309  C CD  . LYS A 1 46  ? -12.774 8.900   13.453  1.00 43.76 ? 49   LYS A CD  1 
ATOM   310  C CE  . LYS A 1 46  ? -14.065 8.135   13.602  1.00 44.29 ? 49   LYS A CE  1 
ATOM   311  N NZ  . LYS A 1 46  ? -15.011 8.866   14.490  1.00 47.38 ? 49   LYS A NZ  1 
ATOM   312  N N   . VAL A 1 47  ? -8.472  5.203   13.200  1.00 29.63 ? 50   VAL A N   1 
ATOM   313  C CA  . VAL A 1 47  ? -7.950  3.855   13.025  1.00 27.67 ? 50   VAL A CA  1 
ATOM   314  C C   . VAL A 1 47  ? -6.537  3.934   12.481  1.00 28.53 ? 50   VAL A C   1 
ATOM   315  O O   . VAL A 1 47  ? -6.125  4.965   11.957  1.00 30.02 ? 50   VAL A O   1 
ATOM   316  C CB  . VAL A 1 47  ? -8.763  3.032   11.985  1.00 25.51 ? 50   VAL A CB  1 
ATOM   317  C CG1 . VAL A 1 47  ? -10.256 3.080   12.303  1.00 27.16 ? 50   VAL A CG1 1 
ATOM   318  C CG2 . VAL A 1 47  ? -8.494  3.567   10.578  1.00 22.98 ? 50   VAL A CG2 1 
ATOM   319  N N   A GLU A 1 48  ? -5.790  2.847   12.637  0.50 29.33 ? 51   GLU A N   1 
ATOM   320  N N   B GLU A 1 48  ? -5.795  2.842   12.623  0.50 29.51 ? 51   GLU A N   1 
ATOM   321  C CA  A GLU A 1 48  ? -4.444  2.757   12.089  0.50 31.13 ? 51   GLU A CA  1 
ATOM   322  C CA  B GLU A 1 48  ? -4.439  2.756   12.099  0.50 31.32 ? 51   GLU A CA  1 
ATOM   323  C C   A GLU A 1 48  ? -4.676  2.011   10.787  0.50 30.03 ? 51   GLU A C   1 
ATOM   324  C C   B GLU A 1 48  ? -4.669  2.006   10.792  0.50 30.15 ? 51   GLU A C   1 
ATOM   325  O O   A GLU A 1 48  ? -5.524  1.121   10.737  0.50 28.94 ? 51   GLU A O   1 
ATOM   326  O O   B GLU A 1 48  ? -5.526  1.126   10.740  0.50 28.93 ? 51   GLU A O   1 
ATOM   327  C CB  A GLU A 1 48  ? -3.519  1.908   12.966  0.50 34.86 ? 51   GLU A CB  1 
ATOM   328  C CB  B GLU A 1 48  ? -3.556  1.917   13.033  0.50 35.19 ? 51   GLU A CB  1 
ATOM   329  C CG  A GLU A 1 48  ? -2.714  2.660   14.016  0.50 42.17 ? 51   GLU A CG  1 
ATOM   330  C CG  B GLU A 1 48  ? -2.108  2.388   13.149  0.50 42.60 ? 51   GLU A CG  1 
ATOM   331  C CD  A GLU A 1 48  ? -2.371  4.079   13.607  0.50 44.82 ? 51   GLU A CD  1 
ATOM   332  C CD  B GLU A 1 48  ? -1.265  1.493   14.044  0.50 42.70 ? 51   GLU A CD  1 
ATOM   333  O OE1 A GLU A 1 48  ? -2.124  4.328   12.408  0.50 47.92 ? 51   GLU A OE1 1 
ATOM   334  O OE1 B GLU A 1 48  ? -1.347  1.628   15.282  0.50 46.42 ? 51   GLU A OE1 1 
ATOM   335  O OE2 A GLU A 1 48  ? -2.341  4.950   14.500  0.50 48.15 ? 51   GLU A OE2 1 
ATOM   336  O OE2 B GLU A 1 48  ? -0.523  0.645   13.505  0.50 45.87 ? 51   GLU A OE2 1 
ATOM   337  N N   . TYR A 1 49  ? -3.948  2.372   9.739   1.00 26.99 ? 52   TYR A N   1 
ATOM   338  C CA  . TYR A 1 49  ? -4.092  1.693   8.460   1.00 26.98 ? 52   TYR A CA  1 
ATOM   339  C C   . TYR A 1 49  ? -2.741  1.123   8.078   1.00 24.89 ? 52   TYR A C   1 
ATOM   340  O O   . TYR A 1 49  ? -1.724  1.813   8.174   1.00 23.29 ? 52   TYR A O   1 
ATOM   341  C CB  . TYR A 1 49  ? -4.562  2.653   7.366   1.00 27.19 ? 52   TYR A CB  1 
ATOM   342  C CG  . TYR A 1 49  ? -4.418  2.089   5.970   1.00 24.16 ? 52   TYR A CG  1 
ATOM   343  C CD1 . TYR A 1 49  ? -5.174  0.990   5.555   1.00 25.69 ? 52   TYR A CD1 1 
ATOM   344  C CD2 . TYR A 1 49  ? -3.520  2.646   5.064   1.00 23.67 ? 52   TYR A CD2 1 
ATOM   345  C CE1 . TYR A 1 49  ? -5.038  0.465   4.272   1.00 23.69 ? 52   TYR A CE1 1 
ATOM   346  C CE2 . TYR A 1 49  ? -3.376  2.131   3.780   1.00 25.87 ? 52   TYR A CE2 1 
ATOM   347  C CZ  . TYR A 1 49  ? -4.139  1.042   3.388   1.00 25.07 ? 52   TYR A CZ  1 
ATOM   348  O OH  . TYR A 1 49  ? -4.009  0.551   2.111   1.00 24.87 ? 52   TYR A OH  1 
ATOM   349  N N   . GLN A 1 50  ? -2.731  -0.139  7.667   1.00 21.83 ? 53   GLN A N   1 
ATOM   350  C CA  . GLN A 1 50  ? -1.495  -0.785  7.258   1.00 21.24 ? 53   GLN A CA  1 
ATOM   351  C C   . GLN A 1 50  ? -1.749  -1.564  5.983   1.00 22.54 ? 53   GLN A C   1 
ATOM   352  O O   . GLN A 1 50  ? -2.702  -2.343  5.900   1.00 20.09 ? 53   GLN A O   1 
ATOM   353  C CB  . GLN A 1 50  ? -0.981  -1.747  8.337   1.00 19.86 ? 53   GLN A CB  1 
ATOM   354  C CG  . GLN A 1 50  ? 0.144   -2.655  7.846   1.00 22.95 ? 53   GLN A CG  1 
ATOM   355  C CD  . GLN A 1 50  ? 0.730   -3.524  8.938   1.00 24.34 ? 53   GLN A CD  1 
ATOM   356  O OE1 . GLN A 1 50  ? 0.052   -3.868  9.903   1.00 24.92 ? 53   GLN A OE1 1 
ATOM   357  N NE2 . GLN A 1 50  ? 1.998   -3.902  8.778   1.00 22.32 ? 53   GLN A NE2 1 
ATOM   358  N N   . PHE A 1 51  ? -0.897  -1.333  4.992   1.00 20.35 ? 54   PHE A N   1 
ATOM   359  C CA  . PHE A 1 51  ? -0.998  -2.033  3.722   1.00 22.16 ? 54   PHE A CA  1 
ATOM   360  C C   . PHE A 1 51  ? 0.160   -3.023  3.695   1.00 21.57 ? 54   PHE A C   1 
ATOM   361  O O   . PHE A 1 51  ? 1.321   -2.632  3.869   1.00 24.84 ? 54   PHE A O   1 
ATOM   362  C CB  . PHE A 1 51  ? -0.877  -1.053  2.552   1.00 20.89 ? 54   PHE A CB  1 
ATOM   363  C CG  . PHE A 1 51  ? -0.959  -1.711  1.190   1.00 25.22 ? 54   PHE A CG  1 
ATOM   364  C CD1 . PHE A 1 51  ? -2.164  -2.206  0.711   1.00 23.71 ? 54   PHE A CD1 1 
ATOM   365  C CD2 . PHE A 1 51  ? 0.175   -1.844  0.403   1.00 26.57 ? 54   PHE A CD2 1 
ATOM   366  C CE1 . PHE A 1 51  ? -2.236  -2.829  -0.538  1.00 24.29 ? 54   PHE A CE1 1 
ATOM   367  C CE2 . PHE A 1 51  ? 0.114   -2.464  -0.846  1.00 29.43 ? 54   PHE A CE2 1 
ATOM   368  C CZ  . PHE A 1 51  ? -1.091  -2.956  -1.314  1.00 24.72 ? 54   PHE A CZ  1 
ATOM   369  N N   . VAL A 1 52  ? -0.157  -4.300  3.510   1.00 21.39 ? 55   VAL A N   1 
ATOM   370  C CA  . VAL A 1 52  ? 0.873   -5.330  3.453   1.00 20.68 ? 55   VAL A CA  1 
ATOM   371  C C   . VAL A 1 52  ? 0.944   -5.837  2.023   1.00 22.05 ? 55   VAL A C   1 
ATOM   372  O O   . VAL A 1 52  ? 0.016   -6.475  1.526   1.00 21.74 ? 55   VAL A O   1 
ATOM   373  C CB  . VAL A 1 52  ? 0.569   -6.485  4.415   1.00 21.75 ? 55   VAL A CB  1 
ATOM   374  C CG1 . VAL A 1 52  ? 1.681   -7.545  4.333   1.00 23.38 ? 55   VAL A CG1 1 
ATOM   375  C CG2 . VAL A 1 52  ? 0.470   -5.944  5.832   1.00 21.20 ? 55   VAL A CG2 1 
ATOM   376  N N   . ASN A 1 53  ? 2.059   -5.534  1.370   1.00 23.51 ? 56   ASN A N   1 
ATOM   377  C CA  . ASN A 1 53  ? 2.288   -5.888  -0.027  1.00 22.59 ? 56   ASN A CA  1 
ATOM   378  C C   . ASN A 1 53  ? 2.944   -7.252  -0.183  1.00 22.81 ? 56   ASN A C   1 
ATOM   379  O O   . ASN A 1 53  ? 4.103   -7.418  0.169   1.00 23.23 ? 56   ASN A O   1 
ATOM   380  C CB  . ASN A 1 53  ? 3.192   -4.827  -0.668  1.00 24.17 ? 56   ASN A CB  1 
ATOM   381  C CG  . ASN A 1 53  ? 3.152   -4.852  -2.187  1.00 23.99 ? 56   ASN A CG  1 
ATOM   382  O OD1 . ASN A 1 53  ? 3.086   -5.914  -2.801  1.00 24.72 ? 56   ASN A OD1 1 
ATOM   383  N ND2 . ASN A 1 53  ? 3.212   -3.670  -2.798  1.00 22.29 ? 56   ASN A ND2 1 
ATOM   384  N N   . LEU A 1 54  ? 2.210   -8.219  -0.728  1.00 24.22 ? 57   LEU A N   1 
ATOM   385  C CA  . LEU A 1 54  ? 2.758   -9.559  -0.928  1.00 27.08 ? 57   LEU A CA  1 
ATOM   386  C C   . LEU A 1 54  ? 3.836   -9.584  -2.016  1.00 28.96 ? 57   LEU A C   1 
ATOM   387  O O   . LEU A 1 54  ? 4.652   -10.512 -2.064  1.00 27.43 ? 57   LEU A O   1 
ATOM   388  C CB  . LEU A 1 54  ? 1.643   -10.552 -1.285  1.00 25.88 ? 57   LEU A CB  1 
ATOM   389  C CG  . LEU A 1 54  ? 0.888   -11.186 -0.107  1.00 28.55 ? 57   LEU A CG  1 
ATOM   390  C CD1 . LEU A 1 54  ? 0.077   -10.127 0.629   1.00 25.96 ? 57   LEU A CD1 1 
ATOM   391  C CD2 . LEU A 1 54  ? -0.023  -12.298 -0.621  1.00 30.64 ? 57   LEU A CD2 1 
ATOM   392  N N   . ALA A 1 55  ? 3.838   -8.566  -2.876  1.00 27.83 ? 58   ALA A N   1 
ATOM   393  C CA  . ALA A 1 55  ? 4.816   -8.455  -3.963  1.00 30.13 ? 58   ALA A CA  1 
ATOM   394  C C   . ALA A 1 55  ? 5.014   -9.823  -4.614  1.00 29.94 ? 58   ALA A C   1 
ATOM   395  O O   . ALA A 1 55  ? 6.131   -10.336 -4.684  1.00 30.28 ? 58   ALA A O   1 
ATOM   396  C CB  . ALA A 1 55  ? 6.147   -7.932  -3.407  1.00 31.18 ? 58   ALA A CB  1 
ATOM   397  N N   . PHE A 1 56  ? 3.925   -10.397 -5.109  1.00 29.85 ? 59   PHE A N   1 
ATOM   398  C CA  . PHE A 1 56  ? 3.960   -11.730 -5.699  1.00 31.67 ? 59   PHE A CA  1 
ATOM   399  C C   . PHE A 1 56  ? 3.648   -11.782 -7.187  1.00 32.50 ? 59   PHE A C   1 
ATOM   400  O O   . PHE A 1 56  ? 3.635   -12.862 -7.774  1.00 34.90 ? 59   PHE A O   1 
ATOM   401  C CB  . PHE A 1 56  ? 2.957   -12.621 -4.964  0.50 28.13 ? 59   PHE A CB  1 
ATOM   402  C CG  . PHE A 1 56  ? 1.524   -12.289 -5.271  0.50 26.95 ? 59   PHE A CG  1 
ATOM   403  C CD1 . PHE A 1 56  ? 0.793   -13.065 -6.168  0.50 27.50 ? 59   PHE A CD1 1 
ATOM   404  C CD2 . PHE A 1 56  ? 0.918   -11.172 -4.705  0.50 24.68 ? 59   PHE A CD2 1 
ATOM   405  C CE1 . PHE A 1 56  ? -0.519  -12.733 -6.494  0.50 27.13 ? 59   PHE A CE1 1 
ATOM   406  C CE2 . PHE A 1 56  ? -0.394  -10.831 -5.026  0.50 25.78 ? 59   PHE A CE2 1 
ATOM   407  C CZ  . PHE A 1 56  ? -1.112  -11.614 -5.923  0.50 28.03 ? 59   PHE A CZ  1 
ATOM   408  N N   . LEU A 1 57  ? 3.393   -10.630 -7.795  1.00 30.83 ? 60   LEU A N   1 
ATOM   409  C CA  . LEU A 1 57  ? 3.046   -10.592 -9.211  1.00 31.96 ? 60   LEU A CA  1 
ATOM   410  C C   . LEU A 1 57  ? 4.146   -10.075 -10.134 1.00 31.83 ? 60   LEU A C   1 
ATOM   411  O O   . LEU A 1 57  ? 3.901   -9.215  -10.972 1.00 37.19 ? 60   LEU A O   1 
ATOM   412  C CB  . LEU A 1 57  ? 1.786   -9.750  -9.408  1.00 32.20 ? 60   LEU A CB  1 
ATOM   413  C CG  . LEU A 1 57  ? 0.484   -10.356 -8.883  1.00 32.25 ? 60   LEU A CG  1 
ATOM   414  C CD1 . LEU A 1 57  ? -0.621  -9.308  -8.856  1.00 33.04 ? 60   LEU A CD1 1 
ATOM   415  C CD2 . LEU A 1 57  ? 0.094   -11.530 -9.774  1.00 36.12 ? 60   LEU A CD2 1 
ATOM   416  N N   . GLY A 1 58  ? 5.352   -10.611 -9.993  1.00 33.27 ? 61   GLY A N   1 
ATOM   417  C CA  . GLY A 1 58  ? 6.448   -10.177 -10.847 1.00 33.38 ? 61   GLY A CA  1 
ATOM   418  C C   . GLY A 1 58  ? 7.568   -9.556  -10.043 1.00 33.88 ? 61   GLY A C   1 
ATOM   419  O O   . GLY A 1 58  ? 7.335   -9.027  -8.959  1.00 32.31 ? 61   GLY A O   1 
ATOM   420  N N   . LYS A 1 59  ? 8.787   -9.610  -10.569 1.00 31.36 ? 62   LYS A N   1 
ATOM   421  C CA  . LYS A 1 59  ? 9.932   -9.075  -9.842  1.00 34.44 ? 62   LYS A CA  1 
ATOM   422  C C   . LYS A 1 59  ? 9.936   -7.558  -9.696  1.00 31.27 ? 62   LYS A C   1 
ATOM   423  O O   . LYS A 1 59  ? 10.741  -7.017  -8.941  1.00 32.96 ? 62   LYS A O   1 
ATOM   424  C CB  . LYS A 1 59  ? 11.239  -9.537  -10.479 1.00 37.35 ? 62   LYS A CB  1 
ATOM   425  C CG  . LYS A 1 59  ? 11.353  -9.217  -11.944 1.00 41.97 ? 62   LYS A CG  1 
ATOM   426  C CD  . LYS A 1 59  ? 12.669  -9.722  -12.502 1.00 46.98 ? 62   LYS A CD  1 
ATOM   427  C CE  . LYS A 1 59  ? 12.652  -9.674  -14.015 1.00 49.06 ? 62   LYS A CE  1 
ATOM   428  N NZ  . LYS A 1 59  ? 14.025  -9.642  -14.582 1.00 51.36 ? 62   LYS A NZ  1 
ATOM   429  N N   . ASP A 1 60  ? 9.047   -6.866  -10.408 1.00 29.76 ? 63   ASP A N   1 
ATOM   430  C CA  . ASP A 1 60  ? 8.961   -5.414  -10.284 1.00 28.03 ? 63   ASP A CA  1 
ATOM   431  C C   . ASP A 1 60  ? 8.038   -5.061  -9.117  1.00 27.26 ? 63   ASP A C   1 
ATOM   432  O O   . ASP A 1 60  ? 8.061   -3.940  -8.606  1.00 25.34 ? 63   ASP A O   1 
ATOM   433  C CB  . ASP A 1 60  ? 8.441   -4.779  -11.580 1.00 28.60 ? 63   ASP A CB  1 
ATOM   434  C CG  . ASP A 1 60  ? 7.087   -5.322  -12.007 1.00 31.07 ? 63   ASP A CG  1 
ATOM   435  O OD1 . ASP A 1 60  ? 6.927   -6.558  -12.064 1.00 31.88 ? 63   ASP A OD1 1 
ATOM   436  O OD2 . ASP A 1 60  ? 6.187   -4.510  -12.304 1.00 30.85 ? 63   ASP A OD2 1 
ATOM   437  N N   . SER A 1 61  ? 7.228   -6.024  -8.698  1.00 26.11 ? 64   SER A N   1 
ATOM   438  C CA  . SER A 1 61  ? 6.304   -5.812  -7.586  1.00 27.20 ? 64   SER A CA  1 
ATOM   439  C C   . SER A 1 61  ? 7.030   -5.349  -6.332  1.00 25.41 ? 64   SER A C   1 
ATOM   440  O O   . SER A 1 61  ? 6.591   -4.411  -5.666  1.00 25.04 ? 64   SER A O   1 
ATOM   441  C CB  . SER A 1 61  ? 5.537   -7.098  -7.259  1.00 27.74 ? 64   SER A CB  1 
ATOM   442  O OG  . SER A 1 61  ? 4.352   -7.208  -8.025  1.00 32.60 ? 64   SER A OG  1 
ATOM   443  N N   . ILE A 1 62  ? 8.130   -6.020  -6.002  1.00 23.33 ? 65   ILE A N   1 
ATOM   444  C CA  . ILE A 1 62  ? 8.904   -5.676  -4.813  1.00 25.94 ? 65   ILE A CA  1 
ATOM   445  C C   . ILE A 1 62  ? 9.528   -4.285  -4.935  1.00 27.27 ? 65   ILE A C   1 
ATOM   446  O O   . ILE A 1 62  ? 9.692   -3.581  -3.940  1.00 24.81 ? 65   ILE A O   1 
ATOM   447  C CB  . ILE A 1 62  ? 10.024  -6.725  -4.547  1.00 26.19 ? 65   ILE A CB  1 
ATOM   448  C CG1 . ILE A 1 62  ? 10.612  -6.528  -3.149  1.00 28.15 ? 65   ILE A CG1 1 
ATOM   449  C CG2 . ILE A 1 62  ? 11.126  -6.602  -5.588  1.00 30.55 ? 65   ILE A CG2 1 
ATOM   450  C CD1 . ILE A 1 62  ? 9.660   -6.878  -2.028  1.00 29.90 ? 65   ILE A CD1 1 
ATOM   451  N N   . VAL A 1 63  ? 9.871   -3.881  -6.154  1.00 26.12 ? 66   VAL A N   1 
ATOM   452  C CA  . VAL A 1 63  ? 10.464  -2.566  -6.350  1.00 26.86 ? 66   VAL A CA  1 
ATOM   453  C C   . VAL A 1 63  ? 9.416   -1.511  -6.028  1.00 25.74 ? 66   VAL A C   1 
ATOM   454  O O   . VAL A 1 63  ? 9.708   -0.509  -5.373  1.00 23.36 ? 66   VAL A O   1 
ATOM   455  C CB  . VAL A 1 63  ? 10.963  -2.375  -7.804  1.00 27.82 ? 66   VAL A CB  1 
ATOM   456  C CG1 . VAL A 1 63  ? 11.590  -0.996  -7.960  1.00 27.22 ? 66   VAL A CG1 1 
ATOM   457  C CG2 . VAL A 1 63  ? 11.984  -3.457  -8.150  1.00 29.52 ? 66   VAL A CG2 1 
ATOM   458  N N   . GLY A 1 64  ? 8.188   -1.746  -6.485  1.00 26.69 ? 67   GLY A N   1 
ATOM   459  C CA  . GLY A 1 64  ? 7.113   -0.811  -6.209  1.00 24.46 ? 67   GLY A CA  1 
ATOM   460  C C   . GLY A 1 64  ? 6.845   -0.770  -4.714  1.00 22.80 ? 67   GLY A C   1 
ATOM   461  O O   . GLY A 1 64  ? 6.532   0.287   -4.160  1.00 20.79 ? 67   GLY A O   1 
ATOM   462  N N   . SER A 1 65  ? 6.964   -1.919  -4.059  1.00 21.87 ? 68   SER A N   1 
ATOM   463  C CA  . SER A 1 65  ? 6.737   -1.992  -2.612  1.00 22.82 ? 68   SER A CA  1 
ATOM   464  C C   . SER A 1 65  ? 7.777   -1.173  -1.852  1.00 22.08 ? 68   SER A C   1 
ATOM   465  O O   . SER A 1 65  ? 7.448   -0.475  -0.897  1.00 21.28 ? 68   SER A O   1 
ATOM   466  C CB  . SER A 1 65  ? 6.780   -3.445  -2.135  1.00 23.76 ? 68   SER A CB  1 
ATOM   467  O OG  . SER A 1 65  ? 6.427   -3.531  -0.760  1.00 22.11 ? 68   SER A OG  1 
ATOM   468  N N   . ARG A 1 66  ? 9.037   -1.260  -2.268  1.00 21.28 ? 69   ARG A N   1 
ATOM   469  C CA  . ARG A 1 66  ? 10.092  -0.487  -1.615  1.00 23.33 ? 69   ARG A CA  1 
ATOM   470  C C   . ARG A 1 66  ? 9.809   1.013   -1.748  1.00 24.98 ? 69   ARG A C   1 
ATOM   471  O O   . ARG A 1 66  ? 9.896   1.762   -0.775  1.00 23.94 ? 69   ARG A O   1 
ATOM   472  C CB  . ARG A 1 66  ? 11.446  -0.804  -2.248  1.00 22.75 ? 69   ARG A CB  1 
ATOM   473  C CG  . ARG A 1 66  ? 11.915  -2.224  -2.033  1.00 23.92 ? 69   ARG A CG  1 
ATOM   474  C CD  . ARG A 1 66  ? 13.155  -2.510  -2.872  1.00 26.14 ? 69   ARG A CD  1 
ATOM   475  N NE  . ARG A 1 66  ? 13.529  -3.920  -2.823  1.00 28.53 ? 69   ARG A NE  1 
ATOM   476  C CZ  . ARG A 1 66  ? 14.123  -4.573  -3.819  1.00 30.64 ? 69   ARG A CZ  1 
ATOM   477  N NH1 . ARG A 1 66  ? 14.412  -3.949  -4.952  1.00 31.37 ? 69   ARG A NH1 1 
ATOM   478  N NH2 . ARG A 1 66  ? 14.424  -5.857  -3.678  1.00 32.66 ? 69   ARG A NH2 1 
ATOM   479  N N   . ALA A 1 67  ? 9.475   1.451   -2.960  1.00 23.28 ? 70   ALA A N   1 
ATOM   480  C CA  . ALA A 1 67  ? 9.185   2.862   -3.193  1.00 22.32 ? 70   ALA A CA  1 
ATOM   481  C C   . ALA A 1 67  ? 8.029   3.312   -2.305  1.00 22.70 ? 70   ALA A C   1 
ATOM   482  O O   . ALA A 1 67  ? 8.059   4.398   -1.719  1.00 22.48 ? 70   ALA A O   1 
ATOM   483  C CB  . ALA A 1 67  ? 8.832   3.092   -4.666  1.00 22.57 ? 70   ALA A CB  1 
ATOM   484  N N   . SER A 1 68  ? 7.011   2.466   -2.220  1.00 21.31 ? 71   SER A N   1 
ATOM   485  C CA  . SER A 1 68  ? 5.824   2.748   -1.414  1.00 21.17 ? 71   SER A CA  1 
ATOM   486  C C   . SER A 1 68  ? 6.182   2.892   0.058   1.00 21.61 ? 71   SER A C   1 
ATOM   487  O O   . SER A 1 68  ? 5.723   3.822   0.732   1.00 21.86 ? 71   SER A O   1 
ATOM   488  C CB  . SER A 1 68  ? 4.799   1.621   -1.590  1.00 22.84 ? 71   SER A CB  1 
ATOM   489  O OG  . SER A 1 68  ? 3.620   1.877   -0.843  1.00 24.40 ? 71   SER A OG  1 
ATOM   490  N N   . HIS A 1 69  ? 6.994   1.970   0.562   1.00 19.54 ? 72   HIS A N   1 
ATOM   491  C CA  . HIS A 1 69  ? 7.406   2.025   1.959   1.00 22.41 ? 72   HIS A CA  1 
ATOM   492  C C   . HIS A 1 69  ? 8.277   3.245   2.232   1.00 22.83 ? 72   HIS A C   1 
ATOM   493  O O   . HIS A 1 69  ? 8.213   3.821   3.313   1.00 23.57 ? 72   HIS A O   1 
ATOM   494  C CB  . HIS A 1 69  ? 8.137   0.737   2.356   1.00 20.23 ? 72   HIS A CB  1 
ATOM   495  C CG  . HIS A 1 69  ? 7.213   -0.371  2.759   1.00 21.94 ? 72   HIS A CG  1 
ATOM   496  N ND1 . HIS A 1 69  ? 6.496   -0.344  3.936   1.00 22.71 ? 72   HIS A ND1 1 
ATOM   497  C CD2 . HIS A 1 69  ? 6.851   -1.508  2.122   1.00 20.09 ? 72   HIS A CD2 1 
ATOM   498  C CE1 . HIS A 1 69  ? 5.731   -1.420  4.006   1.00 24.36 ? 72   HIS A CE1 1 
ATOM   499  N NE2 . HIS A 1 69  ? 5.926   -2.142  2.918   1.00 24.73 ? 72   HIS A NE2 1 
ATOM   500  N N   . ALA A 1 70  ? 9.085   3.647   1.253   1.00 23.26 ? 73   ALA A N   1 
ATOM   501  C CA  . ALA A 1 70  ? 9.933   4.824   1.425   1.00 22.61 ? 73   ALA A CA  1 
ATOM   502  C C   . ALA A 1 70  ? 9.036   6.055   1.561   1.00 24.82 ? 73   ALA A C   1 
ATOM   503  O O   . ALA A 1 70  ? 9.259   6.912   2.416   1.00 25.56 ? 73   ALA A O   1 
ATOM   504  C CB  . ALA A 1 70  ? 10.879  4.980   0.232   1.00 24.23 ? 73   ALA A CB  1 
ATOM   505  N N   . VAL A 1 71  ? 8.013   6.142   0.720   1.00 23.62 ? 74   VAL A N   1 
ATOM   506  C CA  . VAL A 1 71  ? 7.091   7.270   0.791   1.00 24.01 ? 74   VAL A CA  1 
ATOM   507  C C   . VAL A 1 71  ? 6.391   7.278   2.150   1.00 24.30 ? 74   VAL A C   1 
ATOM   508  O O   . VAL A 1 71  ? 6.236   8.328   2.776   1.00 23.63 ? 74   VAL A O   1 
ATOM   509  C CB  . VAL A 1 71  ? 6.025   7.196   -0.328  1.00 23.42 ? 74   VAL A CB  1 
ATOM   510  C CG1 . VAL A 1 71  ? 4.926   8.231   -0.077  1.00 23.52 ? 74   VAL A CG1 1 
ATOM   511  C CG2 . VAL A 1 71  ? 6.683   7.463   -1.679  1.00 21.04 ? 74   VAL A CG2 1 
ATOM   512  N N   . LEU A 1 72  ? 5.981   6.102   2.611   1.00 22.05 ? 75   LEU A N   1 
ATOM   513  C CA  . LEU A 1 72  ? 5.303   6.018   3.900   1.00 23.58 ? 75   LEU A CA  1 
ATOM   514  C C   . LEU A 1 72  ? 6.170   6.524   5.048   1.00 25.78 ? 75   LEU A C   1 
ATOM   515  O O   . LEU A 1 72  ? 5.709   7.299   5.892   1.00 24.93 ? 75   LEU A O   1 
ATOM   516  C CB  . LEU A 1 72  ? 4.878   4.582   4.196   1.00 25.32 ? 75   LEU A CB  1 
ATOM   517  C CG  . LEU A 1 72  ? 4.236   4.364   5.574   1.00 24.61 ? 75   LEU A CG  1 
ATOM   518  C CD1 . LEU A 1 72  ? 3.021   5.261   5.731   1.00 25.72 ? 75   LEU A CD1 1 
ATOM   519  C CD2 . LEU A 1 72  ? 3.855   2.901   5.728   1.00 25.19 ? 75   LEU A CD2 1 
ATOM   520  N N   . MET A 1 73  ? 7.427   6.092   5.079   1.00 24.20 ? 76   MET A N   1 
ATOM   521  C CA  . MET A 1 73  ? 8.307   6.500   6.163   1.00 26.97 ? 76   MET A CA  1 
ATOM   522  C C   . MET A 1 73  ? 8.790   7.941   6.123   1.00 28.57 ? 76   MET A C   1 
ATOM   523  O O   . MET A 1 73  ? 8.986   8.542   7.175   1.00 28.40 ? 76   MET A O   1 
ATOM   524  C CB  . MET A 1 73  ? 9.505   5.546   6.273   1.00 30.28 ? 76   MET A CB  1 
ATOM   525  C CG  . MET A 1 73  ? 10.362  5.425   5.024   1.00 34.87 ? 76   MET A CG  1 
ATOM   526  S SD  . MET A 1 73  ? 11.698  4.194   5.239   1.00 41.51 ? 76   MET A SD  1 
ATOM   527  C CE  . MET A 1 73  ? 10.744  2.751   5.686   1.00 26.26 ? 76   MET A CE  1 
ATOM   528  N N   . TYR A 1 74  ? 8.958   8.514   4.932   1.00 26.35 ? 77   TYR A N   1 
ATOM   529  C CA  . TYR A 1 74  ? 9.455   9.887   4.837   1.00 26.66 ? 77   TYR A CA  1 
ATOM   530  C C   . TYR A 1 74  ? 8.428   10.970  4.547   1.00 26.72 ? 77   TYR A C   1 
ATOM   531  O O   . TYR A 1 74  ? 8.689   12.157  4.779   1.00 26.48 ? 77   TYR A O   1 
ATOM   532  C CB  . TYR A 1 74  ? 10.586  9.948   3.807   1.00 28.75 ? 77   TYR A CB  1 
ATOM   533  C CG  . TYR A 1 74  ? 11.761  9.088   4.197   1.00 29.27 ? 77   TYR A CG  1 
ATOM   534  C CD1 . TYR A 1 74  ? 12.370  9.239   5.444   1.00 30.68 ? 77   TYR A CD1 1 
ATOM   535  C CD2 . TYR A 1 74  ? 12.264  8.115   3.331   1.00 31.91 ? 77   TYR A CD2 1 
ATOM   536  C CE1 . TYR A 1 74  ? 13.446  8.448   5.822   1.00 33.82 ? 77   TYR A CE1 1 
ATOM   537  C CE2 . TYR A 1 74  ? 13.347  7.315   3.698   1.00 33.67 ? 77   TYR A CE2 1 
ATOM   538  C CZ  . TYR A 1 74  ? 13.931  7.490   4.947   1.00 35.06 ? 77   TYR A CZ  1 
ATOM   539  O OH  . TYR A 1 74  ? 14.998  6.714   5.324   1.00 34.71 ? 77   TYR A OH  1 
ATOM   540  N N   . ALA A 1 75  ? 7.267   10.573  4.042   1.00 24.92 ? 78   ALA A N   1 
ATOM   541  C CA  . ALA A 1 75  ? 6.203   11.519  3.738   1.00 24.77 ? 78   ALA A CA  1 
ATOM   542  C C   . ALA A 1 75  ? 4.853   10.840  3.969   1.00 25.21 ? 78   ALA A C   1 
ATOM   543  O O   . ALA A 1 75  ? 4.036   10.718  3.057   1.00 23.25 ? 78   ALA A O   1 
ATOM   544  C CB  . ALA A 1 75  ? 6.328   11.999  2.296   1.00 24.41 ? 78   ALA A CB  1 
ATOM   545  N N   . PRO A 1 76  ? 4.602   10.400  5.212   1.00 25.74 ? 79   PRO A N   1 
ATOM   546  C CA  . PRO A 1 76  ? 3.355   9.724   5.588   1.00 26.98 ? 79   PRO A CA  1 
ATOM   547  C C   . PRO A 1 76  ? 2.069   10.444  5.205   1.00 26.65 ? 79   PRO A C   1 
ATOM   548  O O   . PRO A 1 76  ? 1.073   9.801   4.878   1.00 24.43 ? 79   PRO A O   1 
ATOM   549  C CB  . PRO A 1 76  ? 3.502   9.528   7.102   1.00 28.71 ? 79   PRO A CB  1 
ATOM   550  C CG  . PRO A 1 76  ? 4.422   10.653  7.513   1.00 27.97 ? 79   PRO A CG  1 
ATOM   551  C CD  . PRO A 1 76  ? 5.442   10.651  6.397   1.00 28.43 ? 79   PRO A CD  1 
ATOM   552  N N   . LYS A 1 77  ? 2.084   11.774  5.238   1.00 26.02 ? 80   LYS A N   1 
ATOM   553  C CA  . LYS A 1 77  ? 0.895   12.541  4.891   1.00 28.71 ? 80   LYS A CA  1 
ATOM   554  C C   . LYS A 1 77  ? 0.604   12.524  3.389   1.00 28.26 ? 80   LYS A C   1 
ATOM   555  O O   . LYS A 1 77  ? -0.442  13.003  2.951   1.00 27.00 ? 80   LYS A O   1 
ATOM   556  C CB  . LYS A 1 77  ? 1.022   13.980  5.410   1.00 28.68 ? 80   LYS A CB  1 
ATOM   557  C CG  . LYS A 1 77  ? 0.826   14.078  6.924   1.00 37.57 ? 80   LYS A CG  1 
ATOM   558  C CD  . LYS A 1 77  ? 0.901   15.512  7.449   1.00 39.81 ? 80   LYS A CD  1 
ATOM   559  C CE  . LYS A 1 77  ? 2.334   16.020  7.526   1.00 44.53 ? 80   LYS A CE  1 
ATOM   560  N NZ  . LYS A 1 77  ? 2.428   17.314  8.273   1.00 46.97 ? 80   LYS A NZ  1 
ATOM   561  N N   . SER A 1 78  ? 1.528   11.955  2.614   1.00 25.50 ? 81   SER A N   1 
ATOM   562  C CA  . SER A 1 78  ? 1.378   11.846  1.162   1.00 25.29 ? 81   SER A CA  1 
ATOM   563  C C   . SER A 1 78  ? 1.202   10.384  0.762   1.00 25.78 ? 81   SER A C   1 
ATOM   564  O O   . SER A 1 78  ? 1.000   10.080  -0.410  1.00 28.48 ? 81   SER A O   1 
ATOM   565  C CB  . SER A 1 78  ? 2.620   12.391  0.436   1.00 24.64 ? 81   SER A CB  1 
ATOM   566  O OG  . SER A 1 78  ? 2.801   13.773  0.664   1.00 26.89 ? 81   SER A OG  1 
ATOM   567  N N   . PHE A 1 79  ? 1.278   9.479   1.731   1.00 24.63 ? 82   PHE A N   1 
ATOM   568  C CA  . PHE A 1 79  ? 1.172   8.047   1.425   1.00 25.81 ? 82   PHE A CA  1 
ATOM   569  C C   . PHE A 1 79  ? -0.117  7.602   0.728   1.00 25.45 ? 82   PHE A C   1 
ATOM   570  O O   . PHE A 1 79  ? -0.067  6.899   -0.281  1.00 23.94 ? 82   PHE A O   1 
ATOM   571  C CB  . PHE A 1 79  ? 1.379   7.216   2.692   1.00 23.29 ? 82   PHE A CB  1 
ATOM   572  C CG  . PHE A 1 79  ? 1.340   5.730   2.447   1.00 24.38 ? 82   PHE A CG  1 
ATOM   573  C CD1 . PHE A 1 79  ? 2.293   5.119   1.636   1.00 24.64 ? 82   PHE A CD1 1 
ATOM   574  C CD2 . PHE A 1 79  ? 0.339   4.948   3.009   1.00 26.59 ? 82   PHE A CD2 1 
ATOM   575  C CE1 . PHE A 1 79  ? 2.242   3.743   1.385   1.00 25.58 ? 82   PHE A CE1 1 
ATOM   576  C CE2 . PHE A 1 79  ? 0.281   3.578   2.766   1.00 27.02 ? 82   PHE A CE2 1 
ATOM   577  C CZ  . PHE A 1 79  ? 1.237   2.975   1.954   1.00 26.02 ? 82   PHE A CZ  1 
ATOM   578  N N   . LEU A 1 80  ? -1.270  7.995   1.257   1.00 24.85 ? 83   LEU A N   1 
ATOM   579  C CA  . LEU A 1 80  ? -2.524  7.594   0.636   1.00 24.98 ? 83   LEU A CA  1 
ATOM   580  C C   . LEU A 1 80  ? -2.682  8.158   -0.781  1.00 25.85 ? 83   LEU A C   1 
ATOM   581  O O   . LEU A 1 80  ? -3.259  7.497   -1.642  1.00 27.37 ? 83   LEU A O   1 
ATOM   582  C CB  . LEU A 1 80  ? -3.716  7.978   1.522   1.00 24.26 ? 83   LEU A CB  1 
ATOM   583  C CG  . LEU A 1 80  ? -3.787  7.214   2.855   1.00 25.82 ? 83   LEU A CG  1 
ATOM   584  C CD1 . LEU A 1 80  ? -5.044  7.619   3.610   1.00 29.05 ? 83   LEU A CD1 1 
ATOM   585  C CD2 . LEU A 1 80  ? -3.788  5.711   2.603   1.00 28.00 ? 83   LEU A CD2 1 
ATOM   586  N N   . ASP A 1 81  ? -2.174  9.364   -1.039  1.00 28.00 ? 84   ASP A N   1 
ATOM   587  C CA  . ASP A 1 81  ? -2.269  9.914   -2.398  1.00 26.15 ? 84   ASP A CA  1 
ATOM   588  C C   . ASP A 1 81  ? -1.353  9.100   -3.302  1.00 25.55 ? 84   ASP A C   1 
ATOM   589  O O   . ASP A 1 81  ? -1.677  8.830   -4.462  1.00 23.91 ? 84   ASP A O   1 
ATOM   590  C CB  . ASP A 1 81  ? -1.824  11.376  -2.470  1.00 28.21 ? 84   ASP A CB  1 
ATOM   591  C CG  . ASP A 1 81  ? -2.763  12.314  -1.749  1.00 33.81 ? 84   ASP A CG  1 
ATOM   592  O OD1 . ASP A 1 81  ? -3.984  12.051  -1.718  1.00 32.55 ? 84   ASP A OD1 1 
ATOM   593  O OD2 . ASP A 1 81  ? -2.272  13.331  -1.224  1.00 35.25 ? 84   ASP A OD2 1 
ATOM   594  N N   . PHE A 1 82  ? -0.195  8.720   -2.770  1.00 24.11 ? 85   PHE A N   1 
ATOM   595  C CA  . PHE A 1 82  ? 0.755   7.926   -3.536  1.00 24.05 ? 85   PHE A CA  1 
ATOM   596  C C   . PHE A 1 82  ? 0.101   6.603   -3.919  1.00 23.81 ? 85   PHE A C   1 
ATOM   597  O O   . PHE A 1 82  ? 0.182   6.176   -5.069  1.00 23.09 ? 85   PHE A O   1 
ATOM   598  C CB  . PHE A 1 82  ? 2.026   7.659   -2.720  1.00 21.06 ? 85   PHE A CB  1 
ATOM   599  C CG  . PHE A 1 82  ? 3.080   6.893   -3.475  1.00 22.05 ? 85   PHE A CG  1 
ATOM   600  C CD1 . PHE A 1 82  ? 3.846   7.517   -4.459  1.00 24.01 ? 85   PHE A CD1 1 
ATOM   601  C CD2 . PHE A 1 82  ? 3.287   5.543   -3.224  1.00 23.42 ? 85   PHE A CD2 1 
ATOM   602  C CE1 . PHE A 1 82  ? 4.807   6.802   -5.177  1.00 22.60 ? 85   PHE A CE1 1 
ATOM   603  C CE2 . PHE A 1 82  ? 4.239   4.821   -3.935  1.00 22.06 ? 85   PHE A CE2 1 
ATOM   604  C CZ  . PHE A 1 82  ? 5.002   5.454   -4.914  1.00 23.13 ? 85   PHE A CZ  1 
ATOM   605  N N   . GLN A 1 83  ? -0.553  5.953   -2.959  1.00 25.23 ? 86   GLN A N   1 
ATOM   606  C CA  . GLN A 1 83  ? -1.218  4.681   -3.245  1.00 24.79 ? 86   GLN A CA  1 
ATOM   607  C C   . GLN A 1 83  ? -2.288  4.823   -4.312  1.00 25.77 ? 86   GLN A C   1 
ATOM   608  O O   . GLN A 1 83  ? -2.324  4.053   -5.270  1.00 24.85 ? 86   GLN A O   1 
ATOM   609  C CB  . GLN A 1 83  ? -1.874  4.101   -1.994  1.00 26.86 ? 86   GLN A CB  1 
ATOM   610  C CG  . GLN A 1 83  ? -0.930  3.424   -1.033  1.00 31.74 ? 86   GLN A CG  1 
ATOM   611  C CD  . GLN A 1 83  ? -1.654  2.401   -0.189  1.00 31.24 ? 86   GLN A CD  1 
ATOM   612  O OE1 . GLN A 1 83  ? -2.656  2.712   0.448   1.00 29.51 ? 86   GLN A OE1 1 
ATOM   613  N NE2 . GLN A 1 83  ? -1.154  1.172   -0.186  1.00 30.21 ? 86   GLN A NE2 1 
ATOM   614  N N   . LYS A 1 84  ? -3.174  5.797   -4.133  1.00 24.50 ? 87   LYS A N   1 
ATOM   615  C CA  . LYS A 1 84  ? -4.251  6.026   -5.093  1.00 29.07 ? 87   LYS A CA  1 
ATOM   616  C C   . LYS A 1 84  ? -3.723  6.233   -6.506  1.00 29.13 ? 87   LYS A C   1 
ATOM   617  O O   . LYS A 1 84  ? -4.175  5.576   -7.450  1.00 26.13 ? 87   LYS A O   1 
ATOM   618  C CB  . LYS A 1 84  ? -5.098  7.242   -4.686  1.00 31.36 ? 87   LYS A CB  1 
ATOM   619  C CG  . LYS A 1 84  ? -6.102  7.655   -5.765  1.00 34.84 ? 87   LYS A CG  1 
ATOM   620  C CD  . LYS A 1 84  ? -7.298  8.448   -5.233  1.00 42.38 ? 87   LYS A CD  1 
ATOM   621  C CE  . LYS A 1 84  ? -6.998  9.917   -4.972  1.00 47.05 ? 87   LYS A CE  1 
ATOM   622  N NZ  . LYS A 1 84  ? -6.336  10.164  -3.659  1.00 50.07 ? 87   LYS A NZ  1 
ATOM   623  N N   . GLN A 1 85  ? -2.763  7.144   -6.644  1.00 27.18 ? 88   GLN A N   1 
ATOM   624  C CA  . GLN A 1 85  ? -2.178  7.460   -7.945  1.00 28.01 ? 88   GLN A CA  1 
ATOM   625  C C   . GLN A 1 85  ? -1.409  6.297   -8.567  1.00 27.18 ? 88   GLN A C   1 
ATOM   626  O O   . GLN A 1 85  ? -1.390  6.144   -9.790  1.00 26.72 ? 88   GLN A O   1 
ATOM   627  C CB  . GLN A 1 85  ? -1.261  8.681   -7.818  1.00 32.46 ? 88   GLN A CB  1 
ATOM   628  C CG  . GLN A 1 85  ? -2.010  9.996   -7.598  1.00 36.34 ? 88   GLN A CG  1 
ATOM   629  C CD  . GLN A 1 85  ? -1.090  11.138  -7.198  1.00 41.71 ? 88   GLN A CD  1 
ATOM   630  O OE1 . GLN A 1 85  ? -0.055  11.366  -7.824  1.00 45.60 ? 88   GLN A OE1 1 
ATOM   631  N NE2 . GLN A 1 85  ? -1.470  11.866  -6.156  1.00 41.12 ? 88   GLN A NE2 1 
ATOM   632  N N   . LEU A 1 86  ? -0.784  5.469   -7.734  1.00 24.60 ? 89   LEU A N   1 
ATOM   633  C CA  . LEU A 1 86  ? -0.029  4.332   -8.257  1.00 23.81 ? 89   LEU A CA  1 
ATOM   634  C C   . LEU A 1 86  ? -0.973  3.245   -8.758  1.00 25.19 ? 89   LEU A C   1 
ATOM   635  O O   . LEU A 1 86  ? -0.757  2.670   -9.824  1.00 26.95 ? 89   LEU A O   1 
ATOM   636  C CB  . LEU A 1 86  ? 0.914   3.766   -7.185  1.00 25.96 ? 89   LEU A CB  1 
ATOM   637  C CG  . LEU A 1 86  ? 1.866   2.662   -7.660  1.00 26.24 ? 89   LEU A CG  1 
ATOM   638  C CD1 . LEU A 1 86  ? 2.711   3.154   -8.842  1.00 26.60 ? 89   LEU A CD1 1 
ATOM   639  C CD2 . LEU A 1 86  ? 2.764   2.246   -6.511  1.00 26.87 ? 89   LEU A CD2 1 
ATOM   640  N N   . PHE A 1 87  ? -2.015  2.954   -7.989  1.00 24.00 ? 90   PHE A N   1 
ATOM   641  C CA  . PHE A 1 87  ? -2.994  1.956   -8.411  1.00 26.30 ? 90   PHE A CA  1 
ATOM   642  C C   . PHE A 1 87  ? -3.658  2.428   -9.700  1.00 27.81 ? 90   PHE A C   1 
ATOM   643  O O   . PHE A 1 87  ? -3.972  1.625   -10.577 1.00 30.28 ? 90   PHE A O   1 
ATOM   644  C CB  . PHE A 1 87  ? -4.069  1.756   -7.339  1.00 23.31 ? 90   PHE A CB  1 
ATOM   645  C CG  . PHE A 1 87  ? -3.760  0.662   -6.363  1.00 22.78 ? 90   PHE A CG  1 
ATOM   646  C CD1 . PHE A 1 87  ? -3.679  0.927   -5.002  1.00 23.16 ? 90   PHE A CD1 1 
ATOM   647  C CD2 . PHE A 1 87  ? -3.576  -0.650  -6.804  1.00 25.02 ? 90   PHE A CD2 1 
ATOM   648  C CE1 . PHE A 1 87  ? -3.421  -0.093  -4.091  1.00 20.65 ? 90   PHE A CE1 1 
ATOM   649  C CE2 . PHE A 1 87  ? -3.318  -1.679  -5.901  1.00 20.44 ? 90   PHE A CE2 1 
ATOM   650  C CZ  . PHE A 1 87  ? -3.242  -1.399  -4.539  1.00 23.06 ? 90   PHE A CZ  1 
ATOM   651  N N   . ALA A 1 88  ? -3.866  3.734   -9.811  1.00 30.53 ? 91   ALA A N   1 
ATOM   652  C CA  . ALA A 1 88  ? -4.507  4.301   -10.992 1.00 33.91 ? 91   ALA A CA  1 
ATOM   653  C C   . ALA A 1 88  ? -3.678  4.109   -12.258 1.00 35.59 ? 91   ALA A C   1 
ATOM   654  O O   . ALA A 1 88  ? -4.225  4.074   -13.361 1.00 35.06 ? 91   ALA A O   1 
ATOM   655  C CB  . ALA A 1 88  ? -4.791  5.781   -10.774 1.00 32.79 ? 91   ALA A CB  1 
ATOM   656  N N   . ALA A 1 89  ? -2.364  3.977   -12.098 1.00 34.19 ? 92   ALA A N   1 
ATOM   657  C CA  . ALA A 1 89  ? -1.471  3.800   -13.238 1.00 33.43 ? 92   ALA A CA  1 
ATOM   658  C C   . ALA A 1 89  ? -1.208  2.334   -13.568 1.00 32.46 ? 92   ALA A C   1 
ATOM   659  O O   . ALA A 1 89  ? -0.421  2.025   -14.459 1.00 30.45 ? 92   ALA A O   1 
ATOM   660  C CB  . ALA A 1 89  ? -0.147  4.520   -12.975 1.00 34.81 ? 92   ALA A CB  1 
ATOM   661  N N   . GLN A 1 90  ? -1.871  1.433   -12.852 1.00 32.06 ? 93   GLN A N   1 
ATOM   662  C CA  . GLN A 1 90  ? -1.692  0.002   -13.066 1.00 33.05 ? 93   GLN A CA  1 
ATOM   663  C C   . GLN A 1 90  ? -1.858  -0.411  -14.530 1.00 35.77 ? 93   GLN A C   1 
ATOM   664  O O   . GLN A 1 90  ? -2.760  0.060   -15.221 1.00 34.86 ? 93   GLN A O   1 
ATOM   665  C CB  . GLN A 1 90  ? -2.684  -0.784  -12.202 1.00 32.17 ? 93   GLN A CB  1 
ATOM   666  C CG  . GLN A 1 90  ? -2.565  -2.289  -12.323 1.00 30.45 ? 93   GLN A CG  1 
ATOM   667  C CD  . GLN A 1 90  ? -3.506  -3.029  -11.386 1.00 31.94 ? 93   GLN A CD  1 
ATOM   668  O OE1 . GLN A 1 90  ? -3.289  -3.082  -10.169 1.00 29.46 ? 93   GLN A OE1 1 
ATOM   669  N NE2 . GLN A 1 90  ? -4.560  -3.597  -11.946 1.00 28.64 ? 93   GLN A NE2 1 
ATOM   670  N N   . GLN A 1 91  ? -0.975  -1.294  -14.989 1.00 36.74 ? 94   GLN A N   1 
ATOM   671  C CA  . GLN A 1 91  ? -1.009  -1.803  -16.357 1.00 39.91 ? 94   GLN A CA  1 
ATOM   672  C C   . GLN A 1 91  ? -1.186  -3.317  -16.299 1.00 39.44 ? 94   GLN A C   1 
ATOM   673  O O   . GLN A 1 91  ? -1.541  -3.863  -15.255 1.00 38.36 ? 94   GLN A O   1 
ATOM   674  C CB  . GLN A 1 91  ? 0.303   -1.480  -17.081 1.00 40.45 ? 94   GLN A CB  1 
ATOM   675  C CG  . GLN A 1 91  ? 0.539   -0.007  -17.373 1.00 45.69 ? 94   GLN A CG  1 
ATOM   676  C CD  . GLN A 1 91  ? -0.348  0.526   -18.485 1.00 49.95 ? 94   GLN A CD  1 
ATOM   677  O OE1 . GLN A 1 91  ? -0.991  -0.238  -19.207 1.00 53.02 ? 94   GLN A OE1 1 
ATOM   678  N NE2 . GLN A 1 91  ? -0.376  1.844   -18.638 1.00 51.29 ? 94   GLN A NE2 1 
ATOM   679  N N   . ASP A 1 92  ? -0.934  -3.994  -17.416 1.00 41.59 ? 95   ASP A N   1 
ATOM   680  C CA  . ASP A 1 92  ? -1.053  -5.448  -17.448 1.00 43.31 ? 95   ASP A CA  1 
ATOM   681  C C   . ASP A 1 92  ? -0.079  -6.046  -16.443 1.00 41.41 ? 95   ASP A C   1 
ATOM   682  O O   . ASP A 1 92  ? 1.111   -5.734  -16.460 1.00 41.25 ? 95   ASP A O   1 
ATOM   683  C CB  . ASP A 1 92  ? -0.750  -5.996  -18.848 1.00 47.12 ? 95   ASP A CB  1 
ATOM   684  C CG  . ASP A 1 92  ? -1.938  -5.899  -19.783 1.00 51.88 ? 95   ASP A CG  1 
ATOM   685  O OD1 . ASP A 1 92  ? -3.073  -5.738  -19.285 1.00 55.18 ? 95   ASP A OD1 1 
ATOM   686  O OD2 . ASP A 1 92  ? -1.742  -5.998  -21.013 1.00 57.56 ? 95   ASP A OD2 1 
ATOM   687  N N   . GLN A 1 93  ? -0.587  -6.911  -15.572 1.00 42.38 ? 96   GLN A N   1 
ATOM   688  C CA  . GLN A 1 93  ? 0.239   -7.532  -14.543 1.00 43.54 ? 96   GLN A CA  1 
ATOM   689  C C   . GLN A 1 93  ? 1.349   -8.418  -15.100 1.00 44.49 ? 96   GLN A C   1 
ATOM   690  O O   . GLN A 1 93  ? 2.237   -8.841  -14.363 1.00 43.45 ? 96   GLN A O   1 
ATOM   691  C CB  . GLN A 1 93  ? -0.637  -8.343  -13.584 1.00 44.85 ? 96   GLN A CB  1 
ATOM   692  C CG  . GLN A 1 93  ? -0.980  -9.744  -14.066 1.00 48.51 ? 96   GLN A CG  1 
ATOM   693  C CD  . GLN A 1 93  ? -2.101  -10.368 -13.264 1.00 50.30 ? 96   GLN A CD  1 
ATOM   694  O OE1 . GLN A 1 93  ? -3.257  -9.958  -13.370 1.00 52.29 ? 96   GLN A OE1 1 
ATOM   695  N NE2 . GLN A 1 93  ? -1.765  -11.359 -12.449 1.00 50.56 ? 96   GLN A NE2 1 
ATOM   696  N N   . ASN A 1 94  ? 1.299   -8.713  -16.394 1.00 44.91 ? 97   ASN A N   1 
ATOM   697  C CA  . ASN A 1 94  ? 2.342   -9.538  -16.986 1.00 45.89 ? 97   ASN A CA  1 
ATOM   698  C C   . ASN A 1 94  ? 3.461   -8.670  -17.537 1.00 44.88 ? 97   ASN A C   1 
ATOM   699  O O   . ASN A 1 94  ? 4.408   -9.162  -18.147 1.00 46.50 ? 97   ASN A O   1 
ATOM   700  C CB  . ASN A 1 94  ? 1.755   -10.443 -18.065 1.00 50.55 ? 97   ASN A CB  1 
ATOM   701  C CG  . ASN A 1 94  ? 1.057   -11.654 -17.475 1.00 52.87 ? 97   ASN A CG  1 
ATOM   702  O OD1 . ASN A 1 94  ? -0.080  -11.963 -17.826 1.00 56.17 ? 97   ASN A OD1 1 
ATOM   703  N ND2 . ASN A 1 94  ? 1.742   -12.346 -16.567 1.00 54.74 ? 97   ASN A ND2 1 
ATOM   704  N N   . LYS A 1 95  ? 3.331   -7.368  -17.312 1.00 43.20 ? 98   LYS A N   1 
ATOM   705  C CA  . LYS A 1 95  ? 4.339   -6.402  -17.723 1.00 42.04 ? 98   LYS A CA  1 
ATOM   706  C C   . LYS A 1 95  ? 5.020   -5.991  -16.429 1.00 40.19 ? 98   LYS A C   1 
ATOM   707  O O   . LYS A 1 95  ? 4.361   -5.873  -15.396 1.00 35.44 ? 98   LYS A O   1 
ATOM   708  C CB  . LYS A 1 95  ? 3.706   -5.143  -18.331 1.00 43.43 ? 98   LYS A CB  1 
ATOM   709  C CG  . LYS A 1 95  ? 2.881   -5.341  -19.587 1.00 47.25 ? 98   LYS A CG  1 
ATOM   710  C CD  . LYS A 1 95  ? 2.132   -4.053  -19.942 1.00 49.68 ? 98   LYS A CD  1 
ATOM   711  C CE  . LYS A 1 95  ? 2.922   -3.156  -20.887 1.00 53.39 ? 98   LYS A CE  1 
ATOM   712  N NZ  . LYS A 1 95  ? 2.374   -1.766  -20.919 1.00 57.11 ? 98   LYS A NZ  1 
ATOM   713  N N   . GLU A 1 96  ? 6.331   -5.795  -16.473 1.00 39.20 ? 99   GLU A N   1 
ATOM   714  C CA  . GLU A 1 96  ? 7.058   -5.340  -15.296 1.00 38.52 ? 99   GLU A CA  1 
ATOM   715  C C   . GLU A 1 96  ? 6.964   -3.823  -15.402 1.00 37.06 ? 99   GLU A C   1 
ATOM   716  O O   . GLU A 1 96  ? 7.955   -3.140  -15.654 1.00 37.34 ? 99   GLU A O   1 
ATOM   717  C CB  . GLU A 1 96  ? 8.516   -5.801  -15.360 1.00 41.48 ? 99   GLU A CB  1 
ATOM   718  C CG  . GLU A 1 96  ? 8.727   -7.229  -14.879 1.00 46.76 ? 99   GLU A CG  1 
ATOM   719  C CD  . GLU A 1 96  ? 10.021  -7.835  -15.380 1.00 49.72 ? 99   GLU A CD  1 
ATOM   720  O OE1 . GLU A 1 96  ? 11.035  -7.111  -15.451 1.00 51.29 ? 99   GLU A OE1 1 
ATOM   721  O OE2 . GLU A 1 96  ? 10.022  -9.043  -15.694 1.00 54.70 ? 99   GLU A OE2 1 
ATOM   722  N N   . TRP A 1 97  ? 5.755   -3.302  -15.221 1.00 32.85 ? 100  TRP A N   1 
ATOM   723  C CA  . TRP A 1 97  ? 5.522   -1.872  -15.347 1.00 28.47 ? 100  TRP A CA  1 
ATOM   724  C C   . TRP A 1 97  ? 5.965   -1.004  -14.167 1.00 29.89 ? 100  TRP A C   1 
ATOM   725  O O   . TRP A 1 97  ? 5.987   0.219   -14.282 1.00 29.27 ? 100  TRP A O   1 
ATOM   726  C CB  . TRP A 1 97  ? 4.042   -1.604  -15.655 1.00 29.33 ? 100  TRP A CB  1 
ATOM   727  C CG  . TRP A 1 97  ? 3.101   -1.982  -14.555 1.00 27.37 ? 100  TRP A CG  1 
ATOM   728  C CD1 . TRP A 1 97  ? 2.538   -3.201  -14.330 1.00 28.39 ? 100  TRP A CD1 1 
ATOM   729  C CD2 . TRP A 1 97  ? 2.627   -1.116  -13.516 1.00 29.03 ? 100  TRP A CD2 1 
ATOM   730  N NE1 . TRP A 1 97  ? 1.736   -3.155  -13.212 1.00 30.14 ? 100  TRP A NE1 1 
ATOM   731  C CE2 . TRP A 1 97  ? 1.771   -1.897  -12.697 1.00 31.08 ? 100  TRP A CE2 1 
ATOM   732  C CE3 . TRP A 1 97  ? 2.836   0.230   -13.207 1.00 25.87 ? 100  TRP A CE3 1 
ATOM   733  C CZ2 . TRP A 1 97  ? 1.133   -1.349  -11.570 1.00 28.27 ? 100  TRP A CZ2 1 
ATOM   734  C CZ3 . TRP A 1 97  ? 2.199   0.766   -12.088 1.00 27.36 ? 100  TRP A CZ3 1 
ATOM   735  C CH2 . TRP A 1 97  ? 1.357   -0.025  -11.286 1.00 27.97 ? 100  TRP A CH2 1 
ATOM   736  N N   . LEU A 1 98  ? 6.312   -1.622  -13.043 1.00 29.51 ? 101  LEU A N   1 
ATOM   737  C CA  . LEU A 1 98  ? 6.764   -0.863  -11.876 1.00 27.74 ? 101  LEU A CA  1 
ATOM   738  C C   . LEU A 1 98  ? 8.264   -0.607  -11.960 1.00 28.44 ? 101  LEU A C   1 
ATOM   739  O O   . LEU A 1 98  ? 9.053   -1.133  -11.172 1.00 28.90 ? 101  LEU A O   1 
ATOM   740  C CB  . LEU A 1 98  ? 6.421   -1.614  -10.585 1.00 25.34 ? 101  LEU A CB  1 
ATOM   741  C CG  . LEU A 1 98  ? 4.944   -1.568  -10.168 1.00 23.11 ? 101  LEU A CG  1 
ATOM   742  C CD1 . LEU A 1 98  ? 4.657   -2.685  -9.162  1.00 25.55 ? 101  LEU A CD1 1 
ATOM   743  C CD2 . LEU A 1 98  ? 4.615   -0.196  -9.577  1.00 24.62 ? 101  LEU A CD2 1 
ATOM   744  N N   . THR A 1 99  ? 8.644   0.212   -12.935 1.00 26.53 ? 102  THR A N   1 
ATOM   745  C CA  . THR A 1 99  ? 10.034  0.558   -13.171 1.00 27.46 ? 102  THR A CA  1 
ATOM   746  C C   . THR A 1 99  ? 10.445  1.728   -12.291 1.00 28.46 ? 102  THR A C   1 
ATOM   747  O O   . THR A 1 99  ? 9.596   2.470   -11.795 1.00 24.99 ? 102  THR A O   1 
ATOM   748  C CB  . THR A 1 99  ? 10.248  0.966   -14.642 1.00 28.58 ? 102  THR A CB  1 
ATOM   749  O OG1 . THR A 1 99  ? 9.458   2.127   -14.930 1.00 30.00 ? 102  THR A OG1 1 
ATOM   750  C CG2 . THR A 1 99  ? 9.811   -0.158  -15.576 1.00 28.50 ? 102  THR A CG2 1 
ATOM   751  N N   . LYS A 1 100 ? 11.751  1.890   -12.103 1.00 27.27 ? 103  LYS A N   1 
ATOM   752  C CA  . LYS A 1 100 ? 12.252  2.991   -11.295 1.00 27.83 ? 103  LYS A CA  1 
ATOM   753  C C   . LYS A 1 100 ? 11.864  4.304   -11.968 1.00 28.50 ? 103  LYS A C   1 
ATOM   754  O O   . LYS A 1 100 ? 11.575  5.300   -11.298 1.00 27.42 ? 103  LYS A O   1 
ATOM   755  C CB  . LYS A 1 100 ? 13.771  2.873   -11.136 1.00 25.80 ? 103  LYS A CB  1 
ATOM   756  C CG  . LYS A 1 100 ? 14.164  1.632   -10.335 1.00 30.93 ? 103  LYS A CG  1 
ATOM   757  C CD  . LYS A 1 100 ? 15.657  1.493   -10.132 1.00 31.54 ? 103  LYS A CD  1 
ATOM   758  C CE  . LYS A 1 100 ? 15.968  0.251   -9.298  1.00 34.61 ? 103  LYS A CE  1 
ATOM   759  N NZ  . LYS A 1 100 ? 17.419  0.115   -8.989  1.00 29.82 ? 103  LYS A NZ  1 
ATOM   760  N N   . GLU A 1 101 ? 11.839  4.299   -13.300 1.00 28.57 ? 104  GLU A N   1 
ATOM   761  C CA  . GLU A 1 101 ? 11.461  5.496   -14.041 1.00 30.15 ? 104  GLU A CA  1 
ATOM   762  C C   . GLU A 1 101 ? 10.049  5.918   -13.649 1.00 28.63 ? 104  GLU A C   1 
ATOM   763  O O   . GLU A 1 101 ? 9.808   7.071   -13.297 1.00 29.38 ? 104  GLU A O   1 
ATOM   764  C CB  . GLU A 1 101 ? 11.510  5.245   -15.553 1.00 33.87 ? 104  GLU A CB  1 
ATOM   765  C CG  . GLU A 1 101 ? 11.377  6.519   -16.389 1.00 39.29 ? 104  GLU A CG  1 
ATOM   766  C CD  . GLU A 1 101 ? 11.113  6.243   -17.861 1.00 47.33 ? 104  GLU A CD  1 
ATOM   767  O OE1 . GLU A 1 101 ? 11.702  5.287   -18.408 1.00 48.62 ? 104  GLU A OE1 1 
ATOM   768  O OE2 . GLU A 1 101 ? 10.322  6.993   -18.475 1.00 51.85 ? 104  GLU A OE2 1 
ATOM   769  N N   . LEU A 1 102 ? 9.110   4.981   -13.706 1.00 27.08 ? 105  LEU A N   1 
ATOM   770  C CA  . LEU A 1 102 ? 7.730   5.294   -13.358 1.00 28.47 ? 105  LEU A CA  1 
ATOM   771  C C   . LEU A 1 102 ? 7.569   5.635   -11.874 1.00 24.15 ? 105  LEU A C   1 
ATOM   772  O O   . LEU A 1 102 ? 6.847   6.563   -11.521 1.00 25.96 ? 105  LEU A O   1 
ATOM   773  C CB  . LEU A 1 102 ? 6.804   4.125   -13.737 1.00 25.59 ? 105  LEU A CB  1 
ATOM   774  C CG  . LEU A 1 102 ? 5.315   4.321   -13.425 1.00 30.11 ? 105  LEU A CG  1 
ATOM   775  C CD1 . LEU A 1 102 ? 4.456   3.562   -14.427 1.00 31.14 ? 105  LEU A CD1 1 
ATOM   776  C CD2 . LEU A 1 102 ? 5.033   3.850   -12.001 1.00 33.57 ? 105  LEU A CD2 1 
ATOM   777  N N   . LEU A 1 103 ? 8.251   4.894   -11.008 1.00 26.03 ? 106  LEU A N   1 
ATOM   778  C CA  . LEU A 1 103 ? 8.147   5.148   -9.576  1.00 23.32 ? 106  LEU A CA  1 
ATOM   779  C C   . LEU A 1 103 ? 8.710   6.521   -9.212  1.00 22.02 ? 106  LEU A C   1 
ATOM   780  O O   . LEU A 1 103 ? 8.101   7.251   -8.432  1.00 24.30 ? 106  LEU A O   1 
ATOM   781  C CB  . LEU A 1 103 ? 8.856   4.037   -8.790  1.00 25.51 ? 106  LEU A CB  1 
ATOM   782  C CG  . LEU A 1 103 ? 8.138   2.682   -8.836  1.00 25.71 ? 106  LEU A CG  1 
ATOM   783  C CD1 . LEU A 1 103 ? 9.040   1.585   -8.289  1.00 26.33 ? 106  LEU A CD1 1 
ATOM   784  C CD2 . LEU A 1 103 ? 6.837   2.767   -8.032  1.00 29.24 ? 106  LEU A CD2 1 
ATOM   785  N N   . ASP A 1 104 ? 9.852   6.889   -9.792  1.00 24.06 ? 107  ASP A N   1 
ATOM   786  C CA  . ASP A 1 104 ? 10.448  8.191   -9.499  1.00 25.86 ? 107  ASP A CA  1 
ATOM   787  C C   . ASP A 1 104 ? 9.486   9.285   -9.935  1.00 25.93 ? 107  ASP A C   1 
ATOM   788  O O   . ASP A 1 104 ? 9.300   10.295  -9.259  1.00 24.75 ? 107  ASP A O   1 
ATOM   789  C CB  . ASP A 1 104 ? 11.783  8.362   -10.234 1.00 26.54 ? 107  ASP A CB  1 
ATOM   790  C CG  . ASP A 1 104 ? 12.880  7.488   -9.661  1.00 27.79 ? 107  ASP A CG  1 
ATOM   791  O OD1 . ASP A 1 104 ? 12.634  6.834   -8.625  1.00 26.50 ? 107  ASP A OD1 1 
ATOM   792  O OD2 . ASP A 1 104 ? 13.989  7.457   -10.241 1.00 26.59 ? 107  ASP A OD2 1 
ATOM   793  N N   . LYS A 1 105 ? 8.866   9.071   -11.083 1.00 23.46 ? 108  LYS A N   1 
ATOM   794  C CA  . LYS A 1 105 ? 7.925   10.031  -11.609 1.00 26.17 ? 108  LYS A CA  1 
ATOM   795  C C   . LYS A 1 105 ? 6.736   10.174  -10.661 1.00 24.37 ? 108  LYS A C   1 
ATOM   796  O O   . LYS A 1 105 ? 6.247   11.277  -10.429 1.00 24.43 ? 108  LYS A O   1 
ATOM   797  C CB  . LYS A 1 105 ? 7.458   9.583   -12.985 1.00 29.11 ? 108  LYS A CB  1 
ATOM   798  C CG  . LYS A 1 105 ? 6.595   10.595  -13.692 1.00 37.01 ? 108  LYS A CG  1 
ATOM   799  C CD  . LYS A 1 105 ? 6.146   10.044  -15.028 1.00 43.27 ? 108  LYS A CD  1 
ATOM   800  C CE  . LYS A 1 105 ? 5.259   11.032  -15.750 1.00 47.60 ? 108  LYS A CE  1 
ATOM   801  N NZ  . LYS A 1 105 ? 4.026   11.310  -14.971 1.00 50.87 ? 108  LYS A NZ  1 
ATOM   802  N N   . HIS A 1 106 ? 6.278   9.058   -10.105 1.00 24.35 ? 109  HIS A N   1 
ATOM   803  C CA  . HIS A 1 106 ? 5.150   9.098   -9.176  1.00 25.74 ? 109  HIS A CA  1 
ATOM   804  C C   . HIS A 1 106 ? 5.539   9.790   -7.875  1.00 25.81 ? 109  HIS A C   1 
ATOM   805  O O   . HIS A 1 106 ? 4.739   10.517  -7.275  1.00 28.05 ? 109  HIS A O   1 
ATOM   806  C CB  . HIS A 1 106 ? 4.637   7.683   -8.904  1.00 25.39 ? 109  HIS A CB  1 
ATOM   807  C CG  . HIS A 1 106 ? 3.646   7.204   -9.922  1.00 26.83 ? 109  HIS A CG  1 
ATOM   808  N ND1 . HIS A 1 106 ? 2.345   6.881   -9.597  1.00 24.77 ? 109  HIS A ND1 1 
ATOM   809  C CD2 . HIS A 1 106 ? 3.753   7.036   -11.260 1.00 27.02 ? 109  HIS A CD2 1 
ATOM   810  C CE1 . HIS A 1 106 ? 1.694   6.538   -10.694 1.00 28.71 ? 109  HIS A CE1 1 
ATOM   811  N NE2 . HIS A 1 106 ? 2.525   6.623   -11.717 1.00 29.64 ? 109  HIS A NE2 1 
ATOM   812  N N   . ILE A 1 107 ? 6.771   9.570   -7.437  1.00 25.62 ? 110  ILE A N   1 
ATOM   813  C CA  . ILE A 1 107 ? 7.257   10.208  -6.223  1.00 25.14 ? 110  ILE A CA  1 
ATOM   814  C C   . ILE A 1 107 ? 7.339   11.720  -6.445  1.00 28.39 ? 110  ILE A C   1 
ATOM   815  O O   . ILE A 1 107 ? 6.959   12.505  -5.574  1.00 27.35 ? 110  ILE A O   1 
ATOM   816  C CB  . ILE A 1 107 ? 8.647   9.663   -5.834  1.00 25.36 ? 110  ILE A CB  1 
ATOM   817  C CG1 . ILE A 1 107 ? 8.521   8.182   -5.459  1.00 21.97 ? 110  ILE A CG1 1 
ATOM   818  C CG2 . ILE A 1 107 ? 9.227   10.465  -4.671  1.00 25.00 ? 110  ILE A CG2 1 
ATOM   819  C CD1 . ILE A 1 107 ? 9.850   7.468   -5.247  1.00 20.59 ? 110  ILE A CD1 1 
ATOM   820  N N   . LYS A 1 108 ? 7.820   12.130  -7.616  1.00 26.61 ? 111  LYS A N   1 
ATOM   821  C CA  . LYS A 1 108 ? 7.941   13.552  -7.919  1.00 29.79 ? 111  LYS A CA  1 
ATOM   822  C C   . LYS A 1 108 ? 6.577   14.218  -8.076  1.00 31.93 ? 111  LYS A C   1 
ATOM   823  O O   . LYS A 1 108 ? 6.450   15.435  -7.933  1.00 32.96 ? 111  LYS A O   1 
ATOM   824  C CB  . LYS A 1 108 ? 8.787   13.752  -9.183  1.00 32.03 ? 111  LYS A CB  1 
ATOM   825  C CG  . LYS A 1 108 ? 10.255  13.387  -8.996  1.00 34.55 ? 111  LYS A CG  1 
ATOM   826  C CD  . LYS A 1 108 ? 11.063  13.643  -10.261 1.00 36.31 ? 111  LYS A CD  1 
ATOM   827  C CE  . LYS A 1 108 ? 12.534  13.314  -10.050 1.00 36.59 ? 111  LYS A CE  1 
ATOM   828  N NZ  . LYS A 1 108 ? 13.339  13.532  -11.277 1.00 37.12 ? 111  LYS A NZ  1 
ATOM   829  N N   . GLN A 1 109 ? 5.561   13.411  -8.371  1.00 30.65 ? 112  GLN A N   1 
ATOM   830  C CA  . GLN A 1 109 ? 4.194   13.902  -8.528  1.00 32.17 ? 112  GLN A CA  1 
ATOM   831  C C   . GLN A 1 109 ? 3.603   14.313  -7.184  1.00 32.12 ? 112  GLN A C   1 
ATOM   832  O O   . GLN A 1 109 ? 2.580   14.996  -7.131  1.00 32.38 ? 112  GLN A O   1 
ATOM   833  C CB  . GLN A 1 109 ? 3.309   12.818  -9.154  1.00 36.41 ? 112  GLN A CB  1 
ATOM   834  C CG  . GLN A 1 109 ? 3.259   12.846  -10.667 1.00 40.81 ? 112  GLN A CG  1 
ATOM   835  C CD  . GLN A 1 109 ? 2.555   11.637  -11.245 1.00 42.06 ? 112  GLN A CD  1 
ATOM   836  O OE1 . GLN A 1 109 ? 1.740   10.993  -10.577 1.00 43.83 ? 112  GLN A OE1 1 
ATOM   837  N NE2 . GLN A 1 109 ? 2.857   11.325  -12.499 1.00 44.23 ? 112  GLN A NE2 1 
ATOM   838  N N   . LEU A 1 110 ? 4.236   13.885  -6.097  1.00 28.30 ? 113  LEU A N   1 
ATOM   839  C CA  . LEU A 1 110 ? 3.756   14.237  -4.763  1.00 28.88 ? 113  LEU A CA  1 
ATOM   840  C C   . LEU A 1 110 ? 4.128   15.680  -4.430  1.00 29.71 ? 113  LEU A C   1 
ATOM   841  O O   . LEU A 1 110 ? 3.638   16.251  -3.452  1.00 30.48 ? 113  LEU A O   1 
ATOM   842  C CB  . LEU A 1 110 ? 4.354   13.288  -3.716  1.00 27.49 ? 113  LEU A CB  1 
ATOM   843  C CG  . LEU A 1 110 ? 3.965   11.816  -3.899  1.00 28.43 ? 113  LEU A CG  1 
ATOM   844  C CD1 . LEU A 1 110 ? 4.703   10.939  -2.887  1.00 25.56 ? 113  LEU A CD1 1 
ATOM   845  C CD2 . LEU A 1 110 ? 2.455   11.676  -3.746  1.00 26.94 ? 113  LEU A CD2 1 
ATOM   846  N N   . HIS A 1 111 ? 5.003   16.256  -5.250  1.00 31.28 ? 114  HIS A N   1 
ATOM   847  C CA  . HIS A 1 111 ? 5.456   17.635  -5.082  1.00 32.23 ? 114  HIS A CA  1 
ATOM   848  C C   . HIS A 1 111 ? 5.931   17.952  -3.668  1.00 30.26 ? 114  HIS A C   1 
ATOM   849  O O   . HIS A 1 111 ? 5.506   18.933  -3.054  1.00 30.46 ? 114  HIS A O   1 
ATOM   850  C CB  . HIS A 1 111 ? 4.341   18.596  -5.499  1.00 36.31 ? 114  HIS A CB  1 
ATOM   851  C CG  . HIS A 1 111 ? 3.937   18.456  -6.933  1.00 40.10 ? 114  HIS A CG  1 
ATOM   852  N ND1 . HIS A 1 111 ? 2.622   18.360  -7.334  1.00 44.12 ? 114  HIS A ND1 1 
ATOM   853  C CD2 . HIS A 1 111 ? 4.680   18.373  -8.065  1.00 42.41 ? 114  HIS A CD2 1 
ATOM   854  C CE1 . HIS A 1 111 ? 2.571   18.221  -8.647  1.00 42.94 ? 114  HIS A CE1 1 
ATOM   855  N NE2 . HIS A 1 111 ? 3.808   18.226  -9.113  1.00 44.26 ? 114  HIS A NE2 1 
ATOM   856  N N   . LEU A 1 112 ? 6.820   17.107  -3.160  1.00 28.31 ? 115  LEU A N   1 
ATOM   857  C CA  . LEU A 1 112 ? 7.390   17.275  -1.826  1.00 28.51 ? 115  LEU A CA  1 
ATOM   858  C C   . LEU A 1 112 ? 8.593   18.194  -1.979  1.00 30.62 ? 115  LEU A C   1 
ATOM   859  O O   . LEU A 1 112 ? 8.984   18.510  -3.103  1.00 30.73 ? 115  LEU A O   1 
ATOM   860  C CB  . LEU A 1 112 ? 7.868   15.926  -1.291  1.00 27.02 ? 115  LEU A CB  1 
ATOM   861  C CG  . LEU A 1 112 ? 6.863   14.773  -1.265  1.00 28.35 ? 115  LEU A CG  1 
ATOM   862  C CD1 . LEU A 1 112 ? 7.598   13.462  -0.981  1.00 26.68 ? 115  LEU A CD1 1 
ATOM   863  C CD2 . LEU A 1 112 ? 5.800   15.037  -0.211  1.00 28.64 ? 115  LEU A CD2 1 
ATOM   864  N N   . ASP A 1 113 ? 9.187   18.622  -0.869  1.00 30.61 ? 116  ASP A N   1 
ATOM   865  C CA  . ASP A 1 113 ? 10.363  19.474  -0.981  1.00 34.16 ? 116  ASP A CA  1 
ATOM   866  C C   . ASP A 1 113 ? 11.456  18.625  -1.626  1.00 34.63 ? 116  ASP A C   1 
ATOM   867  O O   . ASP A 1 113 ? 11.547  17.417  -1.390  1.00 32.02 ? 116  ASP A O   1 
ATOM   868  C CB  . ASP A 1 113 ? 10.823  19.997  0.388   1.00 38.44 ? 116  ASP A CB  1 
ATOM   869  C CG  . ASP A 1 113 ? 11.443  18.927  1.253   1.00 41.69 ? 116  ASP A CG  1 
ATOM   870  O OD1 . ASP A 1 113 ? 10.690  18.209  1.939   1.00 47.19 ? 116  ASP A OD1 1 
ATOM   871  O OD2 . ASP A 1 113 ? 12.688  18.803  1.244   1.00 45.12 ? 116  ASP A OD2 1 
ATOM   872  N N   . LYS A 1 114 ? 12.273  19.267  -2.449  1.00 34.62 ? 117  LYS A N   1 
ATOM   873  C CA  . LYS A 1 114 ? 13.347  18.604  -3.176  1.00 34.39 ? 117  LYS A CA  1 
ATOM   874  C C   . LYS A 1 114 ? 14.155  17.559  -2.410  1.00 32.90 ? 117  LYS A C   1 
ATOM   875  O O   . LYS A 1 114 ? 14.341  16.436  -2.886  1.00 30.62 ? 117  LYS A O   1 
ATOM   876  C CB  . LYS A 1 114 ? 14.307  19.655  -3.732  1.00 37.56 ? 117  LYS A CB  1 
ATOM   877  C CG  . LYS A 1 114 ? 15.346  19.100  -4.682  1.00 42.24 ? 117  LYS A CG  1 
ATOM   878  C CD  . LYS A 1 114 ? 14.685  18.568  -5.943  1.00 47.05 ? 117  LYS A CD  1 
ATOM   879  C CE  . LYS A 1 114 ? 15.695  18.412  -7.067  1.00 47.67 ? 117  LYS A CE  1 
ATOM   880  N NZ  . LYS A 1 114 ? 15.029  18.208  -8.383  1.00 49.30 ? 117  LYS A NZ  1 
ATOM   881  N N   . GLU A 1 115 ? 14.649  17.919  -1.233  1.00 30.35 ? 118  GLU A N   1 
ATOM   882  C CA  . GLU A 1 115 ? 15.459  16.980  -0.474  1.00 30.84 ? 118  GLU A CA  1 
ATOM   883  C C   . GLU A 1 115 ? 14.682  15.768  0.042   1.00 32.24 ? 118  GLU A C   1 
ATOM   884  O O   . GLU A 1 115 ? 15.221  14.670  0.098   1.00 31.01 ? 118  GLU A O   1 
ATOM   885  C CB  . GLU A 1 115 ? 16.172  17.696  0.678   1.00 31.66 ? 118  GLU A CB  1 
ATOM   886  C CG  . GLU A 1 115 ? 17.207  18.751  0.242   1.00 30.78 ? 118  GLU A CG  1 
ATOM   887  C CD  . GLU A 1 115 ? 18.347  18.190  -0.613  1.00 33.47 ? 118  GLU A CD  1 
ATOM   888  O OE1 . GLU A 1 115 ? 18.675  16.993  -0.479  1.00 28.83 ? 118  GLU A OE1 1 
ATOM   889  O OE2 . GLU A 1 115 ? 18.933  18.959  -1.410  1.00 27.71 ? 118  GLU A OE2 1 
ATOM   890  N N   . THR A 1 116 ? 13.420  15.951  0.419   1.00 32.70 ? 119  THR A N   1 
ATOM   891  C CA  . THR A 1 116 ? 12.630  14.815  0.894   1.00 30.27 ? 119  THR A CA  1 
ATOM   892  C C   . THR A 1 116 ? 12.424  13.862  -0.279  1.00 27.75 ? 119  THR A C   1 
ATOM   893  O O   . THR A 1 116 ? 12.498  12.645  -0.141  1.00 25.50 ? 119  THR A O   1 
ATOM   894  C CB  . THR A 1 116 ? 11.263  15.269  1.426   1.00 31.98 ? 119  THR A CB  1 
ATOM   895  O OG1 . THR A 1 116 ? 11.463  16.126  2.557   1.00 32.03 ? 119  THR A OG1 1 
ATOM   896  C CG2 . THR A 1 116 ? 10.419  14.061  1.846   1.00 31.18 ? 119  THR A CG2 1 
ATOM   897  N N   . GLU A 1 117 ? 12.171  14.442  -1.443  1.00 26.95 ? 120  GLU A N   1 
ATOM   898  C CA  . GLU A 1 117 ? 11.977  13.676  -2.663  1.00 25.93 ? 120  GLU A CA  1 
ATOM   899  C C   . GLU A 1 117 ? 13.229  12.849  -2.990  1.00 25.55 ? 120  GLU A C   1 
ATOM   900  O O   . GLU A 1 117 ? 13.134  11.673  -3.329  1.00 25.22 ? 120  GLU A O   1 
ATOM   901  C CB  . GLU A 1 117 ? 11.674  14.649  -3.795  1.00 27.53 ? 120  GLU A CB  1 
ATOM   902  C CG  . GLU A 1 117 ? 11.659  14.066  -5.179  1.00 29.47 ? 120  GLU A CG  1 
ATOM   903  C CD  . GLU A 1 117 ? 11.348  15.131  -6.197  1.00 32.56 ? 120  GLU A CD  1 
ATOM   904  O OE1 . GLU A 1 117 ? 10.225  15.680  -6.146  1.00 31.25 ? 120  GLU A OE1 1 
ATOM   905  O OE2 . GLU A 1 117 ? 12.225  15.432  -7.035  1.00 34.48 ? 120  GLU A OE2 1 
ATOM   906  N N   . ASN A 1 118 ? 14.401  13.467  -2.898  1.00 27.08 ? 121  ASN A N   1 
ATOM   907  C CA  . ASN A 1 118 ? 15.647  12.760  -3.191  1.00 26.32 ? 121  ASN A CA  1 
ATOM   908  C C   . ASN A 1 118 ? 15.910  11.663  -2.167  1.00 25.18 ? 121  ASN A C   1 
ATOM   909  O O   . ASN A 1 118 ? 16.417  10.595  -2.508  1.00 23.34 ? 121  ASN A O   1 
ATOM   910  C CB  . ASN A 1 118 ? 16.831  13.731  -3.211  1.00 27.20 ? 121  ASN A CB  1 
ATOM   911  C CG  . ASN A 1 118 ? 16.757  14.709  -4.359  1.00 29.22 ? 121  ASN A CG  1 
ATOM   912  O OD1 . ASN A 1 118 ? 16.080  14.457  -5.357  1.00 29.27 ? 121  ASN A OD1 1 
ATOM   913  N ND2 . ASN A 1 118 ? 17.468  15.827  -4.236  1.00 28.90 ? 121  ASN A ND2 1 
ATOM   914  N N   . LYS A 1 119 ? 15.560  11.937  -0.917  1.00 24.61 ? 122  LYS A N   1 
ATOM   915  C CA  . LYS A 1 119 ? 15.757  10.983  0.172   1.00 25.30 ? 122  LYS A CA  1 
ATOM   916  C C   . LYS A 1 119 ? 14.951  9.709   -0.080  1.00 22.96 ? 122  LYS A C   1 
ATOM   917  O O   . LYS A 1 119 ? 15.454  8.595   0.076   1.00 24.09 ? 122  LYS A O   1 
ATOM   918  C CB  . LYS A 1 119 ? 15.336  11.633  1.495   1.00 26.40 ? 122  LYS A CB  1 
ATOM   919  C CG  . LYS A 1 119 ? 15.525  10.765  2.730   1.00 30.43 ? 122  LYS A CG  1 
ATOM   920  C CD  . LYS A 1 119 ? 15.288  11.572  4.010   1.00 33.12 ? 122  LYS A CD  1 
ATOM   921  C CE  . LYS A 1 119 ? 13.886  12.167  4.064   1.00 36.96 ? 122  LYS A CE  1 
ATOM   922  N NZ  . LYS A 1 119 ? 13.683  13.009  5.275   1.00 35.82 ? 122  LYS A NZ  1 
ATOM   923  N N   . ILE A 1 120 ? 13.700  9.888   -0.479  1.00 23.61 ? 123  ILE A N   1 
ATOM   924  C CA  . ILE A 1 120 ? 12.810  8.768   -0.768  1.00 21.66 ? 123  ILE A CA  1 
ATOM   925  C C   . ILE A 1 120 ? 13.345  7.943   -1.938  1.00 23.28 ? 123  ILE A C   1 
ATOM   926  O O   . ILE A 1 120 ? 13.439  6.721   -1.859  1.00 21.83 ? 123  ILE A O   1 
ATOM   927  C CB  . ILE A 1 120 ? 11.399  9.289   -1.108  1.00 23.66 ? 123  ILE A CB  1 
ATOM   928  C CG1 . ILE A 1 120 ? 10.758  9.867   0.157   1.00 22.72 ? 123  ILE A CG1 1 
ATOM   929  C CG2 . ILE A 1 120 ? 10.540  8.167   -1.701  1.00 24.30 ? 123  ILE A CG2 1 
ATOM   930  C CD1 . ILE A 1 120 ? 9.445   10.576  -0.086  1.00 27.37 ? 123  ILE A CD1 1 
ATOM   931  N N   . ILE A 1 121 ? 13.700  8.632   -3.015  1.00 23.26 ? 124  ILE A N   1 
ATOM   932  C CA  . ILE A 1 121 ? 14.220  7.993   -4.215  1.00 21.57 ? 124  ILE A CA  1 
ATOM   933  C C   . ILE A 1 121 ? 15.480  7.176   -3.946  1.00 22.57 ? 124  ILE A C   1 
ATOM   934  O O   . ILE A 1 121 ? 15.610  6.049   -4.418  1.00 22.22 ? 124  ILE A O   1 
ATOM   935  C CB  . ILE A 1 121 ? 14.487  9.063   -5.308  1.00 22.89 ? 124  ILE A CB  1 
ATOM   936  C CG1 . ILE A 1 121 ? 13.148  9.625   -5.800  1.00 25.36 ? 124  ILE A CG1 1 
ATOM   937  C CG2 . ILE A 1 121 ? 15.290  8.470   -6.455  1.00 23.01 ? 124  ILE A CG2 1 
ATOM   938  C CD1 . ILE A 1 121 ? 13.267  10.734  -6.832  1.00 22.45 ? 124  ILE A CD1 1 
ATOM   939  N N   . LYS A 1 122 ? 16.405  7.734   -3.177  1.00 21.93 ? 125  LYS A N   1 
ATOM   940  C CA  . LYS A 1 122 ? 17.635  7.025   -2.879  1.00 22.73 ? 125  LYS A CA  1 
ATOM   941  C C   . LYS A 1 122 ? 17.398  5.848   -1.934  1.00 23.27 ? 125  LYS A C   1 
ATOM   942  O O   . LYS A 1 122 ? 17.971  4.778   -2.108  1.00 23.77 ? 125  LYS A O   1 
ATOM   943  C CB  . LYS A 1 122 ? 18.659  7.996   -2.280  1.00 24.38 ? 125  LYS A CB  1 
ATOM   944  C CG  . LYS A 1 122 ? 20.024  7.390   -1.995  1.00 24.35 ? 125  LYS A CG  1 
ATOM   945  C CD  . LYS A 1 122 ? 20.114  6.839   -0.586  1.00 31.23 ? 125  LYS A CD  1 
ATOM   946  C CE  . LYS A 1 122 ? 21.547  6.474   -0.236  1.00 29.33 ? 125  LYS A CE  1 
ATOM   947  N NZ  . LYS A 1 122 ? 21.690  6.006   1.172   1.00 31.62 ? 125  LYS A NZ  1 
ATOM   948  N N   . ASP A 1 123 ? 16.522  6.034   -0.955  1.00 25.17 ? 126  ASP A N   1 
ATOM   949  C CA  . ASP A 1 123 ? 16.252  4.987   0.017   1.00 24.78 ? 126  ASP A CA  1 
ATOM   950  C C   . ASP A 1 123 ? 15.676  3.697   -0.563  1.00 25.44 ? 126  ASP A C   1 
ATOM   951  O O   . ASP A 1 123 ? 16.115  2.606   -0.194  1.00 25.06 ? 126  ASP A O   1 
ATOM   952  C CB  . ASP A 1 123 ? 15.325  5.522   1.116   1.00 24.87 ? 126  ASP A CB  1 
ATOM   953  C CG  . ASP A 1 123 ? 15.326  4.647   2.364   1.00 28.89 ? 126  ASP A CG  1 
ATOM   954  O OD1 . ASP A 1 123 ? 14.719  3.557   2.346   1.00 27.77 ? 126  ASP A OD1 1 
ATOM   955  O OD2 . ASP A 1 123 ? 15.949  5.056   3.368   1.00 27.21 ? 126  ASP A OD2 1 
ATOM   956  N N   . TYR A 1 124 ? 14.715  3.801   -1.475  1.00 24.39 ? 127  TYR A N   1 
ATOM   957  C CA  . TYR A 1 124 ? 14.113  2.589   -2.016  1.00 23.99 ? 127  TYR A CA  1 
ATOM   958  C C   . TYR A 1 124 ? 15.001  1.851   -3.003  1.00 25.39 ? 127  TYR A C   1 
ATOM   959  O O   . TYR A 1 124 ? 14.766  0.677   -3.289  1.00 25.48 ? 127  TYR A O   1 
ATOM   960  C CB  . TYR A 1 124 ? 12.728  2.897   -2.622  1.00 24.34 ? 127  TYR A CB  1 
ATOM   961  C CG  . TYR A 1 124 ? 12.673  3.226   -4.101  1.00 22.15 ? 127  TYR A CG  1 
ATOM   962  C CD1 . TYR A 1 124 ? 12.637  2.216   -5.066  1.00 21.63 ? 127  TYR A CD1 1 
ATOM   963  C CD2 . TYR A 1 124 ? 12.598  4.549   -4.534  1.00 21.72 ? 127  TYR A CD2 1 
ATOM   964  C CE1 . TYR A 1 124 ? 12.519  2.522   -6.429  1.00 25.80 ? 127  TYR A CE1 1 
ATOM   965  C CE2 . TYR A 1 124 ? 12.482  4.864   -5.890  1.00 23.92 ? 127  TYR A CE2 1 
ATOM   966  C CZ  . TYR A 1 124 ? 12.440  3.850   -6.831  1.00 24.26 ? 127  TYR A CZ  1 
ATOM   967  O OH  . TYR A 1 124 ? 12.311  4.176   -8.174  1.00 24.19 ? 127  TYR A OH  1 
ATOM   968  N N   . LYS A 1 125 ? 16.037  2.529   -3.496  1.00 25.60 ? 128  LYS A N   1 
ATOM   969  C CA  . LYS A 1 125 ? 16.977  1.926   -4.440  1.00 26.02 ? 128  LYS A CA  1 
ATOM   970  C C   . LYS A 1 125 ? 18.225  1.402   -3.737  1.00 27.11 ? 128  LYS A C   1 
ATOM   971  O O   . LYS A 1 125 ? 19.079  0.780   -4.369  1.00 25.10 ? 128  LYS A O   1 
ATOM   972  C CB  . LYS A 1 125 ? 17.414  2.948   -5.495  1.00 25.65 ? 128  LYS A CB  1 
ATOM   973  C CG  . LYS A 1 125 ? 16.287  3.466   -6.377  1.00 23.01 ? 128  LYS A CG  1 
ATOM   974  C CD  . LYS A 1 125 ? 16.783  4.486   -7.386  1.00 23.55 ? 128  LYS A CD  1 
ATOM   975  C CE  . LYS A 1 125 ? 15.613  5.121   -8.124  1.00 19.60 ? 128  LYS A CE  1 
ATOM   976  N NZ  . LYS A 1 125 ? 16.062  6.105   -9.147  1.00 24.05 ? 128  LYS A NZ  1 
ATOM   977  N N   . THR A 1 126 ? 18.334  1.656   -2.436  1.00 27.55 ? 129  THR A N   1 
ATOM   978  C CA  . THR A 1 126 ? 19.506  1.227   -1.676  1.00 28.41 ? 129  THR A CA  1 
ATOM   979  C C   . THR A 1 126 ? 19.315  -0.101  -0.952  1.00 29.90 ? 129  THR A C   1 
ATOM   980  O O   . THR A 1 126 ? 18.489  -0.211  -0.046  1.00 29.81 ? 129  THR A O   1 
ATOM   981  C CB  . THR A 1 126 ? 19.907  2.294   -0.640  1.00 26.03 ? 129  THR A CB  1 
ATOM   982  O OG1 . THR A 1 126 ? 20.135  3.538   -1.311  1.00 28.22 ? 129  THR A OG1 1 
ATOM   983  C CG2 . THR A 1 126 ? 21.178  1.874   0.104   1.00 26.28 ? 129  THR A CG2 1 
ATOM   984  N N   . LYS A 1 127 ? 20.093  -1.103  -1.346  1.00 30.27 ? 130  LYS A N   1 
ATOM   985  C CA  . LYS A 1 127 ? 19.992  -2.414  -0.718  1.00 32.01 ? 130  LYS A CA  1 
ATOM   986  C C   . LYS A 1 127 ? 20.064  -2.338  0.799   1.00 30.87 ? 130  LYS A C   1 
ATOM   987  O O   . LYS A 1 127 ? 20.896  -1.625  1.362   1.00 32.39 ? 130  LYS A O   1 
ATOM   988  C CB  . LYS A 1 127 ? 21.088  -3.355  -1.229  0.50 33.03 ? 130  LYS A CB  1 
ATOM   989  C CG  . LYS A 1 127 ? 21.154  -4.663  -0.449  0.50 37.66 ? 130  LYS A CG  1 
ATOM   990  C CD  . LYS A 1 127 ? 21.463  -5.853  -1.337  0.50 41.55 ? 130  LYS A CD  1 
ATOM   991  C CE  . LYS A 1 127 ? 21.393  -7.149  -0.541  0.50 43.33 ? 130  LYS A CE  1 
ATOM   992  N NZ  . LYS A 1 127 ? 21.549  -8.348  -1.407  0.50 45.80 ? 130  LYS A NZ  1 
ATOM   993  N N   . ASP A 1 128 ? 19.175  -3.085  1.446   1.00 31.90 ? 131  ASP A N   1 
ATOM   994  C CA  . ASP A 1 128 ? 19.086  -3.168  2.898   1.00 33.66 ? 131  ASP A CA  1 
ATOM   995  C C   . ASP A 1 128 ? 18.728  -1.893  3.642   1.00 31.70 ? 131  ASP A C   1 
ATOM   996  O O   . ASP A 1 128 ? 18.960  -1.789  4.847   1.00 29.54 ? 131  ASP A O   1 
ATOM   997  C CB  . ASP A 1 128 ? 20.374  -3.755  3.471   1.00 39.08 ? 131  ASP A CB  1 
ATOM   998  C CG  . ASP A 1 128 ? 20.525  -5.224  3.145   1.00 45.04 ? 131  ASP A CG  1 
ATOM   999  O OD1 . ASP A 1 128 ? 19.587  -5.994  3.446   1.00 48.36 ? 131  ASP A OD1 1 
ATOM   1000 O OD2 . ASP A 1 128 ? 21.574  -5.610  2.587   1.00 50.55 ? 131  ASP A OD2 1 
ATOM   1001 N N   . SER A 1 129 ? 18.156  -0.926  2.931   1.00 28.60 ? 132  SER A N   1 
ATOM   1002 C CA  . SER A 1 129 ? 17.729  0.318   3.557   1.00 26.44 ? 132  SER A CA  1 
ATOM   1003 C C   . SER A 1 129 ? 16.482  -0.037  4.351   1.00 25.62 ? 132  SER A C   1 
ATOM   1004 O O   . SER A 1 129 ? 16.015  -1.171  4.290   1.00 26.67 ? 132  SER A O   1 
ATOM   1005 C CB  . SER A 1 129 ? 17.352  1.349   2.497   1.00 25.64 ? 132  SER A CB  1 
ATOM   1006 O OG  . SER A 1 129 ? 16.208  0.913   1.785   1.00 26.22 ? 132  SER A OG  1 
ATOM   1007 N N   . LYS A 1 130 ? 15.929  0.928   5.078   1.00 26.45 ? 133  LYS A N   1 
ATOM   1008 C CA  . LYS A 1 130 ? 14.725  0.669   5.855   1.00 28.87 ? 133  LYS A CA  1 
ATOM   1009 C C   . LYS A 1 130 ? 13.530  0.314   4.970   1.00 26.93 ? 133  LYS A C   1 
ATOM   1010 O O   . LYS A 1 130 ? 12.737  -0.555  5.326   1.00 26.43 ? 133  LYS A O   1 
ATOM   1011 C CB  . LYS A 1 130 ? 14.381  1.874   6.735   1.00 32.36 ? 133  LYS A CB  1 
ATOM   1012 C CG  . LYS A 1 130 ? 15.287  2.025   7.947   1.00 37.80 ? 133  LYS A CG  1 
ATOM   1013 C CD  . LYS A 1 130 ? 14.885  3.218   8.807   1.00 41.30 ? 133  LYS A CD  1 
ATOM   1014 C CE  . LYS A 1 130 ? 15.161  4.538   8.102   1.00 44.32 ? 133  LYS A CE  1 
ATOM   1015 N NZ  . LYS A 1 130 ? 14.837  5.711   8.967   1.00 49.12 ? 133  LYS A NZ  1 
ATOM   1016 N N   . SER A 1 131 ? 13.389  0.977   3.824   1.00 25.98 ? 134  SER A N   1 
ATOM   1017 C CA  . SER A 1 131 ? 12.268  0.673   2.935   1.00 25.47 ? 134  SER A CA  1 
ATOM   1018 C C   . SER A 1 131 ? 12.521  -0.682  2.286   1.00 23.65 ? 134  SER A C   1 
ATOM   1019 O O   . SER A 1 131 ? 11.590  -1.436  2.003   1.00 23.41 ? 134  SER A O   1 
ATOM   1020 C CB  . SER A 1 131 ? 12.093  1.766   1.860   1.00 26.01 ? 134  SER A CB  1 
ATOM   1021 O OG  . SER A 1 131 ? 13.242  1.915   1.042   1.00 25.51 ? 134  SER A OG  1 
ATOM   1022 N N   . TRP A 1 132 ? 13.790  -1.000  2.065   1.00 24.73 ? 135  TRP A N   1 
ATOM   1023 C CA  . TRP A 1 132 ? 14.143  -2.275  1.460   1.00 26.42 ? 135  TRP A CA  1 
ATOM   1024 C C   . TRP A 1 132 ? 13.758  -3.393  2.424   1.00 25.90 ? 135  TRP A C   1 
ATOM   1025 O O   . TRP A 1 132 ? 13.168  -4.396  2.024   1.00 25.93 ? 135  TRP A O   1 
ATOM   1026 C CB  . TRP A 1 132 ? 15.644  -2.317  1.170   1.00 30.66 ? 135  TRP A CB  1 
ATOM   1027 C CG  . TRP A 1 132 ? 16.077  -3.473  0.326   1.00 30.38 ? 135  TRP A CG  1 
ATOM   1028 C CD1 . TRP A 1 132 ? 16.132  -4.789  0.692   1.00 32.24 ? 135  TRP A CD1 1 
ATOM   1029 C CD2 . TRP A 1 132 ? 16.531  -3.409  -1.033  1.00 30.77 ? 135  TRP A CD2 1 
ATOM   1030 N NE1 . TRP A 1 132 ? 16.608  -5.548  -0.355  1.00 31.53 ? 135  TRP A NE1 1 
ATOM   1031 C CE2 . TRP A 1 132 ? 16.871  -4.731  -1.410  1.00 33.15 ? 135  TRP A CE2 1 
ATOM   1032 C CE3 . TRP A 1 132 ? 16.714  -2.364  -1.945  1.00 32.73 ? 135  TRP A CE3 1 
ATOM   1033 C CZ2 . TRP A 1 132 ? 17.351  -5.030  -2.698  1.00 33.79 ? 135  TRP A CZ2 1 
ATOM   1034 C CZ3 . TRP A 1 132 ? 17.192  -2.666  -3.217  1.00 32.37 ? 135  TRP A CZ3 1 
ATOM   1035 C CH2 . TRP A 1 132 ? 17.520  -3.990  -3.576  1.00 32.13 ? 135  TRP A CH2 1 
ATOM   1036 N N   . LYS A 1 133 ? 14.092  -3.216  3.699   1.00 27.30 ? 136  LYS A N   1 
ATOM   1037 C CA  . LYS A 1 133 ? 13.762  -4.217  4.714   1.00 28.12 ? 136  LYS A CA  1 
ATOM   1038 C C   . LYS A 1 133 ? 12.257  -4.331  4.935   1.00 27.00 ? 136  LYS A C   1 
ATOM   1039 O O   . LYS A 1 133 ? 11.736  -5.431  5.118   1.00 26.46 ? 136  LYS A O   1 
ATOM   1040 C CB  . LYS A 1 133 ? 14.441  -3.877  6.044   1.00 30.07 ? 136  LYS A CB  1 
ATOM   1041 C CG  . LYS A 1 133 ? 15.954  -4.023  6.016   1.00 34.34 ? 136  LYS A CG  1 
ATOM   1042 C CD  . LYS A 1 133 ? 16.577  -3.612  7.341   1.00 36.13 ? 136  LYS A CD  1 
ATOM   1043 C CE  . LYS A 1 133 ? 18.077  -3.856  7.333   1.00 39.30 ? 136  LYS A CE  1 
ATOM   1044 N NZ  . LYS A 1 133 ? 18.387  -5.286  7.059   1.00 40.78 ? 136  LYS A NZ  1 
ATOM   1045 N N   . ALA A 1 134 ? 11.563  -3.196  4.923   1.00 25.64 ? 137  ALA A N   1 
ATOM   1046 C CA  . ALA A 1 134 ? 10.115  -3.193  5.126   1.00 25.70 ? 137  ALA A CA  1 
ATOM   1047 C C   . ALA A 1 134 ? 9.403   -3.956  4.015   1.00 25.49 ? 137  ALA A C   1 
ATOM   1048 O O   . ALA A 1 134 ? 8.447   -4.678  4.275   1.00 24.94 ? 137  ALA A O   1 
ATOM   1049 C CB  . ALA A 1 134 ? 9.588   -1.759  5.199   1.00 23.93 ? 137  ALA A CB  1 
ATOM   1050 N N   . ALA A 1 135 ? 9.864   -3.792  2.778   1.00 25.07 ? 138  ALA A N   1 
ATOM   1051 C CA  . ALA A 1 135 ? 9.245   -4.493  1.654   1.00 24.73 ? 138  ALA A CA  1 
ATOM   1052 C C   . ALA A 1 135 ? 9.405   -6.007  1.818   1.00 25.08 ? 138  ALA A C   1 
ATOM   1053 O O   . ALA A 1 135 ? 8.462   -6.767  1.569   1.00 25.47 ? 138  ALA A O   1 
ATOM   1054 C CB  . ALA A 1 135 ? 9.864   -4.030  0.335   1.00 26.29 ? 138  ALA A CB  1 
ATOM   1055 N N   A GLU A 1 136 ? 10.584  -6.444  2.223   0.50 25.24 ? 139  GLU A N   1 
ATOM   1056 N N   B GLU A 1 136 ? 10.603  -6.452  2.235   0.50 25.61 ? 139  GLU A N   1 
ATOM   1057 C CA  A GLU A 1 136 ? 10.818  -7.868  2.414   0.50 27.40 ? 139  GLU A CA  1 
ATOM   1058 C CA  B GLU A 1 136 ? 10.825  -7.909  2.429   0.50 27.97 ? 139  GLU A CA  1 
ATOM   1059 C C   A GLU A 1 136 ? 9.940   -8.381  3.554   0.50 26.29 ? 139  GLU A C   1 
ATOM   1060 C C   B GLU A 1 136 ? 9.945   -8.391  3.559   0.50 26.64 ? 139  GLU A C   1 
ATOM   1061 O O   A GLU A 1 136 ? 9.307   -9.431  3.441   0.50 26.97 ? 139  GLU A O   1 
ATOM   1062 O O   B GLU A 1 136 ? 9.325   -9.445  3.453   0.50 27.22 ? 139  GLU A O   1 
ATOM   1063 C CB  A GLU A 1 136 ? 12.291  -8.125  2.741   0.50 29.20 ? 139  GLU A CB  1 
ATOM   1064 C CB  B GLU A 1 136 ? 12.291  -8.332  2.780   0.50 30.82 ? 139  GLU A CB  1 
ATOM   1065 C CG  A GLU A 1 136 ? 13.249  -7.900  1.579   0.50 31.80 ? 139  GLU A CG  1 
ATOM   1066 C CG  B GLU A 1 136 ? 12.576  -9.840  2.796   0.50 34.74 ? 139  GLU A CG  1 
ATOM   1067 C CD  A GLU A 1 136 ? 12.954  -8.799  0.394   0.50 34.42 ? 139  GLU A CD  1 
ATOM   1068 C CD  B GLU A 1 136 ? 12.434  -10.481 1.470   0.50 39.50 ? 139  GLU A CD  1 
ATOM   1069 O OE1 A GLU A 1 136 ? 12.759  -10.015 0.603   0.50 38.31 ? 139  GLU A OE1 1 
ATOM   1070 O OE1 B GLU A 1 136 ? 12.321  -9.694  0.483   0.50 42.02 ? 139  GLU A OE1 1 
ATOM   1071 O OE2 A GLU A 1 136 ? 12.922  -8.293  -0.746  0.50 35.01 ? 139  GLU A OE2 1 
ATOM   1072 O OE2 B GLU A 1 136 ? 12.414  -11.757 1.414   0.50 42.89 ? 139  GLU A OE2 1 
ATOM   1073 N N   . LYS A 1 137 ? 9.901   -7.626  4.647   1.00 27.08 ? 140  LYS A N   1 
ATOM   1074 C CA  . LYS A 1 137 ? 9.107   -7.997  5.813   1.00 26.18 ? 140  LYS A CA  1 
ATOM   1075 C C   . LYS A 1 137 ? 7.627   -8.187  5.508   1.00 27.25 ? 140  LYS A C   1 
ATOM   1076 O O   . LYS A 1 137 ? 6.971   -9.038  6.114   1.00 28.15 ? 140  LYS A O   1 
ATOM   1077 C CB  . LYS A 1 137 ? 9.268   -6.951  6.918   1.00 25.83 ? 140  LYS A CB  1 
ATOM   1078 C CG  . LYS A 1 137 ? 8.632   -7.370  8.229   1.00 29.54 ? 140  LYS A CG  1 
ATOM   1079 C CD  . LYS A 1 137 ? 8.822   -6.323  9.313   1.00 35.23 ? 140  LYS A CD  1 
ATOM   1080 C CE  . LYS A 1 137 ? 8.207   -6.786  10.630  1.00 41.19 ? 140  LYS A CE  1 
ATOM   1081 N NZ  . LYS A 1 137 ? 8.248   -5.711  11.661  1.00 43.35 ? 140  LYS A NZ  1 
ATOM   1082 N N   . ASP A 1 138 ? 7.089   -7.394  4.583   1.00 26.52 ? 141  ASP A N   1 
ATOM   1083 C CA  . ASP A 1 138 ? 5.676   -7.529  4.234   1.00 22.74 ? 141  ASP A CA  1 
ATOM   1084 C C   . ASP A 1 138 ? 5.381   -8.951  3.762   1.00 25.40 ? 141  ASP A C   1 
ATOM   1085 O O   . ASP A 1 138 ? 4.337   -9.522  4.085   1.00 23.49 ? 141  ASP A O   1 
ATOM   1086 C CB  . ASP A 1 138 ? 5.286   -6.542  3.129   1.00 24.04 ? 141  ASP A CB  1 
ATOM   1087 C CG  . ASP A 1 138 ? 4.755   -5.224  3.670   1.00 26.09 ? 141  ASP A CG  1 
ATOM   1088 O OD1 . ASP A 1 138 ? 4.739   -5.032  4.908   1.00 24.59 ? 141  ASP A OD1 1 
ATOM   1089 O OD2 . ASP A 1 138 ? 4.353   -4.372  2.846   1.00 25.05 ? 141  ASP A OD2 1 
ATOM   1090 N N   . LYS A 1 139 ? 6.297   -9.520  2.986   1.00 24.40 ? 142  LYS A N   1 
ATOM   1091 C CA  . LYS A 1 139 ? 6.100   -10.874 2.491   1.00 27.87 ? 142  LYS A CA  1 
ATOM   1092 C C   . LYS A 1 139 ? 6.044   -11.861 3.656   1.00 27.31 ? 142  LYS A C   1 
ATOM   1093 O O   . LYS A 1 139 ? 5.252   -12.804 3.642   1.00 30.50 ? 142  LYS A O   1 
ATOM   1094 C CB  . LYS A 1 139 ? 7.223   -11.254 1.519   1.00 28.05 ? 142  LYS A CB  1 
ATOM   1095 C CG  . LYS A 1 139 ? 7.224   -10.419 0.239   1.00 31.39 ? 142  LYS A CG  1 
ATOM   1096 C CD  . LYS A 1 139 ? 8.319   -10.846 -0.739  1.00 36.41 ? 142  LYS A CD  1 
ATOM   1097 C CE  . LYS A 1 139 ? 9.699   -10.507 -0.214  1.00 40.04 ? 142  LYS A CE  1 
ATOM   1098 N NZ  . LYS A 1 139 ? 10.776  -10.846 -1.195  1.00 45.42 ? 142  LYS A NZ  1 
ATOM   1099 N N   . LYS A 1 140 ? 6.871   -11.636 4.669   1.00 27.24 ? 143  LYS A N   1 
ATOM   1100 C CA  . LYS A 1 140 ? 6.893   -12.516 5.835   1.00 27.25 ? 143  LYS A CA  1 
ATOM   1101 C C   . LYS A 1 140 ? 5.600   -12.387 6.641   1.00 27.13 ? 143  LYS A C   1 
ATOM   1102 O O   . LYS A 1 140 ? 5.061   -13.375 7.133   1.00 28.21 ? 143  LYS A O   1 
ATOM   1103 C CB  . LYS A 1 140 ? 8.087   -12.182 6.725   1.00 30.50 ? 143  LYS A CB  1 
ATOM   1104 C CG  . LYS A 1 140 ? 8.209   -13.073 7.952   1.00 36.42 ? 143  LYS A CG  1 
ATOM   1105 C CD  . LYS A 1 140 ? 9.495   -12.787 8.712   1.00 42.96 ? 143  LYS A CD  1 
ATOM   1106 C CE  . LYS A 1 140 ? 9.623   -13.668 9.947   1.00 45.89 ? 143  LYS A CE  1 
ATOM   1107 N NZ  . LYS A 1 140 ? 8.539   -13.405 10.934  1.00 47.17 ? 143  LYS A NZ  1 
ATOM   1108 N N   . ILE A 1 141 ? 5.114   -11.158 6.784   1.00 24.15 ? 144  ILE A N   1 
ATOM   1109 C CA  . ILE A 1 141 ? 3.883   -10.899 7.521   1.00 25.12 ? 144  ILE A CA  1 
ATOM   1110 C C   . ILE A 1 141 ? 2.691   -11.646 6.912   1.00 25.82 ? 144  ILE A C   1 
ATOM   1111 O O   . ILE A 1 141 ? 1.909   -12.278 7.626   1.00 25.91 ? 144  ILE A O   1 
ATOM   1112 C CB  . ILE A 1 141 ? 3.577   -9.379  7.544   1.00 25.17 ? 144  ILE A CB  1 
ATOM   1113 C CG1 . ILE A 1 141 ? 4.636   -8.660  8.386   1.00 25.87 ? 144  ILE A CG1 1 
ATOM   1114 C CG2 . ILE A 1 141 ? 2.172   -9.128  8.090   1.00 27.87 ? 144  ILE A CG2 1 
ATOM   1115 C CD1 . ILE A 1 141 ? 4.557   -7.134  8.329   1.00 25.90 ? 144  ILE A CD1 1 
ATOM   1116 N N   . ALA A 1 142 ? 2.551   -11.562 5.594   1.00 25.74 ? 145  ALA A N   1 
ATOM   1117 C CA  . ALA A 1 142 ? 1.456   -12.231 4.901   1.00 26.01 ? 145  ALA A CA  1 
ATOM   1118 C C   . ALA A 1 142 ? 1.578   -13.742 5.047   1.00 27.20 ? 145  ALA A C   1 
ATOM   1119 O O   . ALA A 1 142 ? 0.585   -14.437 5.232   1.00 26.95 ? 145  ALA A O   1 
ATOM   1120 C CB  . ALA A 1 142 ? 1.459   -11.854 3.425   1.00 23.85 ? 145  ALA A CB  1 
ATOM   1121 N N   . LYS A 1 143 ? 2.802   -14.249 4.953   1.00 27.84 ? 146  LYS A N   1 
ATOM   1122 C CA  . LYS A 1 143 ? 3.021   -15.684 5.081   1.00 31.98 ? 146  LYS A CA  1 
ATOM   1123 C C   . LYS A 1 143 ? 2.667   -16.157 6.491   1.00 30.10 ? 146  LYS A C   1 
ATOM   1124 O O   . LYS A 1 143 ? 1.867   -17.074 6.661   1.00 33.64 ? 146  LYS A O   1 
ATOM   1125 C CB  . LYS A 1 143 ? 4.482   -16.028 4.769   1.00 36.17 ? 146  LYS A CB  1 
ATOM   1126 C CG  . LYS A 1 143 ? 4.788   -17.524 4.806   1.00 42.20 ? 146  LYS A CG  1 
ATOM   1127 C CD  . LYS A 1 143 ? 6.261   -17.792 4.519   1.00 46.86 ? 146  LYS A CD  1 
ATOM   1128 C CE  . LYS A 1 143 ? 6.575   -19.278 4.580   1.00 49.81 ? 146  LYS A CE  1 
ATOM   1129 N NZ  . LYS A 1 143 ? 8.001   -19.551 4.259   1.00 50.90 ? 146  LYS A NZ  1 
ATOM   1130 N N   . ASP A 1 144 ? 3.260   -15.522 7.497   1.00 31.01 ? 147  ASP A N   1 
ATOM   1131 C CA  . ASP A 1 144 ? 3.012   -15.888 8.888   1.00 32.24 ? 147  ASP A CA  1 
ATOM   1132 C C   . ASP A 1 144 ? 1.542   -15.746 9.282   1.00 33.33 ? 147  ASP A C   1 
ATOM   1133 O O   . ASP A 1 144 ? 1.057   -16.474 10.146  1.00 31.84 ? 147  ASP A O   1 
ATOM   1134 C CB  . ASP A 1 144 ? 3.886   -15.044 9.821   1.00 33.60 ? 147  ASP A CB  1 
ATOM   1135 C CG  . ASP A 1 144 ? 5.375   -15.275 9.598   1.00 36.28 ? 147  ASP A CG  1 
ATOM   1136 O OD1 . ASP A 1 144 ? 5.731   -16.208 8.849   1.00 36.54 ? 147  ASP A OD1 1 
ATOM   1137 O OD2 . ASP A 1 144 ? 6.190   -14.528 10.177  1.00 40.46 ? 147  ASP A OD2 1 
ATOM   1138 N N   . ASN A 1 145 ? 0.835   -14.810 8.655   1.00 29.85 ? 148  ASN A N   1 
ATOM   1139 C CA  . ASN A 1 145 ? -0.582  -14.611 8.955   1.00 30.66 ? 148  ASN A CA  1 
ATOM   1140 C C   . ASN A 1 145 ? -1.459  -15.536 8.120   1.00 29.53 ? 148  ASN A C   1 
ATOM   1141 O O   . ASN A 1 145 ? -2.686  -15.432 8.145   1.00 28.73 ? 148  ASN A O   1 
ATOM   1142 C CB  . ASN A 1 145 ? -0.977  -13.149 8.720   1.00 29.81 ? 148  ASN A CB  1 
ATOM   1143 C CG  . ASN A 1 145 ? -0.747  -12.279 9.946   1.00 29.87 ? 148  ASN A CG  1 
ATOM   1144 O OD1 . ASN A 1 145 ? -1.505  -12.340 10.913  1.00 30.18 ? 148  ASN A OD1 1 
ATOM   1145 N ND2 . ASN A 1 145 ? 0.305   -11.467 9.912   1.00 29.33 ? 148  ASN A ND2 1 
ATOM   1146 N N   . HIS A 1 146 ? -0.819  -16.438 7.381   1.00 31.04 ? 149  HIS A N   1 
ATOM   1147 C CA  . HIS A 1 146 ? -1.529  -17.407 6.547   1.00 32.82 ? 149  HIS A CA  1 
ATOM   1148 C C   . HIS A 1 146 ? -2.563  -16.750 5.632   1.00 33.64 ? 149  HIS A C   1 
ATOM   1149 O O   . HIS A 1 146 ? -3.731  -17.137 5.619   1.00 34.53 ? 149  HIS A O   1 
ATOM   1150 C CB  . HIS A 1 146 ? -2.227  -18.444 7.433   1.00 32.25 ? 149  HIS A CB  1 
ATOM   1151 C CG  . HIS A 1 146 ? -1.343  -19.039 8.486   1.00 34.54 ? 149  HIS A CG  1 
ATOM   1152 N ND1 . HIS A 1 146 ? -0.385  -19.993 8.210   1.00 37.10 ? 149  HIS A ND1 1 
ATOM   1153 C CD2 . HIS A 1 146 ? -1.253  -18.792 9.812   1.00 30.61 ? 149  HIS A CD2 1 
ATOM   1154 C CE1 . HIS A 1 146 ? 0.253   -20.306 9.323   1.00 33.47 ? 149  HIS A CE1 1 
ATOM   1155 N NE2 . HIS A 1 146 ? -0.254  -19.592 10.311  1.00 35.20 ? 149  HIS A NE2 1 
ATOM   1156 N N   . ILE A 1 147 ? -2.131  -15.755 4.865   1.00 33.98 ? 150  ILE A N   1 
ATOM   1157 C CA  . ILE A 1 147 ? -3.023  -15.051 3.942   1.00 34.31 ? 150  ILE A CA  1 
ATOM   1158 C C   . ILE A 1 147 ? -3.018  -15.795 2.610   1.00 39.12 ? 150  ILE A C   1 
ATOM   1159 O O   . ILE A 1 147 ? -2.017  -15.789 1.901   1.00 39.64 ? 150  ILE A O   1 
ATOM   1160 C CB  . ILE A 1 147 ? -2.549  -13.595 3.715   1.00 33.31 ? 150  ILE A CB  1 
ATOM   1161 C CG1 . ILE A 1 147 ? -2.515  -12.843 5.050   1.00 32.85 ? 150  ILE A CG1 1 
ATOM   1162 C CG2 . ILE A 1 147 ? -3.449  -12.899 2.713   1.00 32.62 ? 150  ILE A CG2 1 
ATOM   1163 C CD1 . ILE A 1 147 ? -3.797  -12.898 5.833   1.00 27.49 ? 150  ILE A CD1 1 
ATOM   1164 N N   . LYS A 1 148 ? -4.143  -16.414 2.263   1.00 41.32 ? 151  LYS A N   1 
ATOM   1165 C CA  . LYS A 1 148 ? -4.229  -17.205 1.035   1.00 44.57 ? 151  LYS A CA  1 
ATOM   1166 C C   . LYS A 1 148 ? -4.809  -16.542 -0.216  1.00 46.50 ? 151  LYS A C   1 
ATOM   1167 O O   . LYS A 1 148 ? -4.764  -17.124 -1.294  1.00 48.31 ? 151  LYS A O   1 
ATOM   1168 C CB  . LYS A 1 148 ? -5.009  -18.488 1.321   0.50 44.68 ? 151  LYS A CB  1 
ATOM   1169 C CG  . LYS A 1 148 ? -4.321  -19.471 2.267   0.50 46.40 ? 151  LYS A CG  1 
ATOM   1170 C CD  . LYS A 1 148 ? -5.302  -20.541 2.730   0.50 47.69 ? 151  LYS A CD  1 
ATOM   1171 C CE  . LYS A 1 148 ? -4.631  -21.706 3.452   0.50 48.82 ? 151  LYS A CE  1 
ATOM   1172 N NZ  . LYS A 1 148 ? -4.446  -21.503 4.916   0.50 48.75 ? 151  LYS A NZ  1 
ATOM   1173 N N   . THR A 1 149 ? -5.354  -15.340 -0.080  1.00 46.33 ? 152  THR A N   1 
ATOM   1174 C CA  . THR A 1 149 ? -5.913  -14.626 -1.218  1.00 44.96 ? 152  THR A CA  1 
ATOM   1175 C C   . THR A 1 149 ? -5.740  -13.121 -1.017  1.00 43.38 ? 152  THR A C   1 
ATOM   1176 O O   . THR A 1 149 ? -5.583  -12.663 0.101   1.00 42.67 ? 152  THR A O   1 
ATOM   1177 C CB  . THR A 1 149 ? -7.431  -14.913 -1.370  1.00 47.21 ? 152  THR A CB  1 
ATOM   1178 O OG1 . THR A 1 149 ? -8.109  -14.534 -0.168  1.00 51.11 ? 152  THR A OG1 1 
ATOM   1179 C CG2 . THR A 1 149 ? -7.700  -16.383 -1.646  1.00 50.15 ? 152  THR A CG2 1 
ATOM   1180 N N   . THR A 1 150 ? -5.730  -12.369 -2.108  1.00 39.54 ? 153  THR A N   1 
ATOM   1181 C CA  . THR A 1 150 ? -5.654  -10.923 -2.033  1.00 38.03 ? 153  THR A CA  1 
ATOM   1182 C C   . THR A 1 150 ? -6.617  -10.403 -3.075  1.00 34.14 ? 153  THR A C   1 
ATOM   1183 O O   . THR A 1 150 ? -6.823  -11.035 -4.100  1.00 33.35 ? 153  THR A O   1 
ATOM   1184 C CB  . THR A 1 150 ? -4.244  -10.347 -2.345  1.00 41.18 ? 153  THR A CB  1 
ATOM   1185 O OG1 . THR A 1 150 ? -3.961  -10.480 -3.738  1.00 44.57 ? 153  THR A OG1 1 
ATOM   1186 C CG2 . THR A 1 150 ? -3.163  -11.030 -1.535  1.00 44.10 ? 153  THR A CG2 1 
ATOM   1187 N N   . PRO A 1 151 ? -7.256  -9.264  -2.803  1.00 30.70 ? 154  PRO A N   1 
ATOM   1188 C CA  . PRO A 1 151 ? -7.080  -8.500  -1.569  1.00 28.50 ? 154  PRO A CA  1 
ATOM   1189 C C   . PRO A 1 151 ? -7.936  -9.057  -0.430  1.00 29.53 ? 154  PRO A C   1 
ATOM   1190 O O   . PRO A 1 151 ? -8.983  -9.645  -0.664  1.00 27.15 ? 154  PRO A O   1 
ATOM   1191 C CB  . PRO A 1 151 ? -7.544  -7.105  -1.977  1.00 30.72 ? 154  PRO A CB  1 
ATOM   1192 C CG  . PRO A 1 151 ? -8.686  -7.420  -2.902  1.00 31.30 ? 154  PRO A CG  1 
ATOM   1193 C CD  . PRO A 1 151 ? -8.086  -8.519  -3.767  1.00 31.35 ? 154  PRO A CD  1 
ATOM   1194 N N   . THR A 1 152 ? -7.468  -8.890  0.800   1.00 25.17 ? 155  THR A N   1 
ATOM   1195 C CA  . THR A 1 152 ? -8.240  -9.276  1.974   1.00 28.66 ? 155  THR A CA  1 
ATOM   1196 C C   . THR A 1 152 ? -7.942  -8.219  3.020   1.00 27.97 ? 155  THR A C   1 
ATOM   1197 O O   . THR A 1 152 ? -6.834  -7.694  3.077   1.00 26.16 ? 155  THR A O   1 
ATOM   1198 C CB  . THR A 1 152 ? -7.889  -10.682 2.534   1.00 28.37 ? 155  THR A CB  1 
ATOM   1199 O OG1 . THR A 1 152 ? -6.472  -10.818 2.663   1.00 33.87 ? 155  THR A OG1 1 
ATOM   1200 C CG2 . THR A 1 152 ? -8.441  -11.778 1.632   1.00 35.82 ? 155  THR A CG2 1 
ATOM   1201 N N   . ALA A 1 153 ? -8.946  -7.894  3.825   1.00 26.85 ? 156  ALA A N   1 
ATOM   1202 C CA  . ALA A 1 153 ? -8.792  -6.877  4.850   1.00 23.28 ? 156  ALA A CA  1 
ATOM   1203 C C   . ALA A 1 153 ? -9.223  -7.403  6.206   1.00 22.38 ? 156  ALA A C   1 
ATOM   1204 O O   . ALA A 1 153 ? -10.101 -8.257  6.306   1.00 23.47 ? 156  ALA A O   1 
ATOM   1205 C CB  . ALA A 1 153 ? -9.615  -5.653  4.481   1.00 21.58 ? 156  ALA A CB  1 
ATOM   1206 N N   . PHE A 1 154 ? -8.599  -6.878  7.249   1.00 24.19 ? 157  PHE A N   1 
ATOM   1207 C CA  . PHE A 1 154 ? -8.913  -7.282  8.609   1.00 23.59 ? 157  PHE A CA  1 
ATOM   1208 C C   . PHE A 1 154 ? -8.895  -6.056  9.502   1.00 23.34 ? 157  PHE A C   1 
ATOM   1209 O O   . PHE A 1 154 ? -8.115  -5.136  9.279   1.00 23.11 ? 157  PHE A O   1 
ATOM   1210 C CB  . PHE A 1 154 ? -7.874  -8.276  9.115   1.00 24.89 ? 157  PHE A CB  1 
ATOM   1211 C CG  . PHE A 1 154 ? -7.830  -9.551  8.338   1.00 25.17 ? 157  PHE A CG  1 
ATOM   1212 C CD1 . PHE A 1 154 ? -8.644  -10.623 8.689   1.00 26.51 ? 157  PHE A CD1 1 
ATOM   1213 C CD2 . PHE A 1 154 ? -6.978  -9.681  7.250   1.00 27.28 ? 157  PHE A CD2 1 
ATOM   1214 C CE1 . PHE A 1 154 ? -8.604  -11.817 7.961   1.00 27.73 ? 157  PHE A CE1 1 
ATOM   1215 C CE2 . PHE A 1 154 ? -6.931  -10.867 6.517   1.00 27.25 ? 157  PHE A CE2 1 
ATOM   1216 C CZ  . PHE A 1 154 ? -7.744  -11.936 6.874   1.00 29.29 ? 157  PHE A CZ  1 
ATOM   1217 N N   . ILE A 1 155 ? -9.776  -6.044  10.497  1.00 21.77 ? 158  ILE A N   1 
ATOM   1218 C CA  . ILE A 1 155 ? -9.838  -4.956  11.463  1.00 22.58 ? 158  ILE A CA  1 
ATOM   1219 C C   . ILE A 1 155 ? -9.682  -5.653  12.811  1.00 23.23 ? 158  ILE A C   1 
ATOM   1220 O O   . ILE A 1 155 ? -10.550 -6.419  13.230  1.00 24.17 ? 158  ILE A O   1 
ATOM   1221 C CB  . ILE A 1 155 ? -11.177 -4.200  11.389  1.00 24.67 ? 158  ILE A CB  1 
ATOM   1222 C CG1 . ILE A 1 155 ? -11.348 -3.619  9.977   1.00 25.65 ? 158  ILE A CG1 1 
ATOM   1223 C CG2 . ILE A 1 155 ? -11.205 -3.088  12.449  1.00 23.11 ? 158  ILE A CG2 1 
ATOM   1224 C CD1 . ILE A 1 155 ? -12.641 -2.852  9.752   1.00 26.76 ? 158  ILE A CD1 1 
ATOM   1225 N N   . ASN A 1 156 ? -8.561  -5.393  13.473  1.00 23.98 ? 159  ASN A N   1 
ATOM   1226 C CA  . ASN A 1 156 ? -8.241  -6.039  14.743  1.00 24.77 ? 159  ASN A CA  1 
ATOM   1227 C C   . ASN A 1 156 ? -8.302  -7.556  14.584  1.00 26.86 ? 159  ASN A C   1 
ATOM   1228 O O   . ASN A 1 156 ? -8.756  -8.279  15.474  1.00 24.53 ? 159  ASN A O   1 
ATOM   1229 C CB  . ASN A 1 156 ? -9.180  -5.575  15.862  1.00 26.46 ? 159  ASN A CB  1 
ATOM   1230 C CG  . ASN A 1 156 ? -8.908  -4.149  16.286  1.00 25.93 ? 159  ASN A CG  1 
ATOM   1231 O OD1 . ASN A 1 156 ? -7.810  -3.624  16.075  1.00 27.95 ? 159  ASN A OD1 1 
ATOM   1232 N ND2 . ASN A 1 156 ? -9.897  -3.514  16.904  1.00 28.57 ? 159  ASN A ND2 1 
ATOM   1233 N N   . GLY A 1 157 ? -7.853  -8.033  13.426  1.00 26.30 ? 160  GLY A N   1 
ATOM   1234 C CA  . GLY A 1 157 ? -7.829  -9.464  13.180  1.00 27.16 ? 160  GLY A CA  1 
ATOM   1235 C C   . GLY A 1 157 ? -9.120  -10.102 12.710  1.00 27.24 ? 160  GLY A C   1 
ATOM   1236 O O   . GLY A 1 157 ? -9.138  -11.298 12.429  1.00 26.06 ? 160  GLY A O   1 
ATOM   1237 N N   . GLU A 1 158 ? -10.197 -9.322  12.635  1.00 27.84 ? 161  GLU A N   1 
ATOM   1238 C CA  . GLU A 1 158 ? -11.487 -9.837  12.178  1.00 27.19 ? 161  GLU A CA  1 
ATOM   1239 C C   . GLU A 1 158 ? -11.593 -9.578  10.683  1.00 27.22 ? 161  GLU A C   1 
ATOM   1240 O O   . GLU A 1 158 ? -11.317 -8.478  10.204  1.00 23.60 ? 161  GLU A O   1 
ATOM   1241 C CB  . GLU A 1 158 ? -12.645 -9.137  12.901  1.00 29.60 ? 161  GLU A CB  1 
ATOM   1242 C CG  . GLU A 1 158 ? -12.704 -9.408  14.391  1.00 34.29 ? 161  GLU A CG  1 
ATOM   1243 C CD  . GLU A 1 158 ? -13.405 -10.711 14.739  1.00 33.48 ? 161  GLU A CD  1 
ATOM   1244 O OE1 . GLU A 1 158 ? -13.689 -11.523 13.829  1.00 34.25 ? 161  GLU A OE1 1 
ATOM   1245 O OE2 . GLU A 1 158 ? -13.670 -10.921 15.936  1.00 38.57 ? 161  GLU A OE2 1 
ATOM   1246 N N   . LYS A 1 159 ? -11.987 -10.602 9.943   1.00 28.42 ? 162  LYS A N   1 
ATOM   1247 C CA  . LYS A 1 159 ? -12.100 -10.476 8.505   1.00 29.65 ? 162  LYS A CA  1 
ATOM   1248 C C   . LYS A 1 159 ? -13.224 -9.540  8.090   1.00 29.13 ? 162  LYS A C   1 
ATOM   1249 O O   . LYS A 1 159 ? -14.321 -9.581  8.645   1.00 27.78 ? 162  LYS A O   1 
ATOM   1250 C CB  . LYS A 1 159 ? -12.325 -11.854 7.880   1.00 35.22 ? 162  LYS A CB  1 
ATOM   1251 C CG  . LYS A 1 159 ? -12.394 -11.842 6.359   1.00 42.45 ? 162  LYS A CG  1 
ATOM   1252 C CD  . LYS A 1 159 ? -12.608 -13.242 5.803   1.00 45.86 ? 162  LYS A CD  1 
ATOM   1253 C CE  . LYS A 1 159 ? -12.785 -13.211 4.294   1.00 51.19 ? 162  LYS A CE  1 
ATOM   1254 N NZ  . LYS A 1 159 ? -13.948 -12.369 3.887   1.00 53.11 ? 162  LYS A NZ  1 
ATOM   1255 N N   . VAL A 1 160 ? -12.944 -8.686  7.114   1.00 25.59 ? 163  VAL A N   1 
ATOM   1256 C CA  . VAL A 1 160 ? -13.960 -7.782  6.605   1.00 27.60 ? 163  VAL A CA  1 
ATOM   1257 C C   . VAL A 1 160 ? -14.789 -8.619  5.632   1.00 29.91 ? 163  VAL A C   1 
ATOM   1258 O O   . VAL A 1 160 ? -14.260 -9.129  4.645   1.00 32.25 ? 163  VAL A O   1 
ATOM   1259 C CB  . VAL A 1 160 ? -13.327 -6.585  5.874   1.00 25.82 ? 163  VAL A CB  1 
ATOM   1260 C CG1 . VAL A 1 160 ? -14.411 -5.737  5.214   1.00 25.10 ? 163  VAL A CG1 1 
ATOM   1261 C CG2 . VAL A 1 160 ? -12.528 -5.733  6.876   1.00 26.35 ? 163  VAL A CG2 1 
ATOM   1262 N N   . GLU A 1 161 ? -16.075 -8.777  5.937   1.00 31.68 ? 164  GLU A N   1 
ATOM   1263 C CA  . GLU A 1 161 ? -16.998 -9.566  5.115   1.00 34.46 ? 164  GLU A CA  1 
ATOM   1264 C C   . GLU A 1 161 ? -16.835 -9.335  3.612   1.00 33.68 ? 164  GLU A C   1 
ATOM   1265 O O   . GLU A 1 161 ? -16.654 -10.285 2.844   1.00 32.35 ? 164  GLU A O   1 
ATOM   1266 C CB  . GLU A 1 161 ? -18.444 -9.275  5.543   1.00 39.94 ? 164  GLU A CB  1 
ATOM   1267 C CG  . GLU A 1 161 ? -18.957 -10.193 6.651   1.00 45.71 ? 164  GLU A CG  1 
ATOM   1268 C CD  . GLU A 1 161 ? -20.057 -9.568  7.500   1.00 50.20 ? 164  GLU A CD  1 
ATOM   1269 O OE1 . GLU A 1 161 ? -20.851 -8.758  6.977   1.00 52.85 ? 164  GLU A OE1 1 
ATOM   1270 O OE2 . GLU A 1 161 ? -20.136 -9.902  8.701   1.00 51.99 ? 164  GLU A OE2 1 
ATOM   1271 N N   . ASP A 1 162 ? -16.923 -8.074  3.200   1.00 29.99 ? 165  ASP A N   1 
ATOM   1272 C CA  . ASP A 1 162 ? -16.762 -7.699  1.798   1.00 29.26 ? 165  ASP A CA  1 
ATOM   1273 C C   . ASP A 1 162 ? -15.735 -6.569  1.749   1.00 26.39 ? 165  ASP A C   1 
ATOM   1274 O O   . ASP A 1 162 ? -16.070 -5.406  1.966   1.00 25.76 ? 165  ASP A O   1 
ATOM   1275 C CB  . ASP A 1 162 ? -18.092 -7.214  1.210   1.00 28.40 ? 165  ASP A CB  1 
ATOM   1276 C CG  . ASP A 1 162 ? -17.977 -6.845  -0.256  1.00 31.48 ? 165  ASP A CG  1 
ATOM   1277 O OD1 . ASP A 1 162 ? -16.862 -6.948  -0.811  1.00 29.45 ? 165  ASP A OD1 1 
ATOM   1278 O OD2 . ASP A 1 162 ? -19.000 -6.450  -0.856  1.00 30.04 ? 165  ASP A OD2 1 
ATOM   1279 N N   . PRO A 1 163 ? -14.469 -6.903  1.456   1.00 26.06 ? 166  PRO A N   1 
ATOM   1280 C CA  . PRO A 1 163 ? -13.378 -5.924  1.384   1.00 26.85 ? 166  PRO A CA  1 
ATOM   1281 C C   . PRO A 1 163 ? -13.514 -4.859  0.304   1.00 27.43 ? 166  PRO A C   1 
ATOM   1282 O O   . PRO A 1 163 ? -12.732 -3.910  0.265   1.00 28.93 ? 166  PRO A O   1 
ATOM   1283 C CB  . PRO A 1 163 ? -12.142 -6.800  1.187   1.00 23.72 ? 166  PRO A CB  1 
ATOM   1284 C CG  . PRO A 1 163 ? -12.683 -7.951  0.386   1.00 26.66 ? 166  PRO A CG  1 
ATOM   1285 C CD  . PRO A 1 163 ? -13.995 -8.248  1.082   1.00 25.05 ? 166  PRO A CD  1 
ATOM   1286 N N   . TYR A 1 164 ? -14.507 -5.011  -0.569  1.00 25.32 ? 167  TYR A N   1 
ATOM   1287 C CA  . TYR A 1 164 ? -14.719 -4.049  -1.644  1.00 25.59 ? 167  TYR A CA  1 
ATOM   1288 C C   . TYR A 1 164 ? -15.804 -3.044  -1.285  1.00 27.09 ? 167  TYR A C   1 
ATOM   1289 O O   . TYR A 1 164 ? -16.033 -2.083  -2.022  1.00 27.43 ? 167  TYR A O   1 
ATOM   1290 C CB  . TYR A 1 164 ? -15.125 -4.778  -2.930  1.00 28.14 ? 167  TYR A CB  1 
ATOM   1291 C CG  . TYR A 1 164 ? -14.100 -5.772  -3.426  1.00 25.23 ? 167  TYR A CG  1 
ATOM   1292 C CD1 . TYR A 1 164 ? -12.962 -5.350  -4.114  1.00 27.20 ? 167  TYR A CD1 1 
ATOM   1293 C CD2 . TYR A 1 164 ? -14.261 -7.134  -3.193  1.00 26.37 ? 167  TYR A CD2 1 
ATOM   1294 C CE1 . TYR A 1 164 ? -12.010 -6.263  -4.558  1.00 28.05 ? 167  TYR A CE1 1 
ATOM   1295 C CE2 . TYR A 1 164 ? -13.315 -8.055  -3.630  1.00 30.71 ? 167  TYR A CE2 1 
ATOM   1296 C CZ  . TYR A 1 164 ? -12.192 -7.613  -4.312  1.00 27.11 ? 167  TYR A CZ  1 
ATOM   1297 O OH  . TYR A 1 164 ? -11.250 -8.526  -4.736  1.00 29.35 ? 167  TYR A OH  1 
ATOM   1298 N N   . ASP A 1 165 ? -16.454 -3.258  -0.146  1.00 25.85 ? 168  ASP A N   1 
ATOM   1299 C CA  . ASP A 1 165 ? -17.544 -2.386  0.286   1.00 29.57 ? 168  ASP A CA  1 
ATOM   1300 C C   . ASP A 1 165 ? -17.246 -1.599  1.560   1.00 26.31 ? 168  ASP A C   1 
ATOM   1301 O O   . ASP A 1 165 ? -17.105 -2.169  2.636   1.00 26.11 ? 168  ASP A O   1 
ATOM   1302 C CB  . ASP A 1 165 ? -18.810 -3.232  0.469   1.00 31.91 ? 168  ASP A CB  1 
ATOM   1303 C CG  . ASP A 1 165 ? -19.974 -2.445  1.042   1.00 38.20 ? 168  ASP A CG  1 
ATOM   1304 O OD1 . ASP A 1 165 ? -19.988 -1.204  0.918   1.00 39.19 ? 168  ASP A OD1 1 
ATOM   1305 O OD2 . ASP A 1 165 ? -20.890 -3.083  1.604   1.00 38.11 ? 168  ASP A OD2 1 
ATOM   1306 N N   . TYR A 1 166 ? -17.165 -0.281  1.427   1.00 30.13 ? 169  TYR A N   1 
ATOM   1307 C CA  . TYR A 1 166 ? -16.887 0.579   2.570   1.00 31.22 ? 169  TYR A CA  1 
ATOM   1308 C C   . TYR A 1 166 ? -17.774 0.238   3.765   1.00 31.04 ? 169  TYR A C   1 
ATOM   1309 O O   . TYR A 1 166 ? -17.301 0.201   4.899   1.00 31.16 ? 169  TYR A O   1 
ATOM   1310 C CB  . TYR A 1 166 ? -17.078 2.048   2.189   1.00 32.76 ? 169  TYR A CB  1 
ATOM   1311 C CG  . TYR A 1 166 ? -17.057 2.984   3.373   1.00 35.09 ? 169  TYR A CG  1 
ATOM   1312 C CD1 . TYR A 1 166 ? -15.906 3.134   4.149   1.00 36.33 ? 169  TYR A CD1 1 
ATOM   1313 C CD2 . TYR A 1 166 ? -18.193 3.708   3.733   1.00 37.87 ? 169  TYR A CD2 1 
ATOM   1314 C CE1 . TYR A 1 166 ? -15.891 3.983   5.259   1.00 38.60 ? 169  TYR A CE1 1 
ATOM   1315 C CE2 . TYR A 1 166 ? -18.190 4.557   4.837   1.00 39.47 ? 169  TYR A CE2 1 
ATOM   1316 C CZ  . TYR A 1 166 ? -17.036 4.690   5.595   1.00 39.83 ? 169  TYR A CZ  1 
ATOM   1317 O OH  . TYR A 1 166 ? -17.027 5.526   6.688   1.00 42.80 ? 169  TYR A OH  1 
ATOM   1318 N N   . GLU A 1 167 ? -19.057 -0.014  3.512   1.00 32.04 ? 170  GLU A N   1 
ATOM   1319 C CA  . GLU A 1 167 ? -19.991 -0.351  4.587   1.00 32.07 ? 170  GLU A CA  1 
ATOM   1320 C C   . GLU A 1 167 ? -19.570 -1.561  5.401   1.00 30.73 ? 170  GLU A C   1 
ATOM   1321 O O   . GLU A 1 167 ? -19.862 -1.637  6.591   1.00 31.95 ? 170  GLU A O   1 
ATOM   1322 C CB  . GLU A 1 167 ? -21.394 -0.626  4.039   0.70 35.31 ? 170  GLU A CB  1 
ATOM   1323 C CG  . GLU A 1 167 ? -22.294 0.583   3.914   0.70 41.11 ? 170  GLU A CG  1 
ATOM   1324 C CD  . GLU A 1 167 ? -21.987 1.414   2.693   0.70 44.55 ? 170  GLU A CD  1 
ATOM   1325 O OE1 . GLU A 1 167 ? -21.787 0.821   1.612   0.70 50.95 ? 170  GLU A OE1 1 
ATOM   1326 O OE2 . GLU A 1 167 ? -21.959 2.657   2.806   0.70 47.23 ? 170  GLU A OE2 1 
ATOM   1327 N N   . SER A 1 168 ? -18.901 -2.516  4.760   1.00 30.82 ? 171  SER A N   1 
ATOM   1328 C CA  . SER A 1 168 ? -18.466 -3.722  5.456   1.00 28.30 ? 171  SER A CA  1 
ATOM   1329 C C   . SER A 1 168 ? -17.406 -3.382  6.502   1.00 28.45 ? 171  SER A C   1 
ATOM   1330 O O   . SER A 1 168 ? -17.309 -4.042  7.535   1.00 29.47 ? 171  SER A O   1 
ATOM   1331 C CB  . SER A 1 168 ? -17.929 -4.749  4.454   1.00 25.95 ? 171  SER A CB  1 
ATOM   1332 O OG  . SER A 1 168 ? -17.732 -6.005  5.073   1.00 28.92 ? 171  SER A OG  1 
ATOM   1333 N N   . TYR A 1 169 ? -16.614 -2.351  6.235   1.00 26.92 ? 172  TYR A N   1 
ATOM   1334 C CA  . TYR A 1 169 ? -15.598 -1.925  7.194   1.00 28.09 ? 172  TYR A CA  1 
ATOM   1335 C C   . TYR A 1 169 ? -16.316 -1.193  8.329   1.00 28.40 ? 172  TYR A C   1 
ATOM   1336 O O   . TYR A 1 169 ? -16.057 -1.433  9.505   1.00 27.60 ? 172  TYR A O   1 
ATOM   1337 C CB  . TYR A 1 169 ? -14.588 -0.981  6.531   1.00 24.04 ? 172  TYR A CB  1 
ATOM   1338 C CG  . TYR A 1 169 ? -13.718 -1.635  5.478   1.00 23.89 ? 172  TYR A CG  1 
ATOM   1339 C CD1 . TYR A 1 169 ? -12.371 -1.904  5.725   1.00 25.43 ? 172  TYR A CD1 1 
ATOM   1340 C CD2 . TYR A 1 169 ? -14.235 -1.971  4.230   1.00 26.60 ? 172  TYR A CD2 1 
ATOM   1341 C CE1 . TYR A 1 169 ? -11.556 -2.488  4.748   1.00 24.21 ? 172  TYR A CE1 1 
ATOM   1342 C CE2 . TYR A 1 169 ? -13.430 -2.557  3.248   1.00 26.48 ? 172  TYR A CE2 1 
ATOM   1343 C CZ  . TYR A 1 169 ? -12.093 -2.809  3.515   1.00 25.78 ? 172  TYR A CZ  1 
ATOM   1344 O OH  . TYR A 1 169 ? -11.287 -3.364  2.537   1.00 24.13 ? 172  TYR A OH  1 
ATOM   1345 N N   . GLU A 1 170 ? -17.227 -0.301  7.959   1.00 30.51 ? 173  GLU A N   1 
ATOM   1346 C CA  . GLU A 1 170 ? -18.001 0.467   8.932   1.00 36.59 ? 173  GLU A CA  1 
ATOM   1347 C C   . GLU A 1 170 ? -18.690 -0.469  9.927   1.00 36.25 ? 173  GLU A C   1 
ATOM   1348 O O   . GLU A 1 170 ? -18.655 -0.240  11.134  1.00 38.47 ? 173  GLU A O   1 
ATOM   1349 C CB  . GLU A 1 170 ? -19.057 1.307   8.207   1.00 41.62 ? 173  GLU A CB  1 
ATOM   1350 C CG  . GLU A 1 170 ? -19.893 2.202   9.112   1.00 50.99 ? 173  GLU A CG  1 
ATOM   1351 C CD  . GLU A 1 170 ? -19.319 3.599   9.251   1.00 57.26 ? 173  GLU A CD  1 
ATOM   1352 O OE1 . GLU A 1 170 ? -18.987 3.997   10.385  1.00 62.26 ? 173  GLU A OE1 1 
ATOM   1353 O OE2 . GLU A 1 170 ? -19.208 4.304   8.225   1.00 60.87 ? 173  GLU A OE2 1 
ATOM   1354 N N   . LYS A 1 171 ? -19.311 -1.524  9.407   1.00 36.43 ? 174  LYS A N   1 
ATOM   1355 C CA  . LYS A 1 171 ? -20.011 -2.502  10.236  1.00 38.75 ? 174  LYS A CA  1 
ATOM   1356 C C   . LYS A 1 171 ? -19.118 -2.961  11.380  1.00 39.33 ? 174  LYS A C   1 
ATOM   1357 O O   . LYS A 1 171 ? -19.575 -3.129  12.511  1.00 40.76 ? 174  LYS A O   1 
ATOM   1358 C CB  . LYS A 1 171 ? -20.414 -3.715  9.389   1.00 40.81 ? 174  LYS A CB  1 
ATOM   1359 C CG  . LYS A 1 171 ? -21.395 -4.667  10.055  0.50 41.65 ? 174  LYS A CG  1 
ATOM   1360 C CD  . LYS A 1 171 ? -21.584 -5.905  9.192   0.50 42.56 ? 174  LYS A CD  1 
ATOM   1361 C CE  . LYS A 1 171 ? -22.956 -6.523  9.373   0.50 43.49 ? 174  LYS A CE  1 
ATOM   1362 N NZ  . LYS A 1 171 ? -23.219 -7.539  8.315   0.50 44.79 ? 174  LYS A NZ  1 
ATOM   1363 N N   . LEU A 1 172 ? -17.839 -3.164  11.076  1.00 37.71 ? 175  LEU A N   1 
ATOM   1364 C CA  . LEU A 1 172 ? -16.872 -3.605  12.073  1.00 35.54 ? 175  LEU A CA  1 
ATOM   1365 C C   . LEU A 1 172 ? -16.359 -2.489  12.968  1.00 36.71 ? 175  LEU A C   1 
ATOM   1366 O O   . LEU A 1 172 ? -16.016 -2.723  14.128  1.00 38.34 ? 175  LEU A O   1 
ATOM   1367 C CB  . LEU A 1 172 ? -15.675 -4.274  11.391  1.00 37.01 ? 175  LEU A CB  1 
ATOM   1368 C CG  . LEU A 1 172 ? -15.838 -5.742  11.007  1.00 35.78 ? 175  LEU A CG  1 
ATOM   1369 C CD1 . LEU A 1 172 ? -14.538 -6.255  10.405  1.00 34.93 ? 175  LEU A CD1 1 
ATOM   1370 C CD2 . LEU A 1 172 ? -16.206 -6.548  12.248  1.00 33.68 ? 175  LEU A CD2 1 
ATOM   1371 N N   . LEU A 1 173 ? -16.299 -1.277  12.433  1.00 33.90 ? 176  LEU A N   1 
ATOM   1372 C CA  . LEU A 1 173 ? -15.802 -0.152  13.206  1.00 37.13 ? 176  LEU A CA  1 
ATOM   1373 C C   . LEU A 1 173 ? -16.908 0.485   14.040  1.00 42.32 ? 176  LEU A C   1 
ATOM   1374 O O   . LEU A 1 173 ? -16.632 1.325   14.892  1.00 42.65 ? 176  LEU A O   1 
ATOM   1375 C CB  . LEU A 1 173 ? -15.163 0.875   12.268  1.00 33.43 ? 176  LEU A CB  1 
ATOM   1376 C CG  . LEU A 1 173 ? -13.966 0.322   11.483  1.00 31.12 ? 176  LEU A CG  1 
ATOM   1377 C CD1 . LEU A 1 173 ? -13.627 1.253   10.337  1.00 30.34 ? 176  LEU A CD1 1 
ATOM   1378 C CD2 . LEU A 1 173 ? -12.766 0.138   12.405  1.00 30.93 ? 176  LEU A CD2 1 
ATOM   1379 N N   . LYS A 1 174 ? -18.147 0.065   13.781  1.00 48.91 ? 177  LYS A N   1 
ATOM   1380 C CA  . LYS A 1 174 ? -19.350 0.532   14.487  1.00 56.06 ? 177  LYS A CA  1 
ATOM   1381 C C   . LYS A 1 174 ? -20.247 1.410   13.619  1.00 57.86 ? 177  LYS A C   1 
ATOM   1382 O O   . LYS A 1 174 ? -21.291 0.897   13.163  1.00 60.61 ? 177  LYS A O   1 
ATOM   1383 C CB  . LYS A 1 174 ? -18.972 1.297   15.761  1.00 57.91 ? 177  LYS A CB  1 
ATOM   1384 C CG  . LYS A 1 174 ? -20.102 1.494   16.751  1.00 62.02 ? 177  LYS A CG  1 
ATOM   1385 C CD  . LYS A 1 174 ? -20.559 0.172   17.345  1.00 64.88 ? 177  LYS A CD  1 
ATOM   1386 C CE  . LYS A 1 174 ? -21.621 0.402   18.408  1.00 65.20 ? 177  LYS A CE  1 
ATOM   1387 N NZ  . LYS A 1 174 ? -22.107 -0.872  19.007  1.00 68.62 ? 177  LYS A NZ  1 
HETATM 1388 O O   . HOH B 2 .   ? -1.411  9.644   3.847   1.00 24.54 ? 1001 HOH A O   1 
HETATM 1389 O O   . HOH B 2 .   ? -5.792  -2.403  -2.243  1.00 23.15 ? 1002 HOH A O   1 
HETATM 1390 O O   . HOH B 2 .   ? 6.423   -6.136  -0.194  1.00 27.84 ? 1003 HOH A O   1 
HETATM 1391 O O   . HOH B 2 .   ? 1.666   7.271   -7.034  1.00 31.42 ? 1004 HOH A O   1 
HETATM 1392 O O   . HOH B 2 .   ? 4.031   -1.769  -0.709  1.00 25.22 ? 1005 HOH A O   1 
HETATM 1393 O O   . HOH B 2 .   ? 3.572   -4.120  -5.557  1.00 28.35 ? 1006 HOH A O   1 
HETATM 1394 O O   . HOH B 2 .   ? 12.874  -5.494  -0.506  1.00 29.21 ? 1007 HOH A O   1 
HETATM 1395 O O   . HOH B 2 .   ? 4.276   0.430   1.342   1.00 24.17 ? 1008 HOH A O   1 
HETATM 1396 O O   . HOH B 2 .   ? 2.466   -0.190  3.348   1.00 24.03 ? 1009 HOH A O   1 
HETATM 1397 O O   . HOH B 2 .   ? 6.883   -4.484  6.495   1.00 28.55 ? 1010 HOH A O   1 
HETATM 1398 O O   . HOH B 2 .   ? 17.757  14.699  0.781   1.00 28.09 ? 1011 HOH A O   1 
HETATM 1399 O O   . HOH B 2 .   ? -6.310  -6.175  11.703  1.00 24.95 ? 1012 HOH A O   1 
HETATM 1400 O O   . HOH B 2 .   ? 21.261  3.709   -3.825  1.00 29.86 ? 1013 HOH A O   1 
HETATM 1401 O O   . HOH B 2 .   ? -0.422  -5.062  -12.837 1.00 34.64 ? 1014 HOH A O   1 
HETATM 1402 O O   . HOH B 2 .   ? 7.963   14.921  -4.567  1.00 30.62 ? 1015 HOH A O   1 
HETATM 1403 O O   . HOH B 2 .   ? 3.092   -3.164  5.945   1.00 22.72 ? 1016 HOH A O   1 
HETATM 1404 O O   . HOH B 2 .   ? 0.062   3.078   6.628   1.00 25.52 ? 1017 HOH A O   1 
HETATM 1405 O O   . HOH B 2 .   ? 18.059  6.570   3.164   1.00 29.66 ? 1018 HOH A O   1 
HETATM 1406 O O   . HOH B 2 .   ? 17.219  12.273  -6.612  1.00 31.61 ? 1019 HOH A O   1 
HETATM 1407 O O   . HOH B 2 .   ? 1.054   0.624   5.597   1.00 26.85 ? 1020 HOH A O   1 
HETATM 1408 O O   . HOH B 2 .   ? -15.029 4.938   -0.783  1.00 33.17 ? 1021 HOH A O   1 
HETATM 1409 O O   . HOH B 2 .   ? 14.442  15.686  4.133   1.00 41.54 ? 1022 HOH A O   1 
HETATM 1410 O O   . HOH B 2 .   ? -2.546  4.913   9.406   1.00 31.25 ? 1023 HOH A O   1 
HETATM 1411 O O   . HOH B 2 .   ? 2.603   -18.607 10.878  1.00 35.44 ? 1024 HOH A O   1 
HETATM 1412 O O   . HOH B 2 .   ? 5.603   6.729   8.634   1.00 25.38 ? 1025 HOH A O   1 
HETATM 1413 O O   . HOH B 2 .   ? 18.064  10.248  -4.672  1.00 29.51 ? 1026 HOH A O   1 
HETATM 1414 O O   . HOH B 2 .   ? 12.556  -1.174  7.875   1.00 28.85 ? 1027 HOH A O   1 
HETATM 1415 O O   . HOH B 2 .   ? 0.152   7.870   6.512   1.00 32.81 ? 1028 HOH A O   1 
HETATM 1416 O O   . HOH B 2 .   ? 13.267  2.560   -15.219 1.00 39.27 ? 1029 HOH A O   1 
HETATM 1417 O O   . HOH B 2 .   ? -5.621  -5.018  17.128  1.00 31.11 ? 1030 HOH A O   1 
HETATM 1418 O O   . HOH B 2 .   ? 7.835   14.673  4.999   1.00 37.18 ? 1031 HOH A O   1 
HETATM 1419 O O   . HOH B 2 .   ? -17.592 1.066   -1.105  1.00 34.91 ? 1032 HOH A O   1 
HETATM 1420 O O   . HOH B 2 .   ? -1.994  11.211  1.158   1.00 30.84 ? 1033 HOH A O   1 
HETATM 1421 O O   . HOH B 2 .   ? 11.804  22.080  -2.936  1.00 42.36 ? 1034 HOH A O   1 
HETATM 1422 O O   . HOH B 2 .   ? 24.066  4.689   1.399   1.00 36.08 ? 1035 HOH A O   1 
HETATM 1423 O O   . HOH B 2 .   ? 2.321   -16.045 1.556   1.00 50.06 ? 1036 HOH A O   1 
HETATM 1424 O O   . HOH B 2 .   ? 21.593  -0.066  3.450   1.00 38.46 ? 1037 HOH A O   1 
HETATM 1425 O O   . HOH B 2 .   ? 10.495  -11.954 3.360   1.00 36.40 ? 1038 HOH A O   1 
HETATM 1426 O O   . HOH B 2 .   ? -8.691  -3.186  -11.555 1.00 39.02 ? 1039 HOH A O   1 
HETATM 1427 O O   . HOH B 2 .   ? 14.705  10.078  -10.529 1.00 28.95 ? 1040 HOH A O   1 
HETATM 1428 O O   . HOH B 2 .   ? -12.161 -5.163  17.816  1.00 37.93 ? 1041 HOH A O   1 
HETATM 1429 O O   . HOH B 2 .   ? 10.940  12.855  6.195   1.00 46.49 ? 1042 HOH A O   1 
HETATM 1430 O O   . HOH B 2 .   ? 2.095   10.181  -6.939  1.00 32.26 ? 1043 HOH A O   1 
HETATM 1431 O O   . HOH B 2 .   ? 11.239  -2.704  -11.501 1.00 38.01 ? 1044 HOH A O   1 
HETATM 1432 O O   . HOH B 2 .   ? -5.140  -5.218  -1.552  1.00 37.25 ? 1045 HOH A O   1 
HETATM 1433 O O   . HOH B 2 .   ? 14.453  11.761  7.561   1.00 42.29 ? 1046 HOH A O   1 
HETATM 1434 O O   . HOH B 2 .   ? -11.299 11.584  14.873  1.00 43.11 ? 1047 HOH A O   1 
HETATM 1435 O O   . HOH B 2 .   ? 2.096   6.458   -14.467 1.00 38.58 ? 1048 HOH A O   1 
HETATM 1436 O O   . HOH B 2 .   ? 16.878  3.644   5.355   1.00 34.45 ? 1049 HOH A O   1 
HETATM 1437 O O   . HOH B 2 .   ? -10.698 -0.851  -11.751 1.00 40.62 ? 1050 HOH A O   1 
HETATM 1438 O O   . HOH B 2 .   ? -6.853  -9.641  -8.800  1.00 40.81 ? 1051 HOH A O   1 
HETATM 1439 O O   . HOH B 2 .   ? -12.849 -5.775  14.761  1.00 37.12 ? 1052 HOH A O   1 
HETATM 1440 O O   . HOH B 2 .   ? -20.498 -6.897  5.213   1.00 37.64 ? 1053 HOH A O   1 
HETATM 1441 O O   . HOH B 2 .   ? 6.495   13.603  -11.885 1.00 35.43 ? 1054 HOH A O   1 
HETATM 1442 O O   . HOH B 2 .   ? 14.607  6.720   -12.656 1.00 31.31 ? 1055 HOH A O   1 
HETATM 1443 O O   . HOH B 2 .   ? -13.037 -13.040 11.417  1.00 31.92 ? 1056 HOH A O   1 
HETATM 1444 O O   . HOH B 2 .   ? -7.485  3.627   -10.187 1.00 44.99 ? 1057 HOH A O   1 
HETATM 1445 O O   . HOH B 2 .   ? -11.230 13.512  6.718   1.00 49.22 ? 1058 HOH A O   1 
HETATM 1446 O O   . HOH B 2 .   ? -11.618 -9.488  3.536   1.00 29.37 ? 1059 HOH A O   1 
HETATM 1447 O O   . HOH B 2 .   ? 17.330  4.523   -11.083 1.00 35.14 ? 1060 HOH A O   1 
HETATM 1448 O O   . HOH B 2 .   ? 14.711  -1.078  -5.514  1.00 28.05 ? 1061 HOH A O   1 
HETATM 1449 O O   . HOH B 2 .   ? -2.475  -14.436 12.119  1.00 32.58 ? 1062 HOH A O   1 
HETATM 1450 O O   . HOH B 2 .   ? -11.298 10.675  0.408   1.00 40.18 ? 1063 HOH A O   1 
HETATM 1451 O O   . HOH B 2 .   ? -9.599  -1.084  18.744  1.00 36.43 ? 1064 HOH A O   1 
HETATM 1452 O O   . HOH B 2 .   ? -21.044 -6.166  0.826   1.00 43.67 ? 1065 HOH A O   1 
HETATM 1453 O O   . HOH B 2 .   ? 13.050  -7.288  6.473   1.00 46.96 ? 1066 HOH A O   1 
HETATM 1454 O O   . HOH B 2 .   ? -0.206  14.236  -5.603  1.00 35.72 ? 1067 HOH A O   1 
HETATM 1455 O O   . HOH B 2 .   ? -3.654  10.025  7.506   1.00 38.03 ? 1068 HOH A O   1 
HETATM 1456 O O   . HOH B 2 .   ? 4.506   -13.015 -1.177  1.00 36.72 ? 1069 HOH A O   1 
HETATM 1457 O O   . HOH B 2 .   ? -18.155 -4.258  -5.582  1.00 39.29 ? 1070 HOH A O   1 
HETATM 1458 O O   . HOH B 2 .   ? 0.308   -6.234  10.916  1.00 36.29 ? 1071 HOH A O   1 
HETATM 1459 O O   . HOH B 2 .   ? -5.552  6.196   -1.159  1.00 43.97 ? 1072 HOH A O   1 
HETATM 1460 O O   . HOH B 2 .   ? -6.680  4.373   -7.333  1.00 31.88 ? 1073 HOH A O   1 
HETATM 1461 O O   . HOH B 2 .   ? 3.710   15.123  2.819   1.00 36.71 ? 1074 HOH A O   1 
HETATM 1462 O O   . HOH B 2 .   ? 8.663   -8.831  -6.647  1.00 35.47 ? 1075 HOH A O   1 
HETATM 1463 O O   . HOH B 2 .   ? 2.090   15.170  -1.471  1.00 41.37 ? 1076 HOH A O   1 
HETATM 1464 O O   . HOH B 2 .   ? 7.870   17.996  1.771   1.00 37.19 ? 1077 HOH A O   1 
HETATM 1465 O O   . HOH B 2 .   ? -2.116  14.351  0.982   1.00 64.17 ? 1078 HOH A O   1 
HETATM 1466 O O   . HOH B 2 .   ? 5.951   1.394   -16.843 1.00 38.56 ? 1079 HOH A O   1 
HETATM 1467 O O   . HOH B 2 .   ? 18.519  18.176  -6.258  1.00 40.34 ? 1080 HOH A O   1 
HETATM 1468 O O   . HOH B 2 .   ? -16.428 8.584   10.990  1.00 40.52 ? 1081 HOH A O   1 
HETATM 1469 O O   . HOH B 2 .   ? -8.453  5.511   -4.014  1.00 38.96 ? 1082 HOH A O   1 
HETATM 1470 O O   . HOH B 2 .   ? -14.158 1.356   16.268  1.00 42.17 ? 1083 HOH A O   1 
HETATM 1471 O O   . HOH B 2 .   ? 13.642  16.343  -11.100 1.00 57.74 ? 1084 HOH A O   1 
HETATM 1472 O O   . HOH B 2 .   ? -5.565  -3.756  -14.528 1.00 46.28 ? 1085 HOH A O   1 
HETATM 1473 O O   . HOH B 2 .   ? -18.854 -8.063  10.209  1.00 47.48 ? 1086 HOH A O   1 
HETATM 1474 O O   . HOH B 2 .   ? 5.660   -3.979  10.930  1.00 37.93 ? 1087 HOH A O   1 
HETATM 1475 O O   . HOH B 2 .   ? -12.398 -11.560 1.302   1.00 39.77 ? 1088 HOH A O   1 
HETATM 1476 O O   . HOH B 2 .   ? 15.279  -5.538  -7.251  1.00 46.45 ? 1089 HOH A O   1 
HETATM 1477 O O   . HOH B 2 .   ? 4.240   -13.862 1.619   1.00 41.48 ? 1090 HOH A O   1 
HETATM 1478 O O   . HOH B 2 .   ? -8.084  2.130   -15.009 1.00 48.17 ? 1091 HOH A O   1 
HETATM 1479 O O   . HOH B 2 .   ? -3.921  11.358  4.016   1.00 40.79 ? 1092 HOH A O   1 
HETATM 1480 O O   . HOH B 2 .   ? 8.822   3.168   -17.436 1.00 44.11 ? 1093 HOH A O   1 
HETATM 1481 O O   . HOH B 2 .   ? -17.284 -6.931  7.903   1.00 35.92 ? 1094 HOH A O   1 
HETATM 1482 O O   . HOH B 2 .   ? 10.875  9.153   -14.200 1.00 35.40 ? 1095 HOH A O   1 
HETATM 1483 O O   . HOH B 2 .   ? -8.280  9.948   -1.479  1.00 43.03 ? 1096 HOH A O   1 
HETATM 1484 O O   . HOH B 2 .   ? 4.054   13.520  -13.752 1.00 55.57 ? 1097 HOH A O   1 
HETATM 1485 O O   . HOH B 2 .   ? 10.820  16.006  5.299   1.00 51.64 ? 1098 HOH A O   1 
HETATM 1486 O O   . HOH B 2 .   ? -11.758 -11.187 -3.908  1.00 38.49 ? 1099 HOH A O   1 
HETATM 1487 O O   . HOH B 2 .   ? -2.684  14.200  4.288   1.00 55.68 ? 1100 HOH A O   1 
HETATM 1488 O O   . HOH B 2 .   ? -1.812  13.348  10.043  1.00 42.98 ? 1101 HOH A O   1 
HETATM 1489 O O   . HOH B 2 .   ? 0.250   15.611  11.412  1.00 45.43 ? 1102 HOH A O   1 
HETATM 1490 O O   . HOH B 2 .   ? 2.467   12.280  9.934   1.00 36.73 ? 1103 HOH A O   1 
HETATM 1491 O O   . HOH B 2 .   ? 4.255   10.440  11.373  1.00 61.34 ? 1104 HOH A O   1 
HETATM 1492 O O   . HOH B 2 .   ? 1.306   6.772   8.934   1.00 35.97 ? 1105 HOH A O   1 
HETATM 1493 O O   . HOH B 2 .   ? -1.697  5.377   6.409   1.00 34.96 ? 1106 HOH A O   1 
HETATM 1494 O O   . HOH B 2 .   ? 1.587   3.875   8.876   1.00 35.25 ? 1107 HOH A O   1 
HETATM 1495 O O   . HOH B 2 .   ? 3.321   -0.533  7.083   1.00 37.76 ? 1108 HOH A O   1 
HETATM 1496 O O   . HOH B 2 .   ? 6.049   0.112   6.704   1.00 42.61 ? 1109 HOH A O   1 
HETATM 1497 O O   . HOH B 2 .   ? 6.886   -2.389  8.536   1.00 45.55 ? 1110 HOH A O   1 
HETATM 1498 O O   . HOH B 2 .   ? 2.493   -3.278  12.203  1.00 46.85 ? 1111 HOH A O   1 
HETATM 1499 O O   . HOH B 2 .   ? 6.947   -5.958  14.782  1.00 43.87 ? 1112 HOH A O   1 
HETATM 1500 O O   . HOH B 2 .   ? 11.050  -3.758  8.268   1.00 44.07 ? 1113 HOH A O   1 
HETATM 1501 O O   . HOH B 2 .   ? 11.347  -9.635  7.554   1.00 44.31 ? 1114 HOH A O   1 
HETATM 1502 O O   . HOH B 2 .   ? 12.342  -11.988 5.858   1.00 53.63 ? 1115 HOH A O   1 
HETATM 1503 O O   . HOH B 2 .   ? 9.416   -10.675 -4.117  1.00 42.36 ? 1116 HOH A O   1 
HETATM 1504 O O   . HOH B 2 .   ? 11.477  -10.185 -6.701  1.00 55.35 ? 1117 HOH A O   1 
HETATM 1505 O O   . HOH B 2 .   ? -5.338  0.422   -1.027  1.00 48.87 ? 1118 HOH A O   1 
HETATM 1506 O O   . HOH B 2 .   ? -4.891  -8.498  11.109  1.00 28.42 ? 1119 HOH A O   1 
HETATM 1507 O O   . HOH B 2 .   ? 19.536  4.380   1.939   1.00 30.63 ? 1120 HOH A O   1 
HETATM 1508 O O   . HOH B 2 .   ? 20.601  2.715   4.089   1.00 30.13 ? 1121 HOH A O   1 
HETATM 1509 O O   . HOH B 2 .   ? 19.411  2.911   6.846   1.00 50.08 ? 1122 HOH A O   1 
HETATM 1510 O O   . HOH B 2 .   ? 7.499   19.650  -6.828  1.00 54.17 ? 1123 HOH A O   1 
HETATM 1511 O O   . HOH B 2 .   ? 8.870   13.719  -13.680 1.00 47.82 ? 1124 HOH A O   1 
HETATM 1512 O O   . HOH B 2 .   ? 10.955  11.756  -12.950 1.00 50.64 ? 1125 HOH A O   1 
HETATM 1513 O O   . HOH B 2 .   ? 14.703  10.927  -13.206 1.00 48.78 ? 1126 HOH A O   1 
HETATM 1514 O O   . HOH B 2 .   ? 13.694  8.625   -14.563 1.00 46.74 ? 1127 HOH A O   1 
HETATM 1515 O O   . HOH B 2 .   ? 14.269  8.569   -17.459 1.00 64.97 ? 1128 HOH A O   1 
HETATM 1516 O O   . HOH B 2 .   ? 15.438  4.397   -14.443 1.00 43.27 ? 1129 HOH A O   1 
HETATM 1517 O O   . HOH B 2 .   ? 13.868  -0.034  -13.564 1.00 34.89 ? 1130 HOH A O   1 
HETATM 1518 O O   . HOH B 2 .   ? 14.134  -1.920  -11.161 1.00 46.46 ? 1131 HOH A O   1 
HETATM 1519 O O   . HOH B 2 .   ? -1.707  -7.962  10.145  1.00 50.98 ? 1132 HOH A O   1 
HETATM 1520 O O   . HOH B 2 .   ? 5.384   -9.290  -14.833 1.00 49.13 ? 1133 HOH A O   1 
HETATM 1521 O O   . HOH B 2 .   ? 11.980  -14.307 -13.746 1.00 66.77 ? 1134 HOH A O   1 
HETATM 1522 O O   . HOH B 2 .   ? 11.373  -15.800 -10.832 1.00 71.25 ? 1135 HOH A O   1 
HETATM 1523 O O   . HOH B 2 .   ? -7.337  4.890   -13.848 1.00 56.77 ? 1136 HOH A O   1 
HETATM 1524 O O   . HOH B 2 .   ? -8.374  6.642   -8.468  1.00 50.26 ? 1137 HOH A O   1 
HETATM 1525 O O   . HOH B 2 .   ? -8.238  -1.498  -14.328 1.00 50.84 ? 1138 HOH A O   1 
HETATM 1526 O O   . HOH B 2 .   ? -3.181  -7.530  -15.311 1.00 56.36 ? 1139 HOH A O   1 
HETATM 1527 O O   . HOH B 2 .   ? -9.185  13.382  4.553   1.00 44.02 ? 1140 HOH A O   1 
HETATM 1528 O O   . HOH B 2 .   ? 2.122   -14.790 -2.708  1.00 47.25 ? 1141 HOH A O   1 
HETATM 1529 O O   . HOH B 2 .   ? 7.718   2.145   5.123   1.00 51.37 ? 1142 HOH A O   1 
HETATM 1530 O O   . HOH B 2 .   ? 4.535   13.839  5.527   1.00 25.67 ? 1143 HOH A O   1 
HETATM 1531 O O   . HOH B 2 .   ? 12.857  -1.886  -15.725 1.00 53.19 ? 1144 HOH A O   1 
HETATM 1532 O O   . HOH B 2 .   ? 8.661   17.046  -7.985  1.00 42.27 ? 1145 HOH A O   1 
HETATM 1533 O O   . HOH B 2 .   ? -16.559 -12.255 7.836   1.00 48.62 ? 1146 HOH A O   1 
HETATM 1534 O O   . HOH B 2 .   ? -18.398 -1.060  -3.332  1.00 55.79 ? 1147 HOH A O   1 
HETATM 1535 O O   . HOH B 2 .   ? -8.313  7.013   -1.494  1.00 30.71 ? 1148 HOH A O   1 
HETATM 1536 O O   . HOH B 2 .   ? -0.475  3.024   10.751  1.00 45.30 ? 1149 HOH A O   1 
HETATM 1537 O O   . HOH B 2 .   ? 25.175  2.775   -0.594  1.00 43.42 ? 1150 HOH A O   1 
HETATM 1538 O O   . HOH B 2 .   ? 8.650   -14.492 3.601   1.00 48.81 ? 1151 HOH A O   1 
HETATM 1539 O O   . HOH B 2 .   ? -13.438 -1.640  16.689  1.00 57.67 ? 1152 HOH A O   1 
HETATM 1540 O O   . HOH B 2 .   ? 11.758  10.648  8.797   1.00 71.60 ? 1153 HOH A O   1 
HETATM 1541 O O   . HOH B 2 .   ? -0.629  14.863  -2.713  1.00 42.12 ? 1154 HOH A O   1 
HETATM 1542 O O   . HOH B 2 .   ? -4.852  6.530   10.688  1.00 53.01 ? 1155 HOH A O   1 
HETATM 1543 O O   . HOH B 2 .   ? 4.660   14.017  8.672   1.00 50.48 ? 1156 HOH A O   1 
HETATM 1544 O O   . HOH B 2 .   ? 10.787  18.383  -5.213  1.00 43.01 ? 1157 HOH A O   1 
HETATM 1545 O O   . HOH B 2 .   ? -3.159  8.766   10.072  1.00 59.70 ? 1158 HOH A O   1 
HETATM 1546 O O   . HOH B 2 .   ? 3.570   7.914   10.163  1.00 39.16 ? 1159 HOH A O   1 
HETATM 1547 O O   . HOH B 2 .   ? -20.228 2.517   -0.226  1.00 61.10 ? 1160 HOH A O   1 
HETATM 1548 O O   . HOH B 2 .   ? -10.188 12.999  1.813   1.00 44.31 ? 1161 HOH A O   1 
HETATM 1549 O O   . HOH B 2 .   ? -12.606 6.139   -6.397  1.00 47.70 ? 1162 HOH A O   1 
HETATM 1550 O O   . HOH B 2 .   ? -3.476  -0.686  10.887  1.00 46.56 ? 1163 HOH A O   1 
HETATM 1551 O O   . HOH B 2 .   ? -13.617 -0.309  -8.969  1.00 42.79 ? 1164 HOH A O   1 
HETATM 1552 O O   . HOH B 2 .   ? -7.805  13.417  -0.019  1.00 58.91 ? 1165 HOH A O   1 
HETATM 1553 O O   . HOH B 2 .   ? -14.538 12.825  8.282   1.00 48.71 ? 1166 HOH A O   1 
HETATM 1554 O O   . HOH B 2 .   ? -0.478  7.919   11.091  1.00 51.42 ? 1167 HOH A O   1 
HETATM 1555 O O   . HOH B 2 .   ? -1.080  -2.668  -20.118 1.00 56.34 ? 1168 HOH A O   1 
HETATM 1556 O O   . HOH B 2 .   ? 0.398   20.913  -8.151  1.00 55.33 ? 1169 HOH A O   1 
HETATM 1557 O O   . HOH B 2 .   ? 1.943   21.749  -10.771 1.00 54.94 ? 1170 HOH A O   1 
HETATM 1558 O O   . HOH B 2 .   ? 17.285  -8.552  -0.009  1.00 63.63 ? 1171 HOH A O   1 
HETATM 1559 O O   . HOH B 2 .   ? -16.295 -10.181 10.229  1.00 50.76 ? 1172 HOH A O   1 
HETATM 1560 O O   . HOH B 2 .   ? -1.876  -15.504 -0.936  1.00 58.84 ? 1173 HOH A O   1 
HETATM 1561 O O   . HOH B 2 .   ? 3.182   2.448   -17.598 1.00 56.30 ? 1174 HOH A O   1 
HETATM 1562 O O   . HOH B 2 .   ? 2.431   -0.187  10.040  1.00 67.97 ? 1175 HOH A O   1 
HETATM 1563 O O   . HOH B 2 .   ? 2.193   12.795  14.579  1.00 44.00 ? 1176 HOH A O   1 
HETATM 1564 O O   . HOH B 2 .   ? -12.753 14.594  9.923   1.00 45.25 ? 1177 HOH A O   1 
HETATM 1565 O O   . HOH B 2 .   ? -17.350 6.729   13.978  1.00 58.16 ? 1178 HOH A O   1 
HETATM 1566 O O   . HOH B 2 .   ? -16.187 4.221   15.158  1.00 61.56 ? 1179 HOH A O   1 
HETATM 1567 O O   . HOH B 2 .   ? -1.986  7.717   -11.812 1.00 46.55 ? 1180 HOH A O   1 
HETATM 1568 O O   . HOH B 2 .   ? 5.712   -13.005 -17.151 1.00 61.87 ? 1181 HOH A O   1 
HETATM 1569 O O   . HOH B 2 .   ? 3.501   -13.529 -19.726 1.00 61.23 ? 1182 HOH A O   1 
HETATM 1570 O O   . HOH B 2 .   ? 9.528   10.237  -16.566 1.00 51.67 ? 1183 HOH A O   1 
HETATM 1571 O O   . HOH B 2 .   ? 0.190   9.588   -12.172 1.00 50.66 ? 1184 HOH A O   1 
HETATM 1572 O O   . HOH B 2 .   ? -2.870  -13.784 -3.470  1.00 50.60 ? 1185 HOH A O   1 
HETATM 1573 O O   . HOH B 2 .   ? -16.543 -10.846 13.041  1.00 50.80 ? 1186 HOH A O   1 
HETATM 1574 O O   . HOH B 2 .   ? -22.608 -0.691  7.510   1.00 67.55 ? 1187 HOH A O   1 
HETATM 1575 O O   . HOH B 2 .   ? 3.214   -11.390 -13.502 1.00 61.05 ? 1188 HOH A O   1 
HETATM 1576 O O   . HOH B 2 .   ? -11.331 9.704   -5.838  1.00 56.87 ? 1189 HOH A O   1 
HETATM 1577 O O   . HOH B 2 .   ? 2.453   14.041  12.118  1.00 51.34 ? 1190 HOH A O   1 
HETATM 1578 O O   . HOH B 2 .   ? 3.336   -14.064 -12.409 1.00 57.96 ? 1191 HOH A O   1 
HETATM 1579 O O   . HOH B 2 .   ? 14.044  -8.948  -2.969  1.00 66.75 ? 1192 HOH A O   1 
HETATM 1580 O O   . HOH B 2 .   ? -6.798  -2.161  21.634  1.00 61.10 ? 1193 HOH A O   1 
HETATM 1581 O O   . HOH B 2 .   ? -16.140 -5.917  -10.373 1.00 50.61 ? 1194 HOH A O   1 
HETATM 1582 O O   . HOH B 2 .   ? -9.791  7.060   -5.962  1.00 45.99 ? 1195 HOH A O   1 
HETATM 1583 O O   . HOH B 2 .   ? 8.592   10.409  9.048   1.00 46.62 ? 1196 HOH A O   1 
HETATM 1584 O O   . HOH B 2 .   ? 12.455  7.328   8.999   1.00 61.74 ? 1197 HOH A O   1 
HETATM 1585 O O   . HOH B 2 .   ? 7.951   12.699  -16.539 1.00 59.04 ? 1198 HOH A O   1 
HETATM 1586 O O   . HOH B 2 .   ? 1.082   -7.422  -22.523 1.00 62.61 ? 1199 HOH A O   1 
HETATM 1587 O O   . HOH B 2 .   ? -3.692  -11.718 -10.895 1.00 58.85 ? 1200 HOH A O   1 
HETATM 1588 O O   . HOH B 2 .   ? 1.018   22.935  -1.927  1.00 52.86 ? 1201 HOH A O   1 
HETATM 1589 O O   . HOH B 2 .   ? -0.660  21.808  -4.003  1.00 59.54 ? 1202 HOH A O   1 
HETATM 1590 O O   . HOH B 2 .   ? 23.317  2.137   -2.635  1.00 53.19 ? 1203 HOH A O   1 
HETATM 1591 O O   . HOH B 2 .   ? -23.693 -6.278  -0.339  1.00 48.81 ? 1204 HOH A O   1 
HETATM 1592 O O   . HOH B 2 .   ? -21.957 -4.617  4.490   1.00 62.29 ? 1205 HOH A O   1 
HETATM 1593 O O   . HOH B 2 .   ? -1.353  -8.958  -17.947 1.00 53.53 ? 1206 HOH A O   1 
HETATM 1594 O O   . HOH B 2 .   ? 4.200   2.726   9.353   1.00 54.14 ? 1207 HOH A O   1 
HETATM 1595 O O   . HOH B 2 .   ? 7.340   2.331   8.040   1.00 49.33 ? 1208 HOH A O   1 
HETATM 1596 O O   . HOH B 2 .   ? 0.215   16.342  0.335   1.00 57.14 ? 1209 HOH A O   1 
HETATM 1597 O O   . HOH B 2 .   ? 10.433  -3.993  12.141  1.00 59.08 ? 1210 HOH A O   1 
HETATM 1598 O O   . HOH B 2 .   ? 22.935  -0.537  5.942   1.00 57.32 ? 1211 HOH A O   1 
HETATM 1599 O O   . HOH B 2 .   ? -10.770 5.274   17.526  1.00 59.37 ? 1212 HOH A O   1 
HETATM 1600 O O   . HOH B 2 .   ? 17.090  0.633   -13.608 1.00 50.06 ? 1213 HOH A O   1 
HETATM 1601 O O   . HOH B 2 .   ? 23.821  -1.266  0.583   1.00 54.72 ? 1214 HOH A O   1 
HETATM 1602 O O   . HOH B 2 .   ? -11.434 9.921   -9.366  1.00 67.00 ? 1215 HOH A O   1 
HETATM 1603 O O   . HOH B 2 .   ? -7.066  -15.112 3.627   1.00 45.65 ? 1216 HOH A O   1 
HETATM 1604 O O   . HOH B 2 .   ? -3.193  -10.371 10.027  1.00 48.36 ? 1217 HOH A O   1 
HETATM 1605 O O   . HOH B 2 .   ? -4.818  -11.725 -6.399  1.00 58.48 ? 1218 HOH A O   1 
HETATM 1606 O O   . HOH B 2 .   ? -2.804  -14.617 -9.046  1.00 51.32 ? 1219 HOH A O   1 
HETATM 1607 O O   . HOH B 2 .   ? 1.246   18.743  -1.405  1.00 61.72 ? 1220 HOH A O   1 
HETATM 1608 O O   . HOH B 2 .   ? 10.113  20.011  3.844   1.00 61.26 ? 1221 HOH A O   1 
HETATM 1609 O O   . HOH B 2 .   ? -15.001 -11.219 0.062   1.00 61.69 ? 1222 HOH A O   1 
HETATM 1610 O O   . HOH B 2 .   ? -3.802  -10.465 -8.553  1.00 54.98 ? 1223 HOH A O   1 
HETATM 1611 O O   . HOH B 2 .   ? -11.914 7.764   17.674  1.00 55.00 ? 1224 HOH A O   1 
HETATM 1612 O O   . HOH B 2 .   ? -1.673  24.643  -4.207  1.00 58.96 ? 1225 HOH A O   1 
# 
